data_9DN1
#
_entry.id   9DN1
#
_cell.length_a   1.00
_cell.length_b   1.00
_cell.length_c   1.00
_cell.angle_alpha   90.00
_cell.angle_beta   90.00
_cell.angle_gamma   90.00
#
_symmetry.space_group_name_H-M   'P 1'
#
_entity_poly.entity_id   1
_entity_poly.type   'polypeptide(L)'
_entity_poly.pdbx_seq_one_letter_code
;MSYHKENTPLTAGSQAASSSTASYQTPPYAPPSSVNHQQQQQARAAAPSYVGPTPTSTTTYPTIFTPGGFGAPPPSDPEA
EEKYIERQLKYLGPISQVSDAYRLDTTTLKIEFDDSFPEVSKPGPALESVRKLNRILYEGMSDAIHIIFSLFLGFLAAIT
VGFFMGMARFMYTYMAGPFNQLMFLLIASLAPSWRAFFRAGMDPIFESGSLALSNIQVRLGMEGKARHKELKD
;
_entity_poly.pdbx_strand_id   H,I,J,K,L,M,N,O,P,Q,R
#
# COMPACT_ATOMS: atom_id res chain seq x y z
N GLU A 79 -21.48 -18.22 -30.41
CA GLU A 79 -20.40 -18.06 -31.43
C GLU A 79 -19.36 -17.02 -31.02
N ALA A 80 -19.74 -15.75 -31.08
CA ALA A 80 -18.77 -14.67 -30.93
C ALA A 80 -18.09 -14.72 -29.56
N GLU A 81 -18.88 -14.82 -28.49
CA GLU A 81 -18.30 -14.79 -27.15
C GLU A 81 -17.35 -15.97 -26.94
N GLU A 82 -17.66 -17.12 -27.53
CA GLU A 82 -16.79 -18.28 -27.37
C GLU A 82 -15.42 -18.04 -27.99
N LYS A 83 -15.39 -17.51 -29.21
CA LYS A 83 -14.10 -17.20 -29.84
C LYS A 83 -13.37 -16.10 -29.07
N TYR A 84 -14.11 -15.11 -28.56
CA TYR A 84 -13.48 -14.07 -27.76
C TYR A 84 -12.80 -14.67 -26.54
N ILE A 85 -13.49 -15.57 -25.83
CA ILE A 85 -12.92 -16.17 -24.62
C ILE A 85 -11.73 -17.06 -24.98
N GLU A 86 -11.83 -17.77 -26.12
CA GLU A 86 -10.70 -18.58 -26.55
C GLU A 86 -9.48 -17.71 -26.82
N ARG A 87 -9.68 -16.54 -27.40
CA ARG A 87 -8.56 -15.65 -27.66
C ARG A 87 -8.01 -15.05 -26.37
N GLN A 88 -8.87 -14.82 -25.37
CA GLN A 88 -8.39 -14.23 -24.13
C GLN A 88 -7.57 -15.21 -23.30
N LEU A 89 -7.85 -16.50 -23.39
CA LEU A 89 -7.22 -17.49 -22.52
C LEU A 89 -5.85 -17.94 -22.99
N LYS A 90 -5.37 -17.48 -24.15
CA LYS A 90 -4.08 -17.92 -24.65
C LYS A 90 -2.93 -17.27 -23.86
N TYR A 91 -3.04 -15.98 -23.57
CA TYR A 91 -1.97 -15.22 -22.94
C TYR A 91 -2.60 -14.23 -21.98
N LEU A 92 -2.18 -14.26 -20.72
CA LEU A 92 -2.77 -13.47 -19.66
C LEU A 92 -1.86 -12.36 -19.14
N GLY A 93 -0.75 -12.08 -19.81
CA GLY A 93 0.24 -11.16 -19.31
C GLY A 93 0.06 -9.74 -19.80
N PRO A 94 1.03 -8.87 -19.47
CA PRO A 94 0.95 -7.47 -19.89
C PRO A 94 1.01 -7.32 -21.40
N ILE A 95 0.38 -6.25 -21.90
CA ILE A 95 0.28 -6.00 -23.33
C ILE A 95 0.60 -4.57 -23.72
N SER A 96 1.06 -3.73 -22.80
CA SER A 96 1.25 -2.32 -23.11
C SER A 96 2.40 -2.12 -24.09
N GLN A 97 2.38 -0.96 -24.77
CA GLN A 97 3.36 -0.63 -25.80
C GLN A 97 4.09 0.68 -25.51
N VAL A 98 4.15 1.09 -24.24
CA VAL A 98 4.74 2.38 -23.90
C VAL A 98 6.24 2.45 -24.13
N SER A 99 6.90 1.32 -24.37
CA SER A 99 8.35 1.34 -24.55
C SER A 99 8.77 1.84 -25.93
N ASP A 100 7.83 2.12 -26.82
CA ASP A 100 8.12 2.60 -28.17
C ASP A 100 7.43 3.93 -28.36
N ALA A 101 8.20 4.97 -28.68
CA ALA A 101 7.68 6.32 -28.80
C ALA A 101 7.49 6.77 -30.25
N TYR A 102 7.74 5.90 -31.22
CA TYR A 102 7.77 6.28 -32.63
C TYR A 102 6.85 5.38 -33.46
N ARG A 103 5.61 5.21 -33.05
CA ARG A 103 4.68 4.28 -33.67
C ARG A 103 3.48 5.02 -34.25
N LEU A 104 2.86 4.40 -35.26
CA LEU A 104 1.64 4.92 -35.87
C LEU A 104 0.40 4.27 -35.27
N ASP A 105 -0.76 4.84 -35.58
CA ASP A 105 -2.04 4.40 -35.04
C ASP A 105 -2.89 3.64 -36.07
N THR A 106 -2.31 3.24 -37.20
CA THR A 106 -3.11 2.71 -38.29
C THR A 106 -3.81 1.41 -37.92
N THR A 107 -3.24 0.64 -36.98
CA THR A 107 -3.74 -0.71 -36.73
C THR A 107 -5.13 -0.72 -36.10
N THR A 108 -5.59 0.40 -35.55
CA THR A 108 -6.87 0.42 -34.86
C THR A 108 -8.04 0.71 -35.79
N LEU A 109 -7.79 1.22 -36.99
CA LEU A 109 -8.86 1.68 -37.86
C LEU A 109 -9.52 0.51 -38.59
N LYS A 110 -10.78 0.70 -38.95
CA LYS A 110 -11.58 -0.33 -39.63
C LYS A 110 -12.51 0.38 -40.62
N ILE A 111 -12.20 0.26 -41.90
CA ILE A 111 -12.98 0.90 -42.96
C ILE A 111 -13.60 -0.21 -43.78
N GLU A 112 -14.86 -0.52 -43.49
CA GLU A 112 -15.60 -1.55 -44.22
C GLU A 112 -17.08 -1.27 -44.01
N PHE A 113 -17.90 -1.77 -44.94
CA PHE A 113 -19.32 -1.40 -44.93
C PHE A 113 -19.98 -1.80 -43.62
N ASP A 114 -19.70 -3.00 -43.12
CA ASP A 114 -20.31 -3.44 -41.87
C ASP A 114 -19.87 -2.59 -40.69
N ASP A 115 -18.75 -1.89 -40.80
CA ASP A 115 -18.28 -1.01 -39.74
C ASP A 115 -18.58 0.46 -40.00
N SER A 116 -18.62 0.87 -41.27
CA SER A 116 -18.92 2.25 -41.60
C SER A 116 -20.40 2.57 -41.44
N PHE A 117 -21.27 1.58 -41.61
CA PHE A 117 -22.72 1.75 -41.55
C PHE A 117 -23.28 0.77 -40.54
N PRO A 118 -23.10 1.04 -39.25
CA PRO A 118 -23.50 0.06 -38.23
C PRO A 118 -25.01 -0.09 -38.12
N GLU A 119 -25.42 -1.22 -37.56
CA GLU A 119 -26.82 -1.59 -37.41
C GLU A 119 -27.11 -1.84 -35.93
N VAL A 120 -28.26 -1.36 -35.47
CA VAL A 120 -28.57 -1.43 -34.04
C VAL A 120 -29.12 -2.80 -33.65
N SER A 121 -29.75 -3.52 -34.58
CA SER A 121 -30.26 -4.86 -34.30
C SER A 121 -30.28 -5.66 -35.59
N LYS A 122 -30.36 -6.98 -35.43
CA LYS A 122 -30.19 -7.90 -36.54
C LYS A 122 -31.22 -7.63 -37.63
N PRO A 123 -30.80 -7.42 -38.89
CA PRO A 123 -31.77 -7.27 -39.97
C PRO A 123 -32.54 -8.55 -40.24
N GLY A 124 -33.74 -8.38 -40.80
CA GLY A 124 -34.49 -9.49 -41.36
C GLY A 124 -34.20 -9.61 -42.84
N PRO A 125 -34.70 -10.69 -43.47
CA PRO A 125 -34.43 -10.87 -44.91
C PRO A 125 -35.00 -9.77 -45.78
N ALA A 126 -36.01 -9.04 -45.33
CA ALA A 126 -36.55 -7.97 -46.15
C ALA A 126 -35.62 -6.76 -46.19
N LEU A 127 -34.77 -6.60 -45.18
CA LEU A 127 -33.81 -5.50 -45.11
C LEU A 127 -32.43 -5.91 -45.63
N GLU A 128 -32.15 -7.21 -45.63
CA GLU A 128 -30.86 -7.69 -46.13
C GLU A 128 -30.65 -7.34 -47.59
N SER A 129 -31.72 -7.31 -48.39
CA SER A 129 -31.58 -6.95 -49.80
C SER A 129 -31.12 -5.51 -49.96
N VAL A 130 -31.70 -4.60 -49.19
CA VAL A 130 -31.29 -3.19 -49.24
C VAL A 130 -29.84 -3.06 -48.80
N ARG A 131 -29.48 -3.73 -47.71
CA ARG A 131 -28.09 -3.76 -47.30
C ARG A 131 -27.19 -4.25 -48.43
N LYS A 132 -27.64 -5.29 -49.13
CA LYS A 132 -26.81 -5.89 -50.19
C LYS A 132 -26.56 -4.91 -51.32
N LEU A 133 -27.58 -4.17 -51.74
CA LEU A 133 -27.39 -3.19 -52.80
C LEU A 133 -26.44 -2.08 -52.34
N ASN A 134 -26.70 -1.52 -51.16
CA ASN A 134 -25.88 -0.40 -50.68
C ASN A 134 -24.42 -0.81 -50.52
N ARG A 135 -24.17 -2.05 -50.11
CA ARG A 135 -22.79 -2.49 -49.92
C ARG A 135 -21.99 -2.36 -51.20
N ILE A 136 -22.50 -2.92 -52.30
CA ILE A 136 -21.74 -2.90 -53.54
C ILE A 136 -21.57 -1.47 -54.03
N LEU A 137 -22.61 -0.65 -53.92
CA LEU A 137 -22.45 0.74 -54.35
C LEU A 137 -21.29 1.40 -53.60
N TYR A 138 -21.32 1.33 -52.27
CA TYR A 138 -20.31 1.99 -51.45
C TYR A 138 -18.91 1.48 -51.80
N GLU A 139 -18.73 0.16 -51.78
CA GLU A 139 -17.39 -0.40 -51.97
C GLU A 139 -16.86 -0.12 -53.36
N GLY A 140 -17.70 -0.23 -54.39
CA GLY A 140 -17.23 0.05 -55.74
C GLY A 140 -16.74 1.47 -55.88
N MET A 141 -17.53 2.44 -55.41
CA MET A 141 -17.09 3.83 -55.53
C MET A 141 -15.79 4.06 -54.76
N SER A 142 -15.72 3.52 -53.54
CA SER A 142 -14.56 3.75 -52.68
C SER A 142 -13.30 3.21 -53.34
N ASP A 143 -13.38 2.02 -53.92
CA ASP A 143 -12.19 1.42 -54.53
C ASP A 143 -11.79 2.13 -55.82
N ALA A 144 -12.78 2.55 -56.62
CA ALA A 144 -12.46 3.21 -57.88
C ALA A 144 -11.67 4.49 -57.64
N ILE A 145 -12.14 5.33 -56.72
CA ILE A 145 -11.46 6.61 -56.51
C ILE A 145 -10.03 6.37 -56.03
N HIS A 146 -9.85 5.44 -55.10
CA HIS A 146 -8.53 5.16 -54.55
C HIS A 146 -7.59 4.67 -55.65
N ILE A 147 -8.07 3.77 -56.52
CA ILE A 147 -7.22 3.26 -57.59
C ILE A 147 -6.77 4.40 -58.48
N ILE A 148 -7.71 5.25 -58.91
CA ILE A 148 -7.34 6.31 -59.85
C ILE A 148 -6.32 7.24 -59.23
N PHE A 149 -6.56 7.69 -58.00
CA PHE A 149 -5.64 8.63 -57.38
C PHE A 149 -4.28 7.99 -57.10
N SER A 150 -4.27 6.71 -56.71
CA SER A 150 -2.99 6.05 -56.48
C SER A 150 -2.18 5.97 -57.76
N LEU A 151 -2.84 5.66 -58.88
CA LEU A 151 -2.10 5.50 -60.12
C LEU A 151 -1.57 6.85 -60.64
N PHE A 152 -2.42 7.88 -60.67
CA PHE A 152 -2.03 9.09 -61.37
C PHE A 152 -1.44 10.18 -60.47
N LEU A 153 -1.47 10.01 -59.14
CA LEU A 153 -0.81 10.95 -58.24
C LEU A 153 0.18 10.31 -57.29
N GLY A 154 -0.04 9.06 -56.87
CA GLY A 154 0.93 8.39 -56.04
C GLY A 154 2.27 8.22 -56.73
N PHE A 155 2.24 8.12 -58.07
CA PHE A 155 3.46 7.95 -58.83
C PHE A 155 4.45 9.08 -58.55
N LEU A 156 3.96 10.32 -58.51
CA LEU A 156 4.83 11.46 -58.22
C LEU A 156 5.21 11.53 -56.75
N ALA A 157 4.28 11.18 -55.86
CA ALA A 157 4.56 11.21 -54.43
C ALA A 157 5.71 10.28 -54.08
N ALA A 158 5.74 9.09 -54.69
CA ALA A 158 6.81 8.14 -54.39
C ALA A 158 8.18 8.73 -54.71
N ILE A 159 8.33 9.28 -55.91
CA ILE A 159 9.60 9.88 -56.33
C ILE A 159 10.00 10.99 -55.36
N THR A 160 9.06 11.92 -55.13
CA THR A 160 9.37 13.10 -54.34
C THR A 160 9.78 12.72 -52.92
N VAL A 161 9.06 11.78 -52.31
CA VAL A 161 9.40 11.38 -50.95
C VAL A 161 10.72 10.62 -50.91
N GLY A 162 10.99 9.81 -51.95
CA GLY A 162 12.23 9.06 -51.97
C GLY A 162 13.45 9.97 -51.94
N PHE A 163 13.40 11.07 -52.70
CA PHE A 163 14.54 11.99 -52.71
C PHE A 163 14.88 12.49 -51.30
N PHE A 164 13.87 13.05 -50.62
CA PHE A 164 14.10 13.61 -49.29
C PHE A 164 14.47 12.53 -48.28
N MET A 165 13.92 11.33 -48.42
CA MET A 165 14.28 10.26 -47.49
C MET A 165 15.72 9.83 -47.66
N GLY A 166 16.22 9.80 -48.90
CA GLY A 166 17.64 9.53 -49.09
C GLY A 166 18.51 10.56 -48.40
N MET A 167 18.20 11.85 -48.58
CA MET A 167 18.99 12.87 -47.90
C MET A 167 18.89 12.70 -46.38
N ALA A 168 17.70 12.38 -45.87
CA ALA A 168 17.53 12.23 -44.43
C ALA A 168 18.39 11.10 -43.88
N ARG A 169 18.43 9.97 -44.58
CA ARG A 169 19.29 8.87 -44.14
C ARG A 169 20.74 9.30 -44.09
N PHE A 170 21.21 9.98 -45.14
CA PHE A 170 22.60 10.41 -45.14
C PHE A 170 22.91 11.29 -43.94
N MET A 171 22.05 12.27 -43.68
CA MET A 171 22.31 13.19 -42.58
C MET A 171 22.28 12.46 -41.25
N TYR A 172 21.33 11.55 -41.05
CA TYR A 172 21.28 10.80 -39.80
C TYR A 172 22.59 10.06 -39.56
N THR A 173 23.11 9.38 -40.59
CA THR A 173 24.31 8.59 -40.37
C THR A 173 25.54 9.48 -40.14
N TYR A 174 25.73 10.49 -40.98
CA TYR A 174 27.03 11.17 -41.01
C TYR A 174 27.05 12.51 -40.30
N MET A 175 25.97 12.94 -39.64
CA MET A 175 26.07 14.18 -38.88
C MET A 175 25.55 14.08 -37.46
N ALA A 176 24.48 13.34 -37.22
CA ALA A 176 23.87 13.34 -35.89
C ALA A 176 24.63 12.43 -34.93
N GLY A 177 25.04 11.25 -35.39
CA GLY A 177 25.66 10.27 -34.53
C GLY A 177 26.97 10.73 -33.93
N PRO A 178 27.87 11.25 -34.77
CA PRO A 178 29.11 11.81 -34.23
C PRO A 178 28.90 12.93 -33.24
N PHE A 179 27.94 13.82 -33.51
CA PHE A 179 27.63 14.91 -32.58
C PHE A 179 27.19 14.34 -31.23
N ASN A 180 26.31 13.34 -31.25
CA ASN A 180 25.84 12.76 -29.99
C ASN A 180 26.96 12.06 -29.24
N GLN A 181 27.83 11.33 -29.95
CA GLN A 181 28.91 10.63 -29.26
C GLN A 181 29.88 11.62 -28.62
N LEU A 182 30.21 12.70 -29.33
CA LEU A 182 31.09 13.71 -28.75
C LEU A 182 30.44 14.36 -27.54
N MET A 183 29.14 14.62 -27.60
CA MET A 183 28.44 15.17 -26.44
C MET A 183 28.49 14.21 -25.27
N PHE A 184 28.32 12.90 -25.53
CA PHE A 184 28.42 11.92 -24.46
C PHE A 184 29.79 11.98 -23.80
N LEU A 185 30.86 12.06 -24.59
CA LEU A 185 32.19 12.13 -23.99
C LEU A 185 32.35 13.39 -23.15
N LEU A 186 31.84 14.53 -23.64
CA LEU A 186 31.98 15.76 -22.87
C LEU A 186 31.18 15.71 -21.57
N ILE A 187 30.03 15.04 -21.56
CA ILE A 187 29.23 14.99 -20.33
C ILE A 187 29.83 14.01 -19.34
N ALA A 188 30.24 12.83 -19.81
CA ALA A 188 30.64 11.76 -18.88
C ALA A 188 31.90 12.11 -18.11
N SER A 189 32.63 13.15 -18.50
CA SER A 189 33.87 13.50 -17.80
C SER A 189 33.62 14.46 -16.63
N LEU A 190 32.45 15.09 -16.55
CA LEU A 190 32.14 16.05 -15.49
C LEU A 190 31.21 15.48 -14.42
N ALA A 191 30.32 14.56 -14.80
CA ALA A 191 29.25 14.16 -13.90
C ALA A 191 29.73 13.55 -12.58
N PRO A 192 30.75 12.68 -12.55
CA PRO A 192 31.08 12.00 -11.29
C PRO A 192 31.36 12.94 -10.13
N SER A 193 32.07 14.04 -10.38
CA SER A 193 32.42 14.97 -9.31
C SER A 193 31.18 15.63 -8.73
N TRP A 194 30.26 16.05 -9.59
CA TRP A 194 29.01 16.65 -9.10
C TRP A 194 28.22 15.64 -8.29
N ARG A 195 28.15 14.39 -8.76
CA ARG A 195 27.45 13.36 -8.01
C ARG A 195 28.03 13.21 -6.61
N ALA A 196 29.35 13.04 -6.52
CA ALA A 196 29.99 12.83 -5.23
C ALA A 196 29.78 14.04 -4.32
N PHE A 197 29.96 15.24 -4.87
CA PHE A 197 29.85 16.44 -4.05
C PHE A 197 28.45 16.61 -3.48
N PHE A 198 27.42 16.41 -4.31
CA PHE A 198 26.07 16.56 -3.81
C PHE A 198 25.73 15.50 -2.78
N ARG A 199 26.09 14.25 -3.06
CA ARG A 199 25.70 13.18 -2.15
C ARG A 199 26.38 13.31 -0.79
N ALA A 200 27.67 13.68 -0.79
CA ALA A 200 28.39 13.78 0.48
C ALA A 200 27.73 14.80 1.41
N GLY A 201 27.07 15.80 0.84
CA GLY A 201 26.43 16.82 1.65
C GLY A 201 24.97 16.54 1.98
N MET A 202 24.29 15.78 1.12
CA MET A 202 22.84 15.61 1.30
C MET A 202 22.43 14.26 1.87
N ASP A 203 23.29 13.23 1.80
CA ASP A 203 22.84 11.90 2.21
C ASP A 203 22.43 11.79 3.66
N PRO A 204 23.14 12.36 4.64
CA PRO A 204 22.74 12.17 6.04
C PRO A 204 21.28 12.50 6.31
N ILE A 205 20.73 13.48 5.60
CA ILE A 205 19.37 13.91 5.84
C ILE A 205 18.38 12.79 5.56
N PHE A 206 18.72 11.87 4.66
CA PHE A 206 17.86 10.74 4.37
C PHE A 206 18.26 9.46 5.09
N GLU A 207 19.49 9.39 5.60
CA GLU A 207 19.83 8.31 6.52
C GLU A 207 19.11 8.49 7.85
N SER A 208 19.00 9.73 8.33
CA SER A 208 18.24 9.98 9.54
C SER A 208 16.76 9.65 9.35
N GLY A 209 16.19 10.07 8.21
CA GLY A 209 14.79 9.81 7.96
C GLY A 209 14.45 8.34 7.78
N SER A 210 15.45 7.51 7.56
CA SER A 210 15.22 6.08 7.37
C SER A 210 14.75 5.39 8.63
N LEU A 211 15.00 5.96 9.81
CA LEU A 211 14.67 5.30 11.06
C LEU A 211 13.17 5.23 11.31
N ALA A 212 12.36 5.93 10.52
CA ALA A 212 10.92 5.95 10.78
C ALA A 212 10.24 4.63 10.42
N LEU A 213 10.82 3.84 9.53
CA LEU A 213 10.22 2.59 9.10
C LEU A 213 10.81 1.37 9.79
N SER A 214 11.69 1.57 10.78
CA SER A 214 12.00 0.51 11.70
C SER A 214 10.85 0.33 12.68
N ASN A 215 10.92 -0.73 13.48
CA ASN A 215 9.98 -0.91 14.58
C ASN A 215 8.54 -1.01 14.09
N ILE A 216 8.32 -1.81 13.04
CA ILE A 216 6.97 -2.20 12.67
C ILE A 216 6.65 -3.53 13.34
N GLN A 217 5.42 -3.64 13.85
CA GLN A 217 5.02 -4.82 14.62
C GLN A 217 3.56 -5.11 14.33
N VAL A 218 3.25 -6.37 14.00
CA VAL A 218 1.93 -6.75 13.52
C VAL A 218 1.43 -7.97 14.28
N ARG A 219 0.16 -7.97 14.64
CA ARG A 219 -0.53 -9.12 15.21
C ARG A 219 -1.72 -9.47 14.31
N LEU A 220 -1.83 -10.74 13.91
CA LEU A 220 -2.78 -11.15 12.89
C LEU A 220 -3.48 -12.44 13.29
N GLY A 221 -4.77 -12.51 12.97
CA GLY A 221 -5.55 -13.72 13.21
C GLY A 221 -6.48 -13.99 12.04
N MET A 222 -6.69 -15.27 11.75
CA MET A 222 -7.32 -15.69 10.50
C MET A 222 -8.34 -16.80 10.70
N GLU A 223 -9.38 -16.78 9.86
CA GLU A 223 -10.33 -17.86 9.69
C GLU A 223 -10.47 -18.17 8.20
N GLY A 224 -10.71 -19.43 7.87
CA GLY A 224 -10.85 -19.78 6.46
C GLY A 224 -11.58 -21.07 6.13
N LYS A 225 -12.32 -21.05 5.02
CA LYS A 225 -12.95 -22.22 4.44
C LYS A 225 -12.56 -22.31 2.98
N ALA A 226 -12.41 -23.54 2.46
CA ALA A 226 -12.00 -23.73 1.08
C ALA A 226 -12.66 -24.96 0.49
N ARG A 227 -12.97 -24.89 -0.81
CA ARG A 227 -13.49 -26.00 -1.58
C ARG A 227 -12.73 -26.06 -2.90
N HIS A 228 -12.47 -27.27 -3.40
CA HIS A 228 -11.70 -27.39 -4.63
C HIS A 228 -12.10 -28.64 -5.40
N LYS A 229 -11.77 -28.63 -6.70
CA LYS A 229 -12.10 -29.71 -7.62
C LYS A 229 -10.96 -29.96 -8.58
N GLU A 230 -10.85 -31.20 -9.04
CA GLU A 230 -10.03 -31.53 -10.19
C GLU A 230 -10.96 -31.73 -11.39
N LEU A 231 -10.63 -31.10 -12.50
CA LEU A 231 -11.43 -31.25 -13.72
C LEU A 231 -10.87 -32.40 -14.56
N GLU B 79 -5.85 -19.39 36.19
CA GLU B 79 -7.34 -19.48 36.04
C GLU B 79 -7.89 -18.53 34.97
N ALA B 80 -7.90 -17.24 35.30
CA ALA B 80 -8.59 -16.27 34.46
C ALA B 80 -7.99 -16.21 33.06
N GLU B 81 -6.66 -16.09 32.95
CA GLU B 81 -6.04 -15.97 31.64
C GLU B 81 -6.28 -17.20 30.78
N GLU B 82 -6.34 -18.38 31.41
CA GLU B 82 -6.57 -19.59 30.65
C GLU B 82 -7.96 -19.59 30.01
N LYS B 83 -9.00 -19.24 30.78
CA LYS B 83 -10.33 -19.15 30.21
C LYS B 83 -10.41 -18.05 29.16
N TYR B 84 -9.73 -16.93 29.38
CA TYR B 84 -9.71 -15.87 28.38
C TYR B 84 -9.13 -16.39 27.06
N ILE B 85 -8.00 -17.09 27.13
CA ILE B 85 -7.37 -17.60 25.92
C ILE B 85 -8.23 -18.65 25.26
N GLU B 86 -8.90 -19.48 26.07
CA GLU B 86 -9.80 -20.48 25.50
C GLU B 86 -10.93 -19.80 24.73
N ARG B 87 -11.45 -18.69 25.27
CA ARG B 87 -12.51 -17.98 24.57
C ARG B 87 -11.99 -17.29 23.32
N GLN B 88 -10.73 -16.84 23.33
CA GLN B 88 -10.21 -16.15 22.16
C GLN B 88 -9.94 -17.10 21.00
N LEU B 89 -9.64 -18.36 21.27
CA LEU B 89 -9.21 -19.29 20.23
C LEU B 89 -10.38 -19.95 19.50
N LYS B 90 -11.62 -19.69 19.90
CA LYS B 90 -12.76 -20.33 19.24
C LYS B 90 -13.01 -19.74 17.86
N TYR B 91 -12.94 -18.41 17.76
CA TYR B 91 -13.28 -17.70 16.52
C TYR B 91 -12.32 -16.53 16.36
N LEU B 92 -11.65 -16.46 15.22
CA LEU B 92 -10.60 -15.47 14.98
C LEU B 92 -10.99 -14.42 13.95
N GLY B 93 -12.25 -14.36 13.54
CA GLY B 93 -12.66 -13.50 12.45
C GLY B 93 -13.16 -12.13 12.90
N PRO B 94 -13.68 -11.35 11.94
CA PRO B 94 -14.18 -10.02 12.28
C PRO B 94 -15.38 -10.07 13.22
N ILE B 95 -15.53 -9.00 14.01
CA ILE B 95 -16.57 -8.92 15.02
C ILE B 95 -17.32 -7.60 15.02
N SER B 96 -17.07 -6.71 14.07
CA SER B 96 -17.66 -5.38 14.13
C SER B 96 -19.18 -5.44 13.90
N GLN B 97 -19.85 -4.38 14.34
CA GLN B 97 -21.32 -4.29 14.28
C GLN B 97 -21.79 -3.04 13.52
N VAL B 98 -20.95 -2.50 12.64
CA VAL B 98 -21.29 -1.25 11.98
C VAL B 98 -22.44 -1.37 11.00
N SER B 99 -22.85 -2.59 10.65
CA SER B 99 -23.90 -2.76 9.66
C SER B 99 -25.29 -2.50 10.23
N ASP B 100 -25.41 -2.22 11.53
CA ASP B 100 -26.68 -1.95 12.18
C ASP B 100 -26.61 -0.58 12.82
N ALA B 101 -27.52 0.31 12.44
CA ALA B 101 -27.51 1.69 12.92
C ALA B 101 -28.54 1.97 14.00
N TYR B 102 -29.30 0.97 14.45
CA TYR B 102 -30.43 1.15 15.34
C TYR B 102 -30.31 0.25 16.58
N ARG B 103 -29.17 0.29 17.25
CA ARG B 103 -28.88 -0.59 18.37
C ARG B 103 -28.68 0.19 19.66
N LEU B 104 -28.92 -0.47 20.79
CA LEU B 104 -28.69 0.10 22.11
C LEU B 104 -27.34 -0.33 22.65
N ASP B 105 -26.92 0.32 23.74
CA ASP B 105 -25.62 0.10 24.36
C ASP B 105 -25.71 -0.67 25.67
N THR B 106 -26.87 -1.28 25.97
CA THR B 106 -27.08 -1.84 27.30
C THR B 106 -26.13 -3.01 27.59
N THR B 107 -25.67 -3.71 26.55
CA THR B 107 -24.93 -4.95 26.78
C THR B 107 -23.57 -4.73 27.43
N THR B 108 -23.06 -3.49 27.41
CA THR B 108 -21.72 -3.24 27.94
C THR B 108 -21.71 -2.94 29.43
N LEU B 109 -22.86 -2.61 30.02
CA LEU B 109 -22.89 -2.15 31.39
C LEU B 109 -22.83 -3.32 32.37
N LYS B 110 -22.31 -3.04 33.56
CA LYS B 110 -22.13 -4.05 34.62
C LYS B 110 -22.40 -3.37 35.95
N ILE B 111 -23.54 -3.68 36.56
CA ILE B 111 -23.94 -3.10 37.83
C ILE B 111 -23.97 -4.22 38.85
N GLU B 112 -22.89 -4.36 39.61
CA GLU B 112 -22.79 -5.36 40.65
C GLU B 112 -21.72 -4.91 41.64
N PHE B 113 -21.81 -5.41 42.87
CA PHE B 113 -20.96 -4.88 43.93
C PHE B 113 -19.49 -5.03 43.59
N ASP B 114 -19.09 -6.19 43.06
CA ASP B 114 -17.69 -6.40 42.72
C ASP B 114 -17.22 -5.47 41.62
N ASP B 115 -18.14 -4.91 40.83
CA ASP B 115 -17.80 -3.96 39.78
C ASP B 115 -18.04 -2.52 40.18
N SER B 116 -19.05 -2.27 41.02
CA SER B 116 -19.33 -0.90 41.46
C SER B 116 -18.32 -0.41 42.48
N PHE B 117 -17.71 -1.31 43.25
CA PHE B 117 -16.77 -0.96 44.32
C PHE B 117 -15.49 -1.74 44.08
N PRO B 118 -14.68 -1.33 43.11
CA PRO B 118 -13.51 -2.12 42.75
C PRO B 118 -12.42 -2.07 43.82
N GLU B 119 -11.56 -3.08 43.77
CA GLU B 119 -10.47 -3.26 44.73
C GLU B 119 -9.15 -3.29 43.99
N VAL B 120 -8.14 -2.65 44.57
CA VAL B 120 -6.86 -2.50 43.87
C VAL B 120 -5.99 -3.74 44.03
N SER B 121 -6.16 -4.50 45.11
CA SER B 121 -5.40 -5.72 45.33
C SER B 121 -6.21 -6.67 46.19
N LYS B 122 -5.82 -7.94 46.17
CA LYS B 122 -6.61 -8.99 46.79
C LYS B 122 -6.83 -8.70 48.28
N PRO B 123 -8.06 -8.72 48.76
CA PRO B 123 -8.29 -8.61 50.21
C PRO B 123 -7.78 -9.82 50.96
N GLY B 124 -7.44 -9.60 52.23
CA GLY B 124 -7.19 -10.68 53.15
C GLY B 124 -8.45 -11.03 53.92
N PRO B 125 -8.43 -12.11 54.70
CA PRO B 125 -9.64 -12.50 55.42
C PRO B 125 -10.13 -11.47 56.42
N ALA B 126 -9.26 -10.57 56.89
CA ALA B 126 -9.69 -9.54 57.84
C ALA B 126 -10.52 -8.48 57.15
N LEU B 127 -10.35 -8.29 55.85
CA LEU B 127 -11.10 -7.31 55.07
C LEU B 127 -12.31 -7.92 54.37
N GLU B 128 -12.27 -9.25 54.15
CA GLU B 128 -13.38 -9.92 53.50
C GLU B 128 -14.67 -9.79 54.29
N SER B 129 -14.58 -9.73 55.63
CA SER B 129 -15.79 -9.57 56.44
C SER B 129 -16.46 -8.22 56.19
N VAL B 130 -15.65 -7.16 56.13
CA VAL B 130 -16.20 -5.83 55.84
C VAL B 130 -16.82 -5.81 54.45
N ARG B 131 -16.12 -6.39 53.48
CA ARG B 131 -16.71 -6.51 52.14
C ARG B 131 -18.04 -7.25 52.20
N LYS B 132 -18.11 -8.31 53.00
CA LYS B 132 -19.31 -9.13 53.07
C LYS B 132 -20.49 -8.33 53.61
N LEU B 133 -20.27 -7.54 54.66
CA LEU B 133 -21.36 -6.72 55.19
C LEU B 133 -21.82 -5.68 54.17
N ASN B 134 -20.86 -4.96 53.59
CA ASN B 134 -21.21 -3.89 52.66
C ASN B 134 -21.96 -4.43 51.44
N ARG B 135 -21.61 -5.63 50.99
CA ARG B 135 -22.27 -6.19 49.82
C ARG B 135 -23.77 -6.32 50.06
N ILE B 136 -24.16 -6.95 51.16
CA ILE B 136 -25.59 -7.18 51.40
C ILE B 136 -26.29 -5.85 51.58
N LEU B 137 -25.69 -4.90 52.29
CA LEU B 137 -26.36 -3.61 52.44
C LEU B 137 -26.66 -3.00 51.07
N TYR B 138 -25.62 -2.89 50.24
CA TYR B 138 -25.78 -2.26 48.93
C TYR B 138 -26.84 -2.96 48.09
N GLU B 139 -26.72 -4.28 47.96
CA GLU B 139 -27.62 -5.00 47.07
C GLU B 139 -29.06 -4.98 47.56
N GLY B 140 -29.27 -5.11 48.88
CA GLY B 140 -30.63 -5.06 49.39
C GLY B 140 -31.29 -3.73 49.11
N MET B 141 -30.60 -2.63 49.40
CA MET B 141 -31.20 -1.32 49.13
C MET B 141 -31.50 -1.15 47.64
N SER B 142 -30.54 -1.53 46.79
CA SER B 142 -30.68 -1.33 45.36
C SER B 142 -31.89 -2.10 44.82
N ASP B 143 -32.07 -3.33 45.27
CA ASP B 143 -33.19 -4.13 44.77
C ASP B 143 -34.52 -3.63 45.31
N ALA B 144 -34.56 -3.21 46.57
CA ALA B 144 -35.81 -2.75 47.15
C ALA B 144 -36.36 -1.55 46.39
N ILE B 145 -35.51 -0.55 46.13
CA ILE B 145 -36.02 0.66 45.47
C ILE B 145 -36.54 0.32 44.08
N HIS B 146 -35.79 -0.50 43.35
CA HIS B 146 -36.18 -0.86 41.99
C HIS B 146 -37.52 -1.60 42.00
N ILE B 147 -37.70 -2.53 42.93
CA ILE B 147 -38.97 -3.26 42.99
C ILE B 147 -40.12 -2.30 43.22
N ILE B 148 -39.99 -1.42 44.21
CA ILE B 148 -41.11 -0.54 44.55
C ILE B 148 -41.46 0.35 43.36
N PHE B 149 -40.45 0.97 42.73
CA PHE B 149 -40.74 1.87 41.62
C PHE B 149 -41.30 1.12 40.43
N SER B 150 -40.80 -0.08 40.16
CA SER B 150 -41.32 -0.86 39.04
C SER B 150 -42.79 -1.18 39.26
N LEU B 151 -43.16 -1.55 40.48
CA LEU B 151 -44.54 -1.95 40.73
C LEU B 151 -45.48 -0.76 40.66
N PHE B 152 -45.14 0.35 41.32
CA PHE B 152 -46.13 1.43 41.47
C PHE B 152 -45.99 2.56 40.45
N LEU B 153 -44.96 2.55 39.60
CA LEU B 153 -44.88 3.51 38.52
C LEU B 153 -44.70 2.89 37.14
N GLY B 154 -44.06 1.72 37.05
CA GLY B 154 -43.96 1.06 35.76
C GLY B 154 -45.32 0.67 35.20
N PHE B 155 -46.28 0.43 36.09
CA PHE B 155 -47.61 -0.01 35.65
C PHE B 155 -48.32 1.07 34.84
N LEU B 156 -48.05 2.36 35.15
CA LEU B 156 -48.54 3.43 34.29
C LEU B 156 -47.73 3.55 33.00
N ALA B 157 -46.40 3.41 33.11
CA ALA B 157 -45.54 3.60 31.95
C ALA B 157 -45.85 2.60 30.85
N ALA B 158 -46.11 1.35 31.23
CA ALA B 158 -46.41 0.34 30.21
C ALA B 158 -47.63 0.72 29.40
N ILE B 159 -48.72 1.10 30.06
CA ILE B 159 -49.95 1.50 29.36
C ILE B 159 -49.67 2.68 28.44
N THR B 160 -49.04 3.72 29.00
CA THR B 160 -48.86 4.95 28.23
C THR B 160 -47.99 4.71 27.01
N VAL B 161 -46.92 3.94 27.15
CA VAL B 161 -46.03 3.68 26.02
C VAL B 161 -46.74 2.78 25.00
N GLY B 162 -47.55 1.83 25.46
CA GLY B 162 -48.25 0.95 24.54
C GLY B 162 -49.15 1.71 23.59
N PHE B 163 -49.87 2.71 24.12
CA PHE B 163 -50.76 3.48 23.26
C PHE B 163 -50.01 4.12 22.09
N PHE B 164 -48.95 4.87 22.40
CA PHE B 164 -48.20 5.55 21.35
C PHE B 164 -47.50 4.58 20.43
N MET B 165 -47.05 3.43 20.94
CA MET B 165 -46.40 2.45 20.08
C MET B 165 -47.38 1.85 19.08
N GLY B 166 -48.62 1.61 19.51
CA GLY B 166 -49.63 1.15 18.55
C GLY B 166 -49.84 2.16 17.44
N MET B 167 -50.00 3.44 17.80
CA MET B 167 -50.16 4.45 16.75
C MET B 167 -48.95 4.49 15.83
N ALA B 168 -47.74 4.36 16.40
CA ALA B 168 -46.53 4.42 15.60
C ALA B 168 -46.48 3.28 14.59
N ARG B 169 -46.84 2.06 15.02
CA ARG B 169 -46.87 0.94 14.09
C ARG B 169 -47.84 1.20 12.95
N PHE B 170 -49.04 1.69 13.29
CA PHE B 170 -50.01 1.95 12.22
C PHE B 170 -49.46 2.94 11.20
N MET B 171 -48.88 4.04 11.69
CA MET B 171 -48.36 5.04 10.76
C MET B 171 -47.23 4.50 9.91
N TYR B 172 -46.33 3.72 10.52
CA TYR B 172 -45.23 3.15 9.75
C TYR B 172 -45.76 2.30 8.60
N THR B 173 -46.75 1.46 8.88
CA THR B 173 -47.22 0.56 7.83
C THR B 173 -47.98 1.33 6.74
N TYR B 174 -48.91 2.20 7.14
CA TYR B 174 -49.88 2.72 6.17
C TYR B 174 -49.59 4.12 5.67
N MET B 175 -48.49 4.76 6.07
CA MET B 175 -48.21 6.08 5.50
C MET B 175 -46.80 6.24 4.98
N ALA B 176 -45.80 5.63 5.62
CA ALA B 176 -44.42 5.86 5.22
C ALA B 176 -44.03 5.00 4.01
N GLY B 177 -44.42 3.73 4.02
CA GLY B 177 -44.01 2.80 3.00
C GLY B 177 -44.47 3.18 1.61
N PRO B 178 -45.77 3.50 1.47
CA PRO B 178 -46.25 3.98 0.16
C PRO B 178 -45.55 5.23 -0.32
N PHE B 179 -45.30 6.17 0.58
CA PHE B 179 -44.59 7.39 0.20
C PHE B 179 -43.21 7.06 -0.35
N ASN B 180 -42.49 6.17 0.34
CA ASN B 180 -41.16 5.81 -0.11
C ASN B 180 -41.18 5.08 -1.45
N GLN B 181 -42.14 4.17 -1.64
CA GLN B 181 -42.21 3.45 -2.92
C GLN B 181 -42.52 4.40 -4.07
N LEU B 182 -43.44 5.34 -3.87
CA LEU B 182 -43.75 6.30 -4.92
C LEU B 182 -42.53 7.18 -5.21
N MET B 183 -41.79 7.57 -4.18
CA MET B 183 -40.56 8.34 -4.41
C MET B 183 -39.55 7.53 -5.21
N PHE B 184 -39.44 6.23 -4.91
CA PHE B 184 -38.54 5.38 -5.68
C PHE B 184 -38.92 5.37 -7.15
N LEU B 185 -40.21 5.22 -7.43
CA LEU B 185 -40.63 5.23 -8.83
C LEU B 185 -40.31 6.56 -9.50
N LEU B 186 -40.52 7.67 -8.80
CA LEU B 186 -40.26 8.96 -9.41
C LEU B 186 -38.76 9.18 -9.65
N ILE B 187 -37.91 8.64 -8.78
CA ILE B 187 -36.47 8.83 -8.98
C ILE B 187 -35.93 7.92 -10.08
N ALA B 188 -36.36 6.65 -10.08
CA ALA B 188 -35.75 5.68 -10.98
C ALA B 188 -36.04 5.96 -12.45
N SER B 189 -36.97 6.87 -12.75
CA SER B 189 -37.30 7.17 -14.14
C SER B 189 -36.44 8.29 -14.72
N LEU B 190 -35.73 9.05 -13.90
CA LEU B 190 -34.89 10.15 -14.36
C LEU B 190 -33.41 9.85 -14.33
N ALA B 191 -32.96 8.99 -13.41
CA ALA B 191 -31.53 8.82 -13.18
C ALA B 191 -30.74 8.34 -14.40
N PRO B 192 -31.23 7.37 -15.20
CA PRO B 192 -30.39 6.82 -16.27
C PRO B 192 -29.86 7.87 -17.25
N SER B 193 -30.69 8.85 -17.62
CA SER B 193 -30.26 9.84 -18.59
C SER B 193 -29.14 10.71 -18.02
N TRP B 194 -29.27 11.13 -16.76
CA TRP B 194 -28.22 11.92 -16.14
C TRP B 194 -26.93 11.12 -16.06
N ARG B 195 -27.03 9.84 -15.70
CA ARG B 195 -25.84 8.99 -15.65
C ARG B 195 -25.14 8.96 -17.01
N ALA B 196 -25.88 8.65 -18.06
CA ALA B 196 -25.29 8.54 -19.39
C ALA B 196 -24.68 9.87 -19.82
N PHE B 197 -25.41 10.96 -19.61
CA PHE B 197 -24.94 12.26 -20.06
C PHE B 197 -23.65 12.66 -19.37
N PHE B 198 -23.58 12.47 -18.05
CA PHE B 198 -22.35 12.84 -17.34
C PHE B 198 -21.19 11.96 -17.77
N ARG B 199 -21.41 10.65 -17.85
CA ARG B 199 -20.31 9.74 -18.14
C ARG B 199 -19.75 9.98 -19.54
N ALA B 200 -20.63 10.20 -20.52
CA ALA B 200 -20.16 10.38 -21.89
C ALA B 200 -19.22 11.57 -22.00
N GLY B 201 -19.38 12.57 -21.14
CA GLY B 201 -18.54 13.75 -21.19
C GLY B 201 -17.32 13.67 -20.30
N MET B 202 -17.39 12.89 -19.22
CA MET B 202 -16.31 12.91 -18.23
C MET B 202 -15.38 11.69 -18.28
N ASP B 203 -15.80 10.58 -18.89
CA ASP B 203 -14.99 9.37 -18.81
C ASP B 203 -13.62 9.49 -19.44
N PRO B 204 -13.43 10.09 -20.62
CA PRO B 204 -12.10 10.13 -21.24
C PRO B 204 -11.02 10.66 -20.30
N ILE B 205 -11.37 11.59 -19.42
CA ILE B 205 -10.38 12.20 -18.53
C ILE B 205 -9.77 11.18 -17.59
N PHE B 206 -10.50 10.11 -17.28
CA PHE B 206 -9.98 9.05 -16.42
C PHE B 206 -9.48 7.84 -17.20
N GLU B 207 -9.87 7.70 -18.46
CA GLU B 207 -9.22 6.72 -19.33
C GLU B 207 -7.79 7.15 -19.63
N SER B 208 -7.57 8.44 -19.87
CA SER B 208 -6.21 8.93 -20.09
C SER B 208 -5.36 8.75 -18.84
N GLY B 209 -5.92 9.07 -17.67
CA GLY B 209 -5.16 8.95 -16.44
C GLY B 209 -4.85 7.53 -16.05
N SER B 210 -5.49 6.55 -16.69
CA SER B 210 -5.26 5.16 -16.37
C SER B 210 -3.89 4.68 -16.83
N LEU B 211 -3.27 5.37 -17.79
CA LEU B 211 -2.00 4.91 -18.35
C LEU B 211 -0.84 5.05 -17.38
N ALA B 212 -1.03 5.73 -16.25
CA ALA B 212 0.08 5.94 -15.33
C ALA B 212 0.47 4.68 -14.58
N LEU B 213 -0.44 3.72 -14.43
CA LEU B 213 -0.15 2.50 -13.69
C LEU B 213 0.20 1.33 -14.58
N SER B 214 0.33 1.54 -15.88
CA SER B 214 1.00 0.57 -16.73
C SER B 214 2.50 0.67 -16.50
N ASN B 215 3.24 -0.29 -17.06
CA ASN B 215 4.70 -0.23 -17.06
C ASN B 215 5.27 -0.22 -15.65
N ILE B 216 4.77 -1.11 -14.79
CA ILE B 216 5.41 -1.39 -13.52
C ILE B 216 6.35 -2.57 -13.71
N GLN B 217 7.54 -2.50 -13.12
CA GLN B 217 8.57 -3.51 -13.31
C GLN B 217 9.34 -3.67 -12.01
N VAL B 218 9.50 -4.91 -11.54
CA VAL B 218 10.06 -5.20 -10.22
C VAL B 218 11.15 -6.25 -10.35
N ARG B 219 12.23 -6.04 -9.62
CA ARG B 219 13.30 -7.04 -9.45
C ARG B 219 13.43 -7.35 -7.96
N LEU B 220 13.44 -8.64 -7.61
CA LEU B 220 13.35 -9.07 -6.23
C LEU B 220 14.33 -10.21 -5.95
N GLY B 221 14.92 -10.17 -4.76
CA GLY B 221 15.80 -11.24 -4.32
C GLY B 221 15.57 -11.55 -2.85
N MET B 222 15.71 -12.84 -2.50
CA MET B 222 15.25 -13.33 -1.21
C MET B 222 16.25 -14.28 -0.56
N GLU B 223 16.28 -14.25 0.78
CA GLU B 223 16.95 -15.23 1.61
C GLU B 223 15.97 -15.71 2.68
N GLY B 224 16.08 -16.97 3.09
CA GLY B 224 15.17 -17.47 4.11
C GLY B 224 15.63 -18.70 4.89
N LYS B 225 15.27 -18.74 6.18
CA LYS B 225 15.43 -19.89 7.04
C LYS B 225 14.08 -20.21 7.68
N ALA B 226 13.83 -21.50 7.93
CA ALA B 226 12.57 -21.91 8.51
C ALA B 226 12.76 -23.12 9.40
N ARG B 227 11.99 -23.18 10.48
CA ARG B 227 11.92 -24.32 11.38
C ARG B 227 10.45 -24.63 11.65
N HIS B 228 10.11 -25.91 11.81
CA HIS B 228 8.72 -26.28 12.02
C HIS B 228 8.62 -27.55 12.84
N LYS B 229 7.44 -27.76 13.42
CA LYS B 229 7.14 -28.91 14.26
C LYS B 229 5.73 -29.41 14.00
N GLU B 230 5.52 -30.70 14.24
CA GLU B 230 4.19 -31.26 14.38
C GLU B 230 3.93 -31.50 15.87
N LEU B 231 2.78 -31.05 16.35
CA LEU B 231 2.41 -31.27 17.74
C LEU B 231 1.63 -32.57 17.88
N GLU C 79 -24.55 -20.65 26.25
CA GLU C 79 -25.72 -20.69 25.33
C GLU C 79 -25.60 -19.68 24.20
N ALA C 80 -25.78 -18.39 24.53
CA ALA C 80 -25.89 -17.37 23.50
C ALA C 80 -24.64 -17.28 22.65
N GLU C 81 -23.47 -17.19 23.28
CA GLU C 81 -22.24 -17.03 22.51
C GLU C 81 -21.99 -18.22 21.60
N GLU C 82 -22.39 -19.43 22.03
CA GLU C 82 -22.18 -20.60 21.20
C GLU C 82 -23.01 -20.53 19.92
N LYS C 83 -24.29 -20.18 20.04
CA LYS C 83 -25.11 -20.03 18.84
C LYS C 83 -24.60 -18.89 17.96
N TYR C 84 -24.13 -17.79 18.58
CA TYR C 84 -23.56 -16.70 17.81
C TYR C 84 -22.37 -17.17 16.98
N ILE C 85 -21.47 -17.93 17.60
CA ILE C 85 -20.28 -18.40 16.89
C ILE C 85 -20.68 -19.40 15.81
N GLU C 86 -21.68 -20.24 16.09
CA GLU C 86 -22.15 -21.16 15.07
C GLU C 86 -22.69 -20.41 13.86
N ARG C 87 -23.39 -19.31 14.09
CA ARG C 87 -23.90 -18.53 12.98
C ARG C 87 -22.78 -17.81 12.24
N GLN C 88 -21.72 -17.41 12.95
CA GLN C 88 -20.63 -16.69 12.28
C GLN C 88 -19.80 -17.60 11.39
N LEU C 89 -19.70 -18.88 11.73
CA LEU C 89 -18.79 -19.79 11.03
C LEU C 89 -19.37 -20.37 9.76
N LYS C 90 -20.63 -20.09 9.44
CA LYS C 90 -21.24 -20.66 8.24
C LYS C 90 -20.70 -20.00 6.97
N TYR C 91 -20.59 -18.68 6.99
CA TYR C 91 -20.19 -17.90 5.81
C TYR C 91 -19.31 -16.76 6.25
N LEU C 92 -18.12 -16.65 5.66
CA LEU C 92 -17.10 -15.70 6.07
C LEU C 92 -16.86 -14.59 5.05
N GLY C 93 -17.70 -14.48 4.03
CA GLY C 93 -17.45 -13.55 2.95
C GLY C 93 -18.11 -12.19 3.13
N PRO C 94 -18.03 -11.36 2.09
CA PRO C 94 -18.63 -10.02 2.17
C PRO C 94 -20.14 -10.06 2.31
N ILE C 95 -20.69 -9.03 2.95
CA ILE C 95 -22.11 -8.97 3.25
C ILE C 95 -22.74 -7.62 2.92
N SER C 96 -22.01 -6.70 2.29
CA SER C 96 -22.54 -5.35 2.09
C SER C 96 -23.68 -5.36 1.09
N GLN C 97 -24.48 -4.28 1.15
CA GLN C 97 -25.68 -4.15 0.31
C GLN C 97 -25.66 -2.86 -0.52
N VAL C 98 -24.49 -2.29 -0.77
CA VAL C 98 -24.40 -1.00 -1.45
C VAL C 98 -24.84 -1.06 -2.90
N SER C 99 -25.00 -2.25 -3.48
CA SER C 99 -25.37 -2.35 -4.88
C SER C 99 -26.84 -2.05 -5.14
N ASP C 100 -27.64 -1.83 -4.09
CA ASP C 100 -29.06 -1.54 -4.21
C ASP C 100 -29.33 -0.20 -3.55
N ALA C 101 -29.89 0.73 -4.32
CA ALA C 101 -30.12 2.09 -3.84
C ALA C 101 -31.58 2.36 -3.47
N TYR C 102 -32.46 1.36 -3.55
CA TYR C 102 -33.90 1.55 -3.39
C TYR C 102 -34.47 0.61 -2.35
N ARG C 103 -33.87 0.58 -1.15
CA ARG C 103 -34.24 -0.37 -0.11
C ARG C 103 -34.75 0.36 1.12
N LEU C 104 -35.57 -0.35 1.91
CA LEU C 104 -36.09 0.16 3.17
C LEU C 104 -35.24 -0.33 4.33
N ASP C 105 -35.47 0.27 5.51
CA ASP C 105 -34.71 -0.02 6.71
C ASP C 105 -35.50 -0.84 7.73
N THR C 106 -36.63 -1.43 7.33
CA THR C 106 -37.53 -2.03 8.31
C THR C 106 -36.90 -3.24 8.99
N THR C 107 -35.95 -3.92 8.34
CA THR C 107 -35.46 -5.19 8.86
C THR C 107 -34.66 -5.04 10.15
N THR C 108 -34.20 -3.82 10.48
CA THR C 108 -33.36 -3.63 11.64
C THR C 108 -34.16 -3.40 12.92
N LEU C 109 -35.44 -3.07 12.82
CA LEU C 109 -36.21 -2.65 13.98
C LEU C 109 -36.68 -3.86 14.78
N LYS C 110 -36.89 -3.65 16.08
CA LYS C 110 -37.32 -4.70 16.99
C LYS C 110 -38.26 -4.08 18.02
N ILE C 111 -39.55 -4.37 17.90
CA ILE C 111 -40.56 -3.83 18.79
C ILE C 111 -41.14 -5.00 19.57
N GLU C 112 -40.64 -5.20 20.78
CA GLU C 112 -41.13 -6.26 21.66
C GLU C 112 -40.76 -5.87 23.08
N PHE C 113 -41.50 -6.42 24.05
CA PHE C 113 -41.36 -5.96 25.43
C PHE C 113 -39.93 -6.16 25.93
N ASP C 114 -39.32 -7.31 25.62
CA ASP C 114 -37.95 -7.55 26.08
C ASP C 114 -36.96 -6.59 25.46
N ASP C 115 -37.31 -5.96 24.32
CA ASP C 115 -36.45 -4.99 23.68
C ASP C 115 -36.86 -3.56 23.95
N SER C 116 -38.16 -3.30 24.14
CA SER C 116 -38.63 -1.95 24.44
C SER C 116 -38.31 -1.53 25.86
N PHE C 117 -38.23 -2.49 26.79
CA PHE C 117 -38.01 -2.21 28.21
C PHE C 117 -36.81 -3.03 28.67
N PRO C 118 -35.60 -2.60 28.30
CA PRO C 118 -34.41 -3.42 28.59
C PRO C 118 -34.09 -3.45 30.08
N GLU C 119 -33.33 -4.49 30.45
CA GLU C 119 -32.94 -4.74 31.82
C GLU C 119 -31.43 -4.79 31.92
N VAL C 120 -30.87 -4.21 32.98
CA VAL C 120 -29.42 -4.07 33.09
C VAL C 120 -28.78 -5.35 33.63
N SER C 121 -29.52 -6.15 34.40
CA SER C 121 -29.00 -7.40 34.92
C SER C 121 -30.15 -8.35 35.16
N LYS C 122 -29.82 -9.64 35.28
CA LYS C 122 -30.83 -10.68 35.31
C LYS C 122 -31.81 -10.46 36.47
N PRO C 123 -33.12 -10.45 36.22
CA PRO C 123 -34.08 -10.37 37.32
C PRO C 123 -34.06 -11.64 38.18
N GLY C 124 -34.46 -11.48 39.43
CA GLY C 124 -34.76 -12.60 40.28
C GLY C 124 -36.23 -12.93 40.23
N PRO C 125 -36.64 -14.04 40.84
CA PRO C 125 -38.06 -14.43 40.78
C PRO C 125 -39.00 -13.42 41.41
N ALA C 126 -38.52 -12.58 42.34
CA ALA C 126 -39.39 -11.58 42.94
C ALA C 126 -39.71 -10.46 41.97
N LEU C 127 -38.85 -10.22 40.98
CA LEU C 127 -39.07 -9.18 39.98
C LEU C 127 -39.70 -9.73 38.70
N GLU C 128 -39.57 -11.04 38.47
CA GLU C 128 -40.16 -11.66 37.29
C GLU C 128 -41.68 -11.50 37.27
N SER C 129 -42.32 -11.51 38.45
CA SER C 129 -43.77 -11.35 38.49
C SER C 129 -44.18 -9.97 37.99
N VAL C 130 -43.47 -8.93 38.42
CA VAL C 130 -43.77 -7.57 37.96
C VAL C 130 -43.54 -7.47 36.46
N ARG C 131 -42.42 -8.03 35.99
CA ARG C 131 -42.20 -8.08 34.54
C ARG C 131 -43.36 -8.76 33.83
N LYS C 132 -43.86 -9.85 34.41
CA LYS C 132 -44.91 -10.64 33.78
C LYS C 132 -46.20 -9.83 33.64
N LEU C 133 -46.57 -9.09 34.69
CA LEU C 133 -47.77 -8.25 34.59
C LEU C 133 -47.60 -7.16 33.54
N ASN C 134 -46.47 -6.45 33.60
CA ASN C 134 -46.27 -5.33 32.68
C ASN C 134 -46.24 -5.78 31.24
N ARG C 135 -45.71 -6.98 30.98
CA ARG C 135 -45.64 -7.48 29.61
C ARG C 135 -47.03 -7.57 28.99
N ILE C 136 -47.96 -8.23 29.69
CA ILE C 136 -49.28 -8.41 29.10
C ILE C 136 -49.97 -7.07 28.93
N LEU C 137 -49.84 -6.17 29.92
CA LEU C 137 -50.47 -4.86 29.75
C LEU C 137 -49.99 -4.18 28.47
N TYR C 138 -48.66 -4.08 28.33
CA TYR C 138 -48.08 -3.38 27.18
C TYR C 138 -48.53 -4.02 25.87
N GLU C 139 -48.38 -5.33 25.75
CA GLU C 139 -48.66 -5.99 24.47
C GLU C 139 -50.14 -5.93 24.12
N GLY C 140 -51.02 -6.12 25.11
CA GLY C 140 -52.44 -6.04 24.83
C GLY C 140 -52.84 -4.67 24.29
N MET C 141 -52.41 -3.61 24.97
CA MET C 141 -52.75 -2.27 24.48
C MET C 141 -52.20 -2.03 23.08
N SER C 142 -50.94 -2.41 22.87
CA SER C 142 -50.29 -2.15 21.59
C SER C 142 -51.01 -2.84 20.45
N ASP C 143 -51.41 -4.10 20.67
CA ASP C 143 -52.08 -4.84 19.61
C ASP C 143 -53.50 -4.32 19.37
N ALA C 144 -54.21 -3.95 20.43
CA ALA C 144 -55.57 -3.46 20.26
C ALA C 144 -55.61 -2.21 19.39
N ILE C 145 -54.77 -1.23 19.69
CA ILE C 145 -54.83 0.02 18.93
C ILE C 145 -54.52 -0.25 17.46
N HIS C 146 -53.50 -1.06 17.20
CA HIS C 146 -53.11 -1.35 15.82
C HIS C 146 -54.24 -2.04 15.07
N ILE C 147 -54.90 -3.01 15.71
CA ILE C 147 -56.00 -3.70 15.04
C ILE C 147 -57.10 -2.71 14.66
N ILE C 148 -57.51 -1.88 15.62
CA ILE C 148 -58.64 -0.97 15.34
C ILE C 148 -58.29 -0.03 14.21
N PHE C 149 -57.11 0.58 14.25
CA PHE C 149 -56.74 1.55 13.22
C PHE C 149 -56.57 0.86 11.87
N SER C 150 -56.00 -0.35 11.84
CA SER C 150 -55.85 -1.06 10.58
C SER C 150 -57.21 -1.35 9.96
N LEU C 151 -58.18 -1.75 10.78
CA LEU C 151 -59.48 -2.11 10.22
C LEU C 151 -60.23 -0.88 9.72
N PHE C 152 -60.28 0.19 10.51
CA PHE C 152 -61.19 1.29 10.17
C PHE C 152 -60.52 2.44 9.43
N LEU C 153 -59.20 2.44 9.28
CA LEU C 153 -58.53 3.45 8.46
C LEU C 153 -57.64 2.86 7.36
N GLY C 154 -57.02 1.70 7.58
CA GLY C 154 -56.25 1.09 6.53
C GLY C 154 -57.09 0.74 5.31
N PHE C 155 -58.39 0.48 5.54
CA PHE C 155 -59.29 0.14 4.45
C PHE C 155 -59.32 1.23 3.39
N LEU C 156 -59.35 2.49 3.80
CA LEU C 156 -59.34 3.61 2.85
C LEU C 156 -57.95 3.83 2.26
N ALA C 157 -56.91 3.65 3.07
CA ALA C 157 -55.54 3.85 2.60
C ALA C 157 -55.23 2.90 1.45
N ALA C 158 -55.66 1.65 1.56
CA ALA C 158 -55.38 0.69 0.50
C ALA C 158 -55.96 1.15 -0.84
N ILE C 159 -57.24 1.53 -0.84
CA ILE C 159 -57.89 1.99 -2.06
C ILE C 159 -57.15 3.20 -2.63
N THR C 160 -56.91 4.19 -1.77
CA THR C 160 -56.33 5.45 -2.26
C THR C 160 -54.95 5.23 -2.84
N VAL C 161 -54.13 4.41 -2.17
CA VAL C 161 -52.78 4.17 -2.68
C VAL C 161 -52.83 3.33 -3.95
N GLY C 162 -53.76 2.39 -4.05
CA GLY C 162 -53.87 1.58 -5.24
C GLY C 162 -54.11 2.41 -6.49
N PHE C 163 -54.99 3.41 -6.38
CA PHE C 163 -55.28 4.25 -7.54
C PHE C 163 -54.00 4.90 -8.10
N PHE C 164 -53.27 5.60 -7.22
CA PHE C 164 -52.07 6.30 -7.67
C PHE C 164 -50.98 5.34 -8.11
N MET C 165 -50.89 4.16 -7.50
CA MET C 165 -49.88 3.20 -7.92
C MET C 165 -50.19 2.67 -9.33
N GLY C 166 -51.46 2.45 -9.65
CA GLY C 166 -51.80 2.08 -11.02
C GLY C 166 -51.37 3.14 -12.02
N MET C 167 -51.69 4.41 -11.73
CA MET C 167 -51.27 5.46 -12.65
C MET C 167 -49.74 5.50 -12.76
N ALA C 168 -49.03 5.31 -11.64
CA ALA C 168 -47.57 5.35 -11.66
C ALA C 168 -47.00 4.26 -12.55
N ARG C 169 -47.55 3.04 -12.45
CA ARG C 169 -47.07 1.96 -13.30
C ARG C 169 -47.29 2.30 -14.77
N PHE C 170 -48.47 2.82 -15.12
CA PHE C 170 -48.70 3.15 -16.52
C PHE C 170 -47.68 4.16 -17.02
N MET C 171 -47.45 5.22 -16.24
CA MET C 171 -46.52 6.24 -16.69
C MET C 171 -45.10 5.70 -16.82
N TYR C 172 -44.67 4.87 -15.86
CA TYR C 172 -43.33 4.29 -15.97
C TYR C 172 -43.17 3.50 -17.25
N THR C 173 -44.17 2.67 -17.60
CA THR C 173 -44.01 1.85 -18.79
C THR C 173 -44.06 2.69 -20.07
N TYR C 174 -45.05 3.58 -20.19
CA TYR C 174 -45.35 4.17 -21.49
C TYR C 174 -44.83 5.59 -21.67
N MET C 175 -44.09 6.15 -20.71
CA MET C 175 -43.52 7.47 -20.98
C MET C 175 -42.04 7.59 -20.65
N ALA C 176 -41.57 6.93 -19.59
CA ALA C 176 -40.18 7.14 -19.17
C ALA C 176 -39.21 6.32 -20.03
N GLY C 177 -39.55 5.07 -20.31
CA GLY C 177 -38.67 4.17 -21.00
C GLY C 177 -38.31 4.62 -22.40
N PRO C 178 -39.32 4.99 -23.20
CA PRO C 178 -39.03 5.53 -24.53
C PRO C 178 -38.17 6.78 -24.50
N PHE C 179 -38.44 7.69 -23.55
CA PHE C 179 -37.63 8.90 -23.43
C PHE C 179 -36.17 8.53 -23.16
N ASN C 180 -35.95 7.60 -22.25
CA ASN C 180 -34.57 7.21 -21.92
C ASN C 180 -33.89 6.54 -23.10
N GLN C 181 -34.59 5.67 -23.84
CA GLN C 181 -33.97 5.01 -24.97
C GLN C 181 -33.60 6.01 -26.06
N LEU C 182 -34.48 6.97 -26.35
CA LEU C 182 -34.17 7.99 -27.34
C LEU C 182 -32.98 8.83 -26.89
N MET C 183 -32.91 9.16 -25.60
CA MET C 183 -31.75 9.89 -25.10
C MET C 183 -30.47 9.08 -25.26
N PHE C 184 -30.55 7.77 -25.01
CA PHE C 184 -29.37 6.93 -25.22
C PHE C 184 -28.90 6.99 -26.66
N LEU C 185 -29.83 6.89 -27.61
CA LEU C 185 -29.43 6.96 -29.01
C LEU C 185 -28.80 8.31 -29.33
N LEU C 186 -29.36 9.40 -28.81
CA LEU C 186 -28.78 10.71 -29.11
C LEU C 186 -27.39 10.88 -28.50
N ILE C 187 -27.14 10.28 -27.33
CA ILE C 187 -25.83 10.43 -26.71
C ILE C 187 -24.79 9.55 -27.39
N ALA C 188 -25.16 8.30 -27.69
CA ALA C 188 -24.17 7.34 -28.18
C ALA C 188 -23.62 7.70 -29.55
N SER C 189 -24.24 8.65 -30.26
CA SER C 189 -23.77 9.01 -31.58
C SER C 189 -22.72 10.12 -31.56
N LEU C 190 -22.56 10.82 -30.44
CA LEU C 190 -21.61 11.92 -30.32
C LEU C 190 -20.36 11.56 -29.52
N ALA C 191 -20.49 10.66 -28.55
CA ALA C 191 -19.41 10.43 -27.58
C ALA C 191 -18.09 9.96 -28.22
N PRO C 192 -18.08 9.06 -29.20
CA PRO C 192 -16.79 8.51 -29.68
C PRO C 192 -15.82 9.58 -30.16
N SER C 193 -16.32 10.60 -30.87
CA SER C 193 -15.42 11.62 -31.41
C SER C 193 -14.78 12.43 -30.29
N TRP C 194 -15.56 12.79 -29.27
CA TRP C 194 -15.00 13.52 -28.14
C TRP C 194 -13.96 12.67 -27.41
N ARG C 195 -14.25 11.39 -27.23
CA ARG C 195 -13.28 10.50 -26.59
C ARG C 195 -11.96 10.51 -27.36
N ALA C 196 -12.03 10.26 -28.67
CA ALA C 196 -10.81 10.18 -29.47
C ALA C 196 -10.06 11.50 -29.43
N PHE C 197 -10.78 12.62 -29.59
CA PHE C 197 -10.13 13.92 -29.66
C PHE C 197 -9.41 14.24 -28.36
N PHE C 198 -10.07 14.00 -27.22
CA PHE C 198 -9.42 14.29 -25.94
C PHE C 198 -8.20 13.40 -25.72
N ARG C 199 -8.36 12.10 -25.98
CA ARG C 199 -7.27 11.17 -25.68
C ARG C 199 -6.05 11.44 -26.56
N ALA C 200 -6.27 11.73 -27.84
CA ALA C 200 -5.13 11.95 -28.73
C ALA C 200 -4.27 13.11 -28.26
N GLY C 201 -4.86 14.08 -27.57
CA GLY C 201 -4.12 15.23 -27.09
C GLY C 201 -3.57 15.05 -25.70
N MET C 202 -4.21 14.22 -24.87
CA MET C 202 -3.83 14.18 -23.47
C MET C 202 -3.01 12.95 -23.08
N ASP C 203 -3.07 11.87 -23.86
CA ASP C 203 -2.43 10.62 -23.42
C ASP C 203 -0.93 10.74 -23.19
N PRO C 204 -0.15 11.38 -24.06
CA PRO C 204 1.31 11.40 -23.85
C PRO C 204 1.72 11.85 -22.47
N ILE C 205 0.95 12.76 -21.86
CA ILE C 205 1.31 13.30 -20.56
C ILE C 205 1.32 12.22 -19.50
N PHE C 206 0.52 11.17 -19.68
CA PHE C 206 0.49 10.07 -18.72
C PHE C 206 1.32 8.87 -19.18
N GLU C 207 1.67 8.79 -20.46
CA GLU C 207 2.68 7.82 -20.87
C GLU C 207 4.05 8.21 -20.34
N SER C 208 4.38 9.50 -20.37
CA SER C 208 5.64 9.95 -19.79
C SER C 208 5.68 9.70 -18.29
N GLY C 209 4.58 9.99 -17.59
CA GLY C 209 4.55 9.79 -16.15
C GLY C 209 4.61 8.34 -15.73
N SER C 210 4.39 7.42 -16.67
CA SER C 210 4.41 6.00 -16.35
C SER C 210 5.82 5.50 -16.02
N LEU C 211 6.86 6.21 -16.46
CA LEU C 211 8.22 5.73 -16.28
C LEU C 211 8.69 5.78 -14.83
N ALA C 212 7.92 6.43 -13.94
CA ALA C 212 8.36 6.56 -12.55
C ALA C 212 8.28 5.26 -11.78
N LEU C 213 7.43 4.32 -12.20
CA LEU C 213 7.26 3.06 -11.49
C LEU C 213 8.03 1.92 -12.12
N SER C 214 8.84 2.19 -13.13
CA SER C 214 9.87 1.23 -13.53
C SER C 214 11.00 1.26 -12.51
N ASN C 215 11.92 0.30 -12.65
CA ASN C 215 13.15 0.32 -11.86
C ASN C 215 12.87 0.25 -10.36
N ILE C 216 11.98 -0.66 -9.97
CA ILE C 216 11.83 -1.02 -8.55
C ILE C 216 12.73 -2.21 -8.28
N GLN C 217 13.41 -2.21 -7.13
CA GLN C 217 14.37 -3.24 -6.79
C GLN C 217 14.32 -3.48 -5.29
N VAL C 218 14.20 -4.74 -4.88
CA VAL C 218 13.95 -5.11 -3.48
C VAL C 218 14.93 -6.18 -3.05
N ARG C 219 15.46 -6.05 -1.84
CA ARG C 219 16.26 -7.09 -1.18
C ARG C 219 15.56 -7.47 0.12
N LEU C 220 15.36 -8.77 0.33
CA LEU C 220 14.54 -9.25 1.45
C LEU C 220 15.21 -10.42 2.15
N GLY C 221 15.08 -10.47 3.46
CA GLY C 221 15.57 -11.59 4.25
C GLY C 221 14.58 -11.95 5.34
N MET C 222 14.52 -13.25 5.66
CA MET C 222 13.43 -13.79 6.48
C MET C 222 13.93 -14.77 7.53
N GLU C 223 13.21 -14.81 8.66
CA GLU C 223 13.32 -15.85 9.68
C GLU C 223 11.91 -16.34 10.01
N GLY C 224 11.78 -17.62 10.35
CA GLY C 224 10.46 -18.13 10.70
C GLY C 224 10.40 -19.40 11.52
N LYS C 225 9.41 -19.48 12.40
CA LYS C 225 9.08 -20.67 13.16
C LYS C 225 7.59 -20.98 12.95
N ALA C 226 7.23 -22.26 12.95
CA ALA C 226 5.85 -22.66 12.75
C ALA C 226 5.53 -23.91 13.54
N ARG C 227 4.29 -23.99 14.02
CA ARG C 227 3.75 -25.16 14.69
C ARG C 227 2.36 -25.43 14.12
N HIS C 228 2.00 -26.70 14.00
CA HIS C 228 0.70 -27.03 13.41
C HIS C 228 0.17 -28.34 13.97
N LYS C 229 -1.14 -28.52 13.82
CA LYS C 229 -1.86 -29.69 14.32
C LYS C 229 -2.92 -30.13 13.32
N GLU C 230 -3.22 -31.42 13.33
CA GLU C 230 -4.42 -31.95 12.70
C GLU C 230 -5.44 -32.24 13.79
N LEU C 231 -6.67 -31.77 13.60
CA LEU C 231 -7.74 -32.03 14.56
C LEU C 231 -8.48 -33.31 14.18
N GLU D 79 -34.96 -20.86 7.81
CA GLU D 79 -35.44 -20.83 6.41
C GLU D 79 -34.73 -19.77 5.56
N ALA D 80 -35.04 -18.50 5.82
CA ALA D 80 -34.58 -17.43 4.95
C ALA D 80 -33.06 -17.35 4.91
N GLU D 81 -32.42 -17.33 6.07
CA GLU D 81 -30.97 -17.18 6.10
C GLU D 81 -30.28 -18.34 5.40
N GLU D 82 -30.85 -19.54 5.48
CA GLU D 82 -30.23 -20.69 4.84
C GLU D 82 -30.23 -20.54 3.32
N LYS D 83 -31.37 -20.13 2.75
CA LYS D 83 -31.42 -19.90 1.31
C LYS D 83 -30.52 -18.74 0.90
N TYR D 84 -30.45 -17.70 1.73
CA TYR D 84 -29.55 -16.60 1.44
C TYR D 84 -28.10 -17.08 1.37
N ILE D 85 -27.67 -17.89 2.35
CA ILE D 85 -26.30 -18.38 2.35
C ILE D 85 -26.06 -19.32 1.19
N GLU D 86 -27.05 -20.14 0.84
CA GLU D 86 -26.90 -21.00 -0.32
C GLU D 86 -26.69 -20.18 -1.58
N ARG D 87 -27.42 -19.08 -1.72
CA ARG D 87 -27.24 -18.22 -2.90
C ARG D 87 -25.89 -17.51 -2.88
N GLN D 88 -25.39 -17.17 -1.70
CA GLN D 88 -24.11 -16.46 -1.63
C GLN D 88 -22.93 -17.37 -1.99
N LEU D 89 -23.03 -18.66 -1.72
CA LEU D 89 -21.90 -19.56 -1.86
C LEU D 89 -21.71 -20.09 -3.28
N LYS D 90 -22.60 -19.75 -4.22
CA LYS D 90 -22.46 -20.25 -5.59
C LYS D 90 -21.33 -19.55 -6.32
N TYR D 91 -21.22 -18.23 -6.17
CA TYR D 91 -20.25 -17.43 -6.91
C TYR D 91 -19.74 -16.34 -5.99
N LEU D 92 -18.41 -16.25 -5.86
CA LEU D 92 -17.78 -15.34 -4.91
C LEU D 92 -17.02 -14.21 -5.58
N GLY D 93 -17.17 -14.02 -6.89
CA GLY D 93 -16.37 -13.06 -7.62
C GLY D 93 -17.01 -11.69 -7.75
N PRO D 94 -16.39 -10.82 -8.54
CA PRO D 94 -16.92 -9.46 -8.72
C PRO D 94 -18.28 -9.46 -9.42
N ILE D 95 -19.08 -8.44 -9.11
CA ILE D 95 -20.43 -8.34 -9.63
C ILE D 95 -20.78 -6.95 -10.17
N SER D 96 -19.81 -6.03 -10.25
CA SER D 96 -20.14 -4.67 -10.63
C SER D 96 -20.57 -4.58 -12.09
N GLN D 97 -21.27 -3.49 -12.42
CA GLN D 97 -21.83 -3.28 -13.75
C GLN D 97 -21.36 -1.96 -14.38
N VAL D 98 -20.21 -1.43 -13.93
CA VAL D 98 -19.77 -0.12 -14.39
C VAL D 98 -19.36 -0.09 -15.85
N SER D 99 -19.20 -1.25 -16.48
CA SER D 99 -18.75 -1.28 -17.87
C SER D 99 -19.85 -0.93 -18.86
N ASP D 100 -21.08 -0.73 -18.39
CA ASP D 100 -22.21 -0.37 -19.24
C ASP D 100 -22.75 0.96 -18.74
N ALA D 101 -22.84 1.94 -19.65
CA ALA D 101 -23.30 3.28 -19.31
C ALA D 101 -24.72 3.58 -19.76
N TYR D 102 -25.41 2.62 -20.36
CA TYR D 102 -26.71 2.84 -20.99
C TYR D 102 -27.77 1.88 -20.47
N ARG D 103 -27.90 1.77 -19.15
CA ARG D 103 -28.79 0.80 -18.52
C ARG D 103 -29.88 1.49 -17.71
N LEU D 104 -30.99 0.78 -17.53
CA LEU D 104 -32.11 1.26 -16.73
C LEU D 104 -32.02 0.69 -15.31
N ASP D 105 -32.85 1.24 -14.42
CA ASP D 105 -32.86 0.88 -13.01
C ASP D 105 -34.07 0.05 -12.62
N THR D 106 -34.82 -0.48 -13.60
CA THR D 106 -36.10 -1.10 -13.29
C THR D 106 -35.95 -2.36 -12.43
N THR D 107 -34.81 -3.03 -12.51
CA THR D 107 -34.67 -4.34 -11.88
C THR D 107 -34.69 -4.27 -10.36
N THR D 108 -34.48 -3.09 -9.78
CA THR D 108 -34.40 -2.98 -8.32
C THR D 108 -35.76 -2.77 -7.66
N LEU D 109 -36.77 -2.39 -8.42
CA LEU D 109 -38.05 -2.00 -7.84
C LEU D 109 -38.88 -3.22 -7.48
N LYS D 110 -39.76 -3.05 -6.49
CA LYS D 110 -40.62 -4.13 -6.00
C LYS D 110 -41.96 -3.51 -5.61
N ILE D 111 -42.98 -3.76 -6.42
CA ILE D 111 -44.32 -3.22 -6.20
C ILE D 111 -45.23 -4.40 -5.90
N GLU D 112 -45.46 -4.66 -4.62
CA GLU D 112 -46.35 -5.74 -4.20
C GLU D 112 -46.81 -5.42 -2.79
N PHE D 113 -47.95 -5.99 -2.40
CA PHE D 113 -48.57 -5.60 -1.14
C PHE D 113 -47.64 -5.86 0.04
N ASP D 114 -46.98 -7.02 0.05
CA ASP D 114 -46.07 -7.33 1.15
C ASP D 114 -44.89 -6.36 1.21
N ASP D 115 -44.57 -5.69 0.10
CA ASP D 115 -43.49 -4.72 0.07
C ASP D 115 -43.98 -3.28 0.16
N SER D 116 -45.17 -2.99 -0.37
CA SER D 116 -45.72 -1.64 -0.31
C SER D 116 -46.22 -1.29 1.08
N PHE D 117 -46.64 -2.29 1.86
CA PHE D 117 -47.22 -2.08 3.18
C PHE D 117 -46.46 -2.95 4.18
N PRO D 118 -45.25 -2.55 4.54
CA PRO D 118 -44.41 -3.42 5.38
C PRO D 118 -44.93 -3.53 6.80
N GLU D 119 -44.50 -4.60 7.47
CA GLU D 119 -44.92 -4.92 8.82
C GLU D 119 -43.69 -5.03 9.72
N VAL D 120 -43.80 -4.51 10.94
CA VAL D 120 -42.63 -4.43 11.82
C VAL D 120 -42.40 -5.74 12.55
N SER D 121 -43.44 -6.55 12.76
CA SER D 121 -43.28 -7.84 13.41
C SER D 121 -44.40 -8.77 12.94
N LYS D 122 -44.20 -10.06 13.15
CA LYS D 122 -45.07 -11.08 12.59
C LYS D 122 -46.51 -10.86 13.05
N PRO D 123 -47.48 -10.80 12.13
CA PRO D 123 -48.87 -10.75 12.55
C PRO D 123 -49.33 -12.04 13.20
N GLY D 124 -50.34 -11.92 14.06
CA GLY D 124 -51.06 -13.06 14.56
C GLY D 124 -52.28 -13.34 13.71
N PRO D 125 -52.95 -14.46 13.94
CA PRO D 125 -54.11 -14.79 13.10
C PRO D 125 -55.25 -13.78 13.19
N ALA D 126 -55.33 -13.00 14.26
CA ALA D 126 -56.38 -12.00 14.36
C ALA D 126 -56.13 -10.81 13.42
N LEU D 127 -54.86 -10.57 13.06
CA LEU D 127 -54.50 -9.49 12.16
C LEU D 127 -54.35 -9.96 10.71
N GLU D 128 -54.12 -11.26 10.52
CA GLU D 128 -53.99 -11.81 9.18
C GLU D 128 -55.26 -11.60 8.36
N SER D 129 -56.42 -11.64 9.00
CA SER D 129 -57.66 -11.43 8.26
C SER D 129 -57.74 -10.01 7.69
N VAL D 130 -57.36 -9.01 8.49
CA VAL D 130 -57.36 -7.64 8.02
C VAL D 130 -56.37 -7.48 6.88
N ARG D 131 -55.17 -8.06 7.04
CA ARG D 131 -54.21 -8.06 5.95
C ARG D 131 -54.80 -8.67 4.69
N LYS D 132 -55.55 -9.77 4.86
CA LYS D 132 -56.11 -10.49 3.72
C LYS D 132 -57.10 -9.63 2.96
N LEU D 133 -57.97 -8.92 3.67
CA LEU D 133 -58.93 -8.05 2.99
C LEU D 133 -58.21 -6.91 2.26
N ASN D 134 -57.30 -6.23 2.96
CA ASN D 134 -56.62 -5.09 2.36
C ASN D 134 -55.83 -5.49 1.12
N ARG D 135 -55.24 -6.70 1.13
CA ARG D 135 -54.45 -7.13 -0.01
C ARG D 135 -55.29 -7.15 -1.29
N ILE D 136 -56.45 -7.81 -1.23
CA ILE D 136 -57.25 -7.93 -2.45
C ILE D 136 -57.73 -6.55 -2.88
N LEU D 137 -58.15 -5.70 -1.94
CA LEU D 137 -58.58 -4.37 -2.36
C LEU D 137 -57.47 -3.65 -3.13
N TYR D 138 -56.28 -3.59 -2.54
CA TYR D 138 -55.17 -2.87 -3.15
C TYR D 138 -54.85 -3.43 -4.53
N GLU D 139 -54.66 -4.76 -4.63
CA GLU D 139 -54.21 -5.34 -5.88
C GLU D 139 -55.26 -5.21 -6.96
N GLY D 140 -56.54 -5.42 -6.62
CA GLY D 140 -57.58 -5.28 -7.63
C GLY D 140 -57.62 -3.89 -8.22
N MET D 141 -57.61 -2.85 -7.36
CA MET D 141 -57.65 -1.49 -7.88
C MET D 141 -56.42 -1.22 -8.75
N SER D 142 -55.24 -1.62 -8.26
CA SER D 142 -54.00 -1.33 -8.98
C SER D 142 -54.01 -1.95 -10.36
N ASP D 143 -54.48 -3.20 -10.47
CA ASP D 143 -54.48 -3.87 -11.77
C ASP D 143 -55.54 -3.28 -12.69
N ALA D 144 -56.71 -2.94 -12.16
CA ALA D 144 -57.77 -2.41 -13.01
C ALA D 144 -57.33 -1.13 -13.71
N ILE D 145 -56.76 -0.19 -12.94
CA ILE D 145 -56.39 1.09 -13.55
C ILE D 145 -55.34 0.88 -14.63
N HIS D 146 -54.35 0.05 -14.34
CA HIS D 146 -53.28 -0.20 -15.30
C HIS D 146 -53.83 -0.82 -16.58
N ILE D 147 -54.73 -1.79 -16.45
CA ILE D 147 -55.31 -2.42 -17.65
C ILE D 147 -56.02 -1.37 -18.50
N ILE D 148 -56.88 -0.56 -17.87
CA ILE D 148 -57.66 0.39 -18.65
C ILE D 148 -56.75 1.37 -19.38
N PHE D 149 -55.77 1.93 -18.67
CA PHE D 149 -54.90 2.92 -19.30
C PHE D 149 -54.03 2.29 -20.37
N SER D 150 -53.55 1.07 -20.16
CA SER D 150 -52.76 0.40 -21.18
C SER D 150 -53.56 0.19 -22.44
N LEU D 151 -54.83 -0.22 -22.30
CA LEU D 151 -55.63 -0.52 -23.48
C LEU D 151 -55.98 0.76 -24.26
N PHE D 152 -56.45 1.79 -23.55
CA PHE D 152 -57.03 2.94 -24.26
C PHE D 152 -56.05 4.09 -24.48
N LEU D 153 -54.85 4.07 -23.88
CA LEU D 153 -53.85 5.08 -24.16
C LEU D 153 -52.52 4.51 -24.64
N GLY D 154 -52.12 3.32 -24.18
CA GLY D 154 -50.89 2.72 -24.69
C GLY D 154 -50.96 2.45 -26.19
N PHE D 155 -52.17 2.24 -26.70
CA PHE D 155 -52.36 1.97 -28.12
C PHE D 155 -51.79 3.10 -28.98
N LEU D 156 -52.03 4.35 -28.57
CA LEU D 156 -51.50 5.49 -29.31
C LEU D 156 -50.01 5.70 -29.05
N ALA D 157 -49.57 5.45 -27.81
CA ALA D 157 -48.17 5.63 -27.47
C ALA D 157 -47.29 4.71 -28.32
N ALA D 158 -47.72 3.47 -28.52
CA ALA D 158 -46.92 2.54 -29.32
C ALA D 158 -46.68 3.08 -30.73
N ILE D 159 -47.75 3.50 -31.40
CA ILE D 159 -47.64 4.03 -32.76
C ILE D 159 -46.70 5.24 -32.78
N THR D 160 -46.96 6.19 -31.87
CA THR D 160 -46.21 7.44 -31.90
C THR D 160 -44.73 7.20 -31.65
N VAL D 161 -44.40 6.33 -30.70
CA VAL D 161 -43.00 6.06 -30.41
C VAL D 161 -42.35 5.28 -31.54
N GLY D 162 -43.10 4.38 -32.18
CA GLY D 162 -42.54 3.62 -33.28
C GLY D 162 -42.07 4.51 -34.42
N PHE D 163 -42.87 5.53 -34.75
CA PHE D 163 -42.48 6.43 -35.84
C PHE D 163 -41.10 7.06 -35.59
N PHE D 164 -40.96 7.69 -34.42
CA PHE D 164 -39.70 8.37 -34.11
C PHE D 164 -38.55 7.39 -33.95
N MET D 165 -38.81 6.19 -33.44
CA MET D 165 -37.73 5.21 -33.32
C MET D 165 -37.23 4.76 -34.68
N GLY D 166 -38.14 4.59 -35.66
CA GLY D 166 -37.68 4.29 -37.00
C GLY D 166 -36.79 5.37 -37.57
N MET D 167 -37.21 6.63 -37.42
CA MET D 167 -36.34 7.72 -37.91
C MET D 167 -34.99 7.71 -37.19
N ALA D 168 -35.00 7.45 -35.88
CA ALA D 168 -33.75 7.43 -35.10
C ALA D 168 -32.81 6.36 -35.60
N ARG D 169 -33.32 5.16 -35.87
CA ARG D 169 -32.47 4.10 -36.39
C ARG D 169 -31.86 4.50 -37.73
N PHE D 170 -32.67 5.08 -38.62
CA PHE D 170 -32.11 5.47 -39.91
C PHE D 170 -30.98 6.46 -39.74
N MET D 171 -31.19 7.49 -38.90
CA MET D 171 -30.15 8.50 -38.72
C MET D 171 -28.90 7.90 -38.11
N TYR D 172 -29.05 7.03 -37.11
CA TYR D 172 -27.87 6.41 -36.50
C TYR D 172 -27.05 5.67 -37.54
N THR D 173 -27.70 4.89 -38.41
CA THR D 173 -26.94 4.11 -39.37
C THR D 173 -26.28 5.00 -40.43
N TYR D 174 -27.04 5.93 -41.01
CA TYR D 174 -26.59 6.58 -42.24
C TYR D 174 -26.04 8.00 -42.05
N MET D 175 -25.95 8.50 -40.81
CA MET D 175 -25.33 9.82 -40.66
C MET D 175 -24.26 9.88 -39.59
N ALA D 176 -24.42 9.16 -38.48
CA ALA D 176 -23.48 9.29 -37.37
C ALA D 176 -22.21 8.48 -37.61
N GLY D 177 -22.36 7.25 -38.09
CA GLY D 177 -21.24 6.35 -38.24
C GLY D 177 -20.18 6.85 -39.21
N PRO D 178 -20.61 7.27 -40.40
CA PRO D 178 -19.64 7.86 -41.34
C PRO D 178 -18.92 9.07 -40.78
N PHE D 179 -19.64 9.95 -40.08
CA PHE D 179 -19.02 11.13 -39.47
C PHE D 179 -17.94 10.70 -38.48
N ASN D 180 -18.25 9.72 -37.64
CA ASN D 180 -17.27 9.28 -36.65
C ASN D 180 -16.06 8.63 -37.31
N GLN D 181 -16.27 7.82 -38.35
CA GLN D 181 -15.13 7.18 -39.02
C GLN D 181 -14.23 8.22 -39.67
N LEU D 182 -14.82 9.22 -40.34
CA LEU D 182 -14.00 10.26 -40.95
C LEU D 182 -13.25 11.04 -39.88
N MET D 183 -13.88 11.32 -38.74
CA MET D 183 -13.17 11.98 -37.66
C MET D 183 -12.01 11.14 -37.15
N PHE D 184 -12.21 9.82 -37.06
CA PHE D 184 -11.11 8.94 -36.65
C PHE D 184 -9.94 9.05 -37.60
N LEU D 185 -10.22 9.03 -38.91
CA LEU D 185 -9.12 9.14 -39.87
C LEU D 185 -8.41 10.49 -39.72
N LEU D 186 -9.15 11.57 -39.53
CA LEU D 186 -8.49 12.87 -39.40
C LEU D 186 -7.66 12.96 -38.13
N ILE D 187 -8.08 12.31 -37.05
CA ILE D 187 -7.31 12.39 -35.80
C ILE D 187 -6.07 11.50 -35.88
N ALA D 188 -6.22 10.28 -36.39
CA ALA D 188 -5.13 9.31 -36.31
C ALA D 188 -3.93 9.71 -37.15
N SER D 189 -4.07 10.70 -38.04
CA SER D 189 -2.95 11.11 -38.88
C SER D 189 -2.08 12.18 -38.23
N LEU D 190 -2.54 12.82 -37.17
CA LEU D 190 -1.79 13.89 -36.50
C LEU D 190 -1.18 13.45 -35.17
N ALA D 191 -1.82 12.51 -34.47
CA ALA D 191 -1.42 12.21 -33.10
C ALA D 191 0.03 11.72 -32.95
N PRO D 192 0.57 10.86 -33.82
CA PRO D 192 1.90 10.30 -33.56
C PRO D 192 2.98 11.34 -33.38
N SER D 193 2.95 12.42 -34.19
CA SER D 193 4.00 13.43 -34.11
C SER D 193 3.95 14.17 -32.77
N TRP D 194 2.74 14.52 -32.31
CA TRP D 194 2.60 15.17 -31.02
C TRP D 194 3.08 14.27 -29.90
N ARG D 195 2.74 12.97 -29.98
CA ARG D 195 3.20 12.03 -28.97
C ARG D 195 4.73 12.02 -28.90
N ALA D 196 5.38 11.83 -30.05
CA ALA D 196 6.83 11.75 -30.07
C ALA D 196 7.46 13.05 -29.57
N PHE D 197 6.94 14.19 -30.03
CA PHE D 197 7.53 15.47 -29.67
C PHE D 197 7.43 15.72 -28.17
N PHE D 198 6.27 15.44 -27.57
CA PHE D 198 6.13 15.67 -26.14
C PHE D 198 7.03 14.72 -25.34
N ARG D 199 7.04 13.43 -25.71
CA ARG D 199 7.78 12.46 -24.92
C ARG D 199 9.28 12.74 -24.99
N ALA D 200 9.79 13.07 -26.18
CA ALA D 200 11.23 13.30 -26.29
C ALA D 200 11.70 14.41 -25.38
N GLY D 201 10.83 15.37 -25.06
CA GLY D 201 11.21 16.47 -24.20
C GLY D 201 10.92 16.24 -22.74
N MET D 202 9.92 15.41 -22.42
CA MET D 202 9.49 15.27 -21.03
C MET D 202 9.94 13.99 -20.35
N ASP D 203 10.33 12.95 -21.08
CA ASP D 203 10.62 11.67 -20.44
C ASP D 203 11.77 11.72 -19.44
N PRO D 204 12.91 12.37 -19.72
CA PRO D 204 14.02 12.33 -18.76
C PRO D 204 13.62 12.71 -17.34
N ILE D 205 12.66 13.61 -17.20
CA ILE D 205 12.27 14.09 -15.88
C ILE D 205 11.70 12.96 -15.04
N PHE D 206 11.11 11.95 -15.68
CA PHE D 206 10.57 10.81 -14.96
C PHE D 206 11.51 9.60 -14.95
N GLU D 207 12.50 9.56 -15.84
CA GLU D 207 13.56 8.58 -15.71
C GLU D 207 14.44 8.90 -14.50
N SER D 208 14.73 10.18 -14.28
CA SER D 208 15.48 10.56 -13.09
C SER D 208 14.70 10.26 -11.81
N GLY D 209 13.40 10.55 -11.80
CA GLY D 209 12.60 10.30 -10.62
C GLY D 209 12.40 8.83 -10.32
N SER D 210 12.73 7.95 -11.27
CA SER D 210 12.56 6.52 -11.05
C SER D 210 13.56 5.96 -10.05
N LEU D 211 14.69 6.64 -9.83
CA LEU D 211 15.74 6.12 -8.96
C LEU D 211 15.34 6.10 -7.50
N ALA D 212 14.22 6.72 -7.13
CA ALA D 212 13.84 6.80 -5.72
C ALA D 212 13.36 5.46 -5.18
N LEU D 213 12.86 4.57 -6.04
CA LEU D 213 12.32 3.29 -5.60
C LEU D 213 13.31 2.14 -5.78
N SER D 214 14.55 2.43 -6.18
CA SER D 214 15.61 1.46 -6.02
C SER D 214 16.02 1.40 -4.55
N ASN D 215 16.85 0.42 -4.22
CA ASN D 215 17.46 0.37 -2.89
C ASN D 215 16.42 0.25 -1.79
N ILE D 216 15.45 -0.65 -1.98
CA ILE D 216 14.57 -1.06 -0.89
C ILE D 216 15.17 -2.30 -0.23
N GLN D 217 15.12 -2.36 1.09
CA GLN D 217 15.74 -3.44 1.84
C GLN D 217 14.88 -3.74 3.06
N VAL D 218 14.56 -5.02 3.28
CA VAL D 218 13.60 -5.42 4.30
C VAL D 218 14.19 -6.56 5.13
N ARG D 219 13.99 -6.49 6.44
CA ARG D 219 14.29 -7.58 7.38
C ARG D 219 13.00 -7.99 8.08
N LEU D 220 12.71 -9.29 8.09
CA LEU D 220 11.43 -9.79 8.55
C LEU D 220 11.60 -11.01 9.43
N GLY D 221 10.77 -11.10 10.47
CA GLY D 221 10.76 -12.27 11.34
C GLY D 221 9.33 -12.64 11.70
N MET D 222 9.09 -13.95 11.85
CA MET D 222 7.73 -14.48 11.91
C MET D 222 7.58 -15.55 12.98
N GLU D 223 6.38 -15.59 13.58
CA GLU D 223 5.92 -16.68 14.43
C GLU D 223 4.55 -17.12 13.95
N GLY D 224 4.23 -18.41 14.10
CA GLY D 224 2.94 -18.89 13.66
C GLY D 224 2.45 -20.19 14.26
N LYS D 225 1.13 -20.27 14.47
CA LYS D 225 0.44 -21.49 14.86
C LYS D 225 -0.71 -21.73 13.88
N ALA D 226 -1.00 -23.00 13.61
CA ALA D 226 -2.07 -23.34 12.67
C ALA D 226 -2.77 -24.62 13.09
N ARG D 227 -4.08 -24.66 12.84
CA ARG D 227 -4.90 -25.85 13.04
C ARG D 227 -5.77 -26.05 11.80
N HIS D 228 -6.02 -27.30 11.43
CA HIS D 228 -6.79 -27.57 10.23
C HIS D 228 -7.56 -28.87 10.36
N LYS D 229 -8.58 -29.00 9.51
CA LYS D 229 -9.47 -30.16 9.48
C LYS D 229 -9.82 -30.52 8.06
N GLU D 230 -10.08 -31.81 7.83
CA GLU D 230 -10.76 -32.27 6.63
C GLU D 230 -12.21 -32.57 6.98
N LEU D 231 -13.14 -32.06 6.18
CA LEU D 231 -14.56 -32.32 6.40
C LEU D 231 -15.00 -33.55 5.61
N GLU E 79 -33.79 -19.97 -13.32
CA GLU E 79 -33.44 -19.86 -14.77
C GLU E 79 -32.38 -18.80 -15.03
N ALA E 80 -32.78 -17.52 -14.93
CA ALA E 80 -31.91 -16.44 -15.36
C ALA E 80 -30.61 -16.40 -14.57
N GLU E 81 -30.69 -16.45 -13.24
CA GLU E 81 -29.48 -16.36 -12.43
C GLU E 81 -28.53 -17.51 -12.70
N GLU E 82 -29.06 -18.70 -13.00
CA GLU E 82 -28.20 -19.84 -13.27
C GLU E 82 -27.39 -19.62 -14.55
N LYS E 83 -28.04 -19.15 -15.62
CA LYS E 83 -27.30 -18.86 -16.84
C LYS E 83 -26.32 -17.72 -16.63
N TYR E 84 -26.70 -16.71 -15.84
CA TYR E 84 -25.77 -15.62 -15.54
C TYR E 84 -24.52 -16.15 -14.86
N ILE E 85 -24.69 -17.02 -13.85
CA ILE E 85 -23.54 -17.55 -13.13
C ILE E 85 -22.71 -18.45 -14.04
N GLU E 86 -23.36 -19.22 -14.90
CA GLU E 86 -22.62 -20.05 -15.85
C GLU E 86 -21.76 -19.19 -16.76
N ARG E 87 -22.29 -18.04 -17.19
CA ARG E 87 -21.51 -17.16 -18.05
C ARG E 87 -20.38 -16.48 -17.28
N GLN E 88 -20.57 -16.22 -15.98
CA GLN E 88 -19.53 -15.55 -15.21
C GLN E 88 -18.36 -16.49 -14.91
N LEU E 89 -18.60 -17.79 -14.81
CA LEU E 89 -17.57 -18.72 -14.37
C LEU E 89 -16.65 -19.19 -15.49
N LYS E 90 -16.89 -18.77 -16.73
CA LYS E 90 -16.05 -19.23 -17.83
C LYS E 90 -14.69 -18.54 -17.82
N TYR E 91 -14.68 -17.23 -17.57
CA TYR E 91 -13.46 -16.44 -17.64
C TYR E 91 -13.51 -15.40 -16.52
N LEU E 92 -12.47 -15.36 -15.69
CA LEU E 92 -12.44 -14.52 -14.51
C LEU E 92 -11.43 -13.38 -14.60
N GLY E 93 -10.85 -13.14 -15.77
CA GLY E 93 -9.78 -12.17 -15.90
C GLY E 93 -10.23 -10.78 -16.29
N PRO E 94 -9.27 -9.89 -16.56
CA PRO E 94 -9.61 -8.51 -16.93
C PRO E 94 -10.38 -8.44 -18.25
N ILE E 95 -11.21 -7.40 -18.37
CA ILE E 95 -12.08 -7.24 -19.53
C ILE E 95 -12.06 -5.83 -20.09
N SER E 96 -11.20 -4.93 -19.60
CA SER E 96 -11.26 -3.54 -20.02
C SER E 96 -10.83 -3.38 -21.48
N GLN E 97 -11.24 -2.26 -22.08
CA GLN E 97 -10.99 -1.97 -23.48
C GLN E 97 -10.26 -0.64 -23.69
N VAL E 98 -9.54 -0.17 -22.67
CA VAL E 98 -8.91 1.15 -22.74
C VAL E 98 -7.77 1.22 -23.76
N SER E 99 -7.30 0.08 -24.26
CA SER E 99 -6.18 0.09 -25.18
C SER E 99 -6.57 0.52 -26.59
N ASP E 100 -7.86 0.75 -26.85
CA ASP E 100 -8.36 1.16 -28.17
C ASP E 100 -9.10 2.48 -28.01
N ALA E 101 -8.65 3.50 -28.73
CA ALA E 101 -9.20 4.85 -28.61
C ALA E 101 -10.15 5.22 -29.73
N TYR E 102 -10.43 4.30 -30.67
CA TYR E 102 -11.18 4.61 -31.88
C TYR E 102 -12.36 3.66 -32.06
N ARG E 103 -13.18 3.51 -31.02
CA ARG E 103 -14.27 2.54 -31.02
C ARG E 103 -15.62 3.23 -30.89
N LEU E 104 -16.66 2.55 -31.38
CA LEU E 104 -18.03 3.03 -31.27
C LEU E 104 -18.73 2.40 -30.06
N ASP E 105 -19.90 2.95 -29.72
CA ASP E 105 -20.67 2.53 -28.56
C ASP E 105 -21.91 1.72 -28.93
N THR E 106 -22.01 1.27 -30.19
CA THR E 106 -23.26 0.67 -30.65
C THR E 106 -23.60 -0.62 -29.92
N THR E 107 -22.59 -1.34 -29.40
CA THR E 107 -22.84 -2.67 -28.87
C THR E 107 -23.67 -2.66 -27.60
N THR E 108 -23.80 -1.51 -26.93
CA THR E 108 -24.52 -1.46 -25.65
C THR E 108 -26.01 -1.24 -25.82
N LEU E 109 -26.46 -0.79 -26.98
CA LEU E 109 -27.85 -0.38 -27.16
C LEU E 109 -28.75 -1.60 -27.37
N LYS E 110 -30.02 -1.44 -27.00
CA LYS E 110 -31.01 -2.51 -27.11
C LYS E 110 -32.34 -1.86 -27.47
N ILE E 111 -32.77 -2.04 -28.72
CA ILE E 111 -34.02 -1.46 -29.21
C ILE E 111 -34.94 -2.62 -29.53
N GLU E 112 -35.84 -2.93 -28.58
CA GLU E 112 -36.82 -3.99 -28.77
C GLU E 112 -37.97 -3.71 -27.80
N PHE E 113 -39.14 -4.26 -28.13
CA PHE E 113 -40.34 -3.91 -27.38
C PHE E 113 -40.19 -4.24 -25.89
N ASP E 114 -39.64 -5.42 -25.58
CA ASP E 114 -39.47 -5.80 -24.20
C ASP E 114 -38.51 -4.89 -23.46
N ASP E 115 -37.64 -4.18 -24.19
CA ASP E 115 -36.71 -3.24 -23.57
C ASP E 115 -37.15 -1.80 -23.69
N SER E 116 -37.87 -1.45 -24.76
CA SER E 116 -38.35 -0.08 -24.92
C SER E 116 -39.53 0.24 -24.00
N PHE E 117 -40.31 -0.78 -23.63
CA PHE E 117 -41.51 -0.60 -22.82
C PHE E 117 -41.41 -1.54 -21.62
N PRO E 118 -40.58 -1.21 -20.64
CA PRO E 118 -40.33 -2.13 -19.53
C PRO E 118 -41.54 -2.28 -18.63
N GLU E 119 -41.54 -3.39 -17.89
CA GLU E 119 -42.63 -3.76 -16.99
C GLU E 119 -42.07 -3.94 -15.59
N VAL E 120 -42.81 -3.45 -14.59
CA VAL E 120 -42.30 -3.45 -13.22
C VAL E 120 -42.51 -4.80 -12.55
N SER E 121 -43.51 -5.58 -12.97
CA SER E 121 -43.74 -6.89 -12.41
C SER E 121 -44.42 -7.77 -13.45
N LYS E 122 -44.36 -9.08 -13.22
CA LYS E 122 -44.79 -10.05 -14.21
C LYS E 122 -46.25 -9.84 -14.59
N PRO E 123 -46.57 -9.69 -15.87
CA PRO E 123 -47.98 -9.61 -16.28
C PRO E 123 -48.74 -10.91 -16.04
N GLY E 124 -50.04 -10.78 -15.86
CA GLY E 124 -50.94 -11.91 -15.89
C GLY E 124 -51.51 -12.11 -17.28
N PRO E 125 -52.20 -13.22 -17.51
CA PRO E 125 -52.74 -13.48 -18.85
C PRO E 125 -53.73 -12.43 -19.34
N ALA E 126 -54.37 -11.69 -18.44
CA ALA E 126 -55.31 -10.66 -18.87
C ALA E 126 -54.58 -9.46 -19.46
N LEU E 127 -53.32 -9.24 -19.07
CA LEU E 127 -52.51 -8.14 -19.58
C LEU E 127 -51.62 -8.55 -20.74
N GLU E 128 -51.33 -9.85 -20.85
CA GLU E 128 -50.49 -10.34 -21.93
C GLU E 128 -51.12 -10.07 -23.29
N SER E 129 -52.45 -10.09 -23.38
CA SER E 129 -53.10 -9.81 -24.67
C SER E 129 -52.86 -8.36 -25.11
N VAL E 130 -52.96 -7.42 -24.17
CA VAL E 130 -52.69 -6.02 -24.50
C VAL E 130 -51.24 -5.85 -24.91
N ARG E 131 -50.32 -6.47 -24.15
CA ARG E 131 -48.92 -6.45 -24.56
C ARG E 131 -48.75 -7.00 -25.98
N LYS E 132 -49.48 -8.07 -26.29
CA LYS E 132 -49.33 -8.72 -27.60
C LYS E 132 -49.76 -7.80 -28.72
N LEU E 133 -50.88 -7.10 -28.55
CA LEU E 133 -51.31 -6.16 -29.58
C LEU E 133 -50.30 -5.02 -29.77
N ASN E 134 -49.90 -4.41 -28.64
CA ASN E 134 -49.00 -3.27 -28.73
C ASN E 134 -47.67 -3.65 -29.36
N ARG E 135 -47.18 -4.86 -29.11
CA ARG E 135 -45.90 -5.28 -29.66
C ARG E 135 -45.93 -5.22 -31.19
N ILE E 136 -46.93 -5.83 -31.80
CA ILE E 136 -46.96 -5.87 -33.26
C ILE E 136 -47.12 -4.47 -33.82
N LEU E 137 -47.98 -3.64 -33.20
CA LEU E 137 -48.11 -2.28 -33.71
C LEU E 137 -46.75 -1.58 -33.73
N TYR E 138 -46.07 -1.57 -32.58
CA TYR E 138 -44.80 -0.87 -32.47
C TYR E 138 -43.78 -1.39 -33.48
N GLU E 139 -43.58 -2.71 -33.52
CA GLU E 139 -42.53 -3.25 -34.37
C GLU E 139 -42.84 -3.06 -35.85
N GLY E 140 -44.10 -3.22 -36.25
CA GLY E 140 -44.43 -3.01 -37.64
C GLY E 140 -44.14 -1.59 -38.09
N MET E 141 -44.59 -0.60 -37.31
CA MET E 141 -44.33 0.79 -37.69
C MET E 141 -42.83 1.06 -37.76
N SER E 142 -42.10 0.59 -36.74
CA SER E 142 -40.67 0.87 -36.66
C SER E 142 -39.93 0.30 -37.86
N ASP E 143 -40.28 -0.92 -38.27
CA ASP E 143 -39.57 -1.54 -39.39
C ASP E 143 -39.96 -0.89 -40.71
N ALA E 144 -41.24 -0.52 -40.86
CA ALA E 144 -41.66 0.09 -42.12
C ALA E 144 -40.90 1.38 -42.38
N ILE E 145 -40.85 2.28 -41.40
CA ILE E 145 -40.20 3.57 -41.65
C ILE E 145 -38.74 3.36 -42.01
N HIS E 146 -38.06 2.48 -41.28
CA HIS E 146 -36.64 2.23 -41.53
C HIS E 146 -36.42 1.69 -42.93
N ILE E 147 -37.26 0.75 -43.36
CA ILE E 147 -37.10 0.19 -44.71
C ILE E 147 -37.23 1.29 -45.75
N ILE E 148 -38.28 2.10 -45.65
CA ILE E 148 -38.53 3.10 -46.68
C ILE E 148 -37.36 4.08 -46.75
N PHE E 149 -36.92 4.59 -45.59
CA PHE E 149 -35.85 5.57 -45.61
C PHE E 149 -34.53 4.96 -46.09
N SER E 150 -34.26 3.71 -45.70
CA SER E 150 -33.04 3.06 -46.16
C SER E 150 -33.03 2.93 -47.68
N LEU E 151 -34.17 2.56 -48.26
CA LEU E 151 -34.20 2.34 -49.70
C LEU E 151 -34.08 3.65 -50.47
N PHE E 152 -34.85 4.68 -50.07
CA PHE E 152 -34.95 5.86 -50.92
C PHE E 152 -34.01 7.00 -50.51
N LEU E 153 -33.31 6.90 -49.38
CA LEU E 153 -32.31 7.89 -49.01
C LEU E 153 -30.94 7.30 -48.73
N GLY E 154 -30.86 6.07 -48.21
CA GLY E 154 -29.56 5.45 -48.01
C GLY E 154 -28.81 5.26 -49.31
N PHE E 155 -29.54 5.09 -50.41
CA PHE E 155 -28.92 4.88 -51.72
C PHE E 155 -28.00 6.05 -52.08
N LEU E 156 -28.44 7.28 -51.81
CA LEU E 156 -27.59 8.45 -52.06
C LEU E 156 -26.46 8.58 -51.05
N ALA E 157 -26.75 8.26 -49.78
CA ALA E 157 -25.75 8.38 -48.73
C ALA E 157 -24.56 7.47 -49.01
N ALA E 158 -24.82 6.25 -49.48
CA ALA E 158 -23.72 5.34 -49.76
C ALA E 158 -22.76 5.92 -50.79
N ILE E 159 -23.30 6.41 -51.92
CA ILE E 159 -22.46 6.99 -52.96
C ILE E 159 -21.66 8.16 -52.41
N THR E 160 -22.35 9.08 -51.74
CA THR E 160 -21.70 10.31 -51.30
C THR E 160 -20.58 10.01 -50.30
N VAL E 161 -20.83 9.09 -49.37
CA VAL E 161 -19.80 8.76 -48.39
C VAL E 161 -18.65 8.01 -49.04
N GLY E 162 -18.94 7.16 -50.02
CA GLY E 162 -17.88 6.42 -50.69
C GLY E 162 -16.87 7.35 -51.35
N PHE E 163 -17.36 8.41 -52.00
CA PHE E 163 -16.43 9.34 -52.66
C PHE E 163 -15.42 9.91 -51.67
N PHE E 164 -15.91 10.49 -50.57
CA PHE E 164 -15.03 11.12 -49.61
C PHE E 164 -14.13 10.09 -48.92
N MET E 165 -14.64 8.87 -48.69
CA MET E 165 -13.81 7.86 -48.06
C MET E 165 -12.65 7.44 -48.96
N GLY E 166 -12.89 7.35 -50.27
CA GLY E 166 -11.78 7.08 -51.18
C GLY E 166 -10.72 8.16 -51.11
N MET E 167 -11.14 9.43 -51.15
CA MET E 167 -10.14 10.49 -51.02
C MET E 167 -9.39 10.40 -49.69
N ALA E 168 -10.11 10.09 -48.61
CA ALA E 168 -9.48 10.01 -47.30
C ALA E 168 -8.42 8.92 -47.25
N ARG E 169 -8.72 7.75 -47.83
CA ARG E 169 -7.73 6.69 -47.86
C ARG E 169 -6.49 7.13 -48.64
N PHE E 170 -6.68 7.76 -49.80
CA PHE E 170 -5.52 8.19 -50.57
C PHE E 170 -4.65 9.14 -49.75
N MET E 171 -5.28 10.14 -49.11
CA MET E 171 -4.50 11.10 -48.34
C MET E 171 -3.77 10.44 -47.19
N TYR E 172 -4.44 9.52 -46.48
CA TYR E 172 -3.78 8.84 -45.36
C TYR E 172 -2.54 8.12 -45.83
N THR E 173 -2.61 7.41 -46.96
CA THR E 173 -1.45 6.64 -47.39
C THR E 173 -0.33 7.55 -47.89
N TYR E 174 -0.65 8.53 -48.74
CA TYR E 174 0.39 9.21 -49.49
C TYR E 174 0.75 10.60 -48.96
N MET E 175 0.18 11.04 -47.84
CA MET E 175 0.64 12.32 -47.30
C MET E 175 0.96 12.30 -45.82
N ALA E 176 0.22 11.54 -45.01
CA ALA E 176 0.41 11.60 -43.57
C ALA E 176 1.61 10.76 -43.13
N GLY E 177 1.73 9.55 -43.68
CA GLY E 177 2.76 8.62 -43.26
C GLY E 177 4.17 9.12 -43.47
N PRO E 178 4.46 9.62 -44.68
CA PRO E 178 5.78 10.21 -44.93
C PRO E 178 6.09 11.38 -44.00
N PHE E 179 5.10 12.25 -43.76
CA PHE E 179 5.31 13.37 -42.85
C PHE E 179 5.69 12.88 -41.46
N ASN E 180 4.96 11.87 -40.97
CA ASN E 180 5.25 11.36 -39.64
C ASN E 180 6.62 10.69 -39.57
N GLN E 181 7.00 9.94 -40.61
CA GLN E 181 8.32 9.29 -40.58
C GLN E 181 9.44 10.32 -40.60
N LEU E 182 9.31 11.37 -41.42
CA LEU E 182 10.32 12.41 -41.44
C LEU E 182 10.40 13.12 -40.10
N MET E 183 9.26 13.37 -39.47
CA MET E 183 9.27 13.96 -38.13
C MET E 183 9.97 13.06 -37.13
N PHE E 184 9.74 11.75 -37.22
CA PHE E 184 10.44 10.81 -36.34
C PHE E 184 11.94 10.93 -36.51
N LEU E 185 12.41 10.97 -37.76
CA LEU E 185 13.85 11.09 -37.96
C LEU E 185 14.39 12.39 -37.40
N LEU E 186 13.66 13.49 -37.58
CA LEU E 186 14.15 14.76 -37.05
C LEU E 186 14.17 14.77 -35.52
N ILE E 187 13.23 14.09 -34.87
CA ILE E 187 13.21 14.10 -33.41
C ILE E 187 14.28 13.17 -32.85
N ALA E 188 14.43 11.98 -33.43
CA ALA E 188 15.30 10.96 -32.83
C ALA E 188 16.77 11.36 -32.87
N SER E 189 17.14 12.39 -33.62
CA SER E 189 18.54 12.80 -33.70
C SER E 189 18.93 13.81 -32.63
N LEU E 190 17.97 14.43 -31.96
CA LEU E 190 18.25 15.43 -30.94
C LEU E 190 18.04 14.93 -29.51
N ALA E 191 17.13 13.98 -29.32
CA ALA E 191 16.72 13.60 -27.97
C ALA E 191 17.86 13.06 -27.09
N PRO E 192 18.76 12.22 -27.59
CA PRO E 192 19.74 11.60 -26.67
C PRO E 192 20.57 12.60 -25.88
N SER E 193 20.99 13.70 -26.51
CA SER E 193 21.83 14.68 -25.84
C SER E 193 21.07 15.35 -24.70
N TRP E 194 19.81 15.72 -24.95
CA TRP E 194 19.01 16.34 -23.90
C TRP E 194 18.80 15.37 -22.74
N ARG E 195 18.54 14.10 -23.06
CA ARG E 195 18.38 13.10 -22.01
C ARG E 195 19.63 13.03 -21.13
N ALA E 196 20.79 12.87 -21.77
CA ALA E 196 22.03 12.74 -21.01
C ALA E 196 22.29 13.99 -20.18
N PHE E 197 22.12 15.17 -20.79
CA PHE E 197 22.43 16.41 -20.09
C PHE E 197 21.54 16.60 -18.87
N PHE E 198 20.24 16.34 -19.01
CA PHE E 198 19.35 16.51 -17.86
C PHE E 198 19.66 15.51 -16.77
N ARG E 199 19.87 14.23 -17.14
CA ARG E 199 20.06 13.21 -16.13
C ARG E 199 21.36 13.43 -15.36
N ALA E 200 22.43 13.80 -16.07
CA ALA E 200 23.71 13.98 -15.38
C ALA E 200 23.62 15.03 -14.29
N GLY E 201 22.73 16.02 -14.45
CA GLY E 201 22.58 17.06 -13.45
C GLY E 201 21.54 16.78 -12.39
N MET E 202 20.53 15.97 -12.71
CA MET E 202 19.43 15.78 -11.78
C MET E 202 19.48 14.47 -11.00
N ASP E 203 20.14 13.43 -11.50
CA ASP E 203 20.04 12.12 -10.87
C ASP E 203 20.48 12.10 -9.40
N PRO E 204 21.59 12.72 -9.00
CA PRO E 204 22.01 12.60 -7.59
C PRO E 204 20.91 12.94 -6.60
N ILE E 205 20.02 13.87 -6.96
CA ILE E 205 18.98 14.31 -6.03
C ILE E 205 18.04 13.16 -5.69
N PHE E 206 17.89 12.20 -6.60
CA PHE E 206 17.03 11.05 -6.34
C PHE E 206 17.81 9.81 -5.89
N GLU E 207 19.12 9.79 -6.11
CA GLU E 207 19.94 8.76 -5.47
C GLU E 207 20.04 8.99 -3.97
N SER E 208 20.16 10.26 -3.56
CA SER E 208 20.16 10.57 -2.13
C SER E 208 18.81 10.23 -1.50
N GLY E 209 17.71 10.57 -2.17
CA GLY E 209 16.40 10.29 -1.62
C GLY E 209 16.06 8.82 -1.54
N SER E 210 16.84 7.97 -2.21
CA SER E 210 16.58 6.54 -2.20
C SER E 210 16.89 5.91 -0.85
N LEU E 211 17.72 6.54 -0.02
CA LEU E 211 18.14 5.95 1.24
C LEU E 211 17.01 5.87 2.26
N ALA E 212 15.88 6.53 2.01
CA ALA E 212 14.80 6.56 3.00
C ALA E 212 14.09 5.21 3.12
N LEU E 213 14.12 4.38 2.07
CA LEU E 213 13.42 3.10 2.09
C LEU E 213 14.35 1.94 2.41
N SER E 214 15.59 2.19 2.76
CA SER E 214 16.40 1.18 3.41
C SER E 214 15.96 1.04 4.87
N ASN E 215 16.48 0.03 5.54
CA ASN E 215 16.28 -0.10 6.98
C ASN E 215 14.80 -0.24 7.33
N ILE E 216 14.08 -1.10 6.61
CA ILE E 216 12.75 -1.52 7.03
C ILE E 216 12.89 -2.80 7.83
N GLN E 217 12.14 -2.91 8.92
CA GLN E 217 12.25 -4.05 9.83
C GLN E 217 10.87 -4.36 10.39
N VAL E 218 10.47 -5.63 10.31
CA VAL E 218 9.11 -6.05 10.64
C VAL E 218 9.15 -7.24 11.59
N ARG E 219 8.28 -7.22 12.59
CA ARG E 219 8.02 -8.35 13.48
C ARG E 219 6.56 -8.75 13.36
N LEU E 220 6.30 -10.04 13.13
CA LEU E 220 4.96 -10.50 12.80
C LEU E 220 4.63 -11.78 13.58
N GLY E 221 3.37 -11.88 13.99
CA GLY E 221 2.88 -13.08 14.65
C GLY E 221 1.48 -13.42 14.17
N MET E 222 1.19 -14.73 14.12
CA MET E 222 0.00 -15.21 13.43
C MET E 222 -0.72 -16.30 14.22
N GLU E 223 -2.04 -16.34 14.03
CA GLU E 223 -2.90 -17.45 14.45
C GLU E 223 -3.80 -17.83 13.28
N GLY E 224 -4.14 -19.12 13.16
CA GLY E 224 -5.00 -19.53 12.07
C GLY E 224 -5.74 -20.83 12.25
N LYS E 225 -6.97 -20.88 11.71
CA LYS E 225 -7.77 -22.09 11.61
C LYS E 225 -8.21 -22.24 10.16
N ALA E 226 -8.33 -23.49 9.70
CA ALA E 226 -8.71 -23.76 8.33
C ALA E 226 -9.55 -25.02 8.23
N ARG E 227 -10.52 -25.02 7.32
CA ARG E 227 -11.32 -26.18 6.97
C ARG E 227 -11.37 -26.30 5.46
N HIS E 228 -11.40 -27.52 4.95
CA HIS E 228 -11.40 -27.71 3.50
C HIS E 228 -12.12 -28.99 3.12
N LYS E 229 -12.53 -29.06 1.84
CA LYS E 229 -13.25 -30.19 1.29
C LYS E 229 -12.78 -30.47 -0.13
N GLU E 230 -12.90 -31.74 -0.52
CA GLU E 230 -12.83 -32.13 -1.92
C GLU E 230 -14.24 -32.40 -2.41
N LEU E 231 -14.60 -31.82 -3.56
CA LEU E 231 -15.92 -32.06 -4.13
C LEU E 231 -15.87 -33.24 -5.09
N GLU F 79 15.18 -17.47 34.38
CA GLU F 79 13.86 -17.59 35.07
C GLU F 79 12.79 -16.70 34.42
N ALA F 80 12.92 -15.39 34.66
CA ALA F 80 11.85 -14.46 34.27
C ALA F 80 11.59 -14.48 32.77
N GLU F 81 12.65 -14.36 31.97
CA GLU F 81 12.47 -14.30 30.52
C GLU F 81 11.85 -15.58 29.98
N GLU F 82 12.18 -16.72 30.59
CA GLU F 82 11.61 -17.98 30.12
C GLU F 82 10.11 -18.01 30.32
N LYS F 83 9.64 -17.63 31.52
CA LYS F 83 8.20 -17.58 31.75
C LYS F 83 7.52 -16.54 30.87
N TYR F 84 8.19 -15.40 30.64
CA TYR F 84 7.63 -14.40 29.74
C TYR F 84 7.42 -14.98 28.34
N ILE F 85 8.43 -15.68 27.82
CA ILE F 85 8.33 -16.25 26.48
C ILE F 85 7.26 -17.34 26.45
N GLU F 86 7.17 -18.14 27.51
CA GLU F 86 6.14 -19.17 27.58
C GLU F 86 4.76 -18.54 27.53
N ARG F 87 4.59 -17.39 28.17
CA ARG F 87 3.29 -16.72 28.15
C ARG F 87 3.02 -16.08 26.79
N GLN F 88 4.07 -15.64 26.08
CA GLN F 88 3.86 -15.01 24.78
C GLN F 88 3.49 -16.01 23.71
N LEU F 89 3.94 -17.26 23.83
CA LEU F 89 3.77 -18.25 22.77
C LEU F 89 2.42 -18.96 22.81
N LYS F 90 1.57 -18.69 23.80
CA LYS F 90 0.28 -19.36 23.88
C LYS F 90 -0.69 -18.84 22.84
N TYR F 91 -0.74 -17.52 22.66
CA TYR F 91 -1.70 -16.89 21.77
C TYR F 91 -1.02 -15.72 21.08
N LEU F 92 -1.08 -15.69 19.75
CA LEU F 92 -0.36 -14.71 18.95
C LEU F 92 -1.27 -13.72 18.24
N GLY F 93 -2.56 -13.70 18.56
CA GLY F 93 -3.52 -12.89 17.84
C GLY F 93 -3.74 -11.51 18.43
N PRO F 94 -4.71 -10.79 17.88
CA PRO F 94 -5.01 -9.43 18.38
C PRO F 94 -5.51 -9.44 19.81
N ILE F 95 -5.25 -8.34 20.52
CA ILE F 95 -5.59 -8.22 21.93
C ILE F 95 -6.26 -6.90 22.28
N SER F 96 -6.60 -6.06 21.30
CA SER F 96 -7.10 -4.74 21.61
C SER F 96 -8.50 -4.81 22.24
N GLN F 97 -8.88 -3.73 22.94
CA GLN F 97 -10.14 -3.66 23.66
C GLN F 97 -10.98 -2.46 23.24
N VAL F 98 -10.77 -1.95 22.02
CA VAL F 98 -11.45 -0.74 21.60
C VAL F 98 -12.96 -0.92 21.39
N SER F 99 -13.44 -2.17 21.36
CA SER F 99 -14.86 -2.40 21.11
C SER F 99 -15.73 -2.11 22.33
N ASP F 100 -15.13 -1.76 23.47
CA ASP F 100 -15.86 -1.48 24.70
C ASP F 100 -15.49 -0.08 25.16
N ALA F 101 -16.49 0.80 25.29
CA ALA F 101 -16.29 2.20 25.62
C ALA F 101 -16.57 2.53 27.08
N TYR F 102 -16.94 1.54 27.89
CA TYR F 102 -17.43 1.77 29.26
C TYR F 102 -16.63 0.95 30.27
N ARG F 103 -15.31 1.02 30.22
CA ARG F 103 -14.44 0.20 31.04
C ARG F 103 -13.60 1.05 31.98
N LEU F 104 -13.18 0.44 33.09
CA LEU F 104 -12.29 1.08 34.05
C LEU F 104 -10.84 0.69 33.80
N ASP F 105 -9.93 1.42 34.46
CA ASP F 105 -8.50 1.24 34.28
C ASP F 105 -7.84 0.54 35.48
N THR F 106 -8.63 -0.07 36.36
CA THR F 106 -8.08 -0.57 37.62
C THR F 106 -7.09 -1.71 37.41
N THR F 107 -7.22 -2.46 36.31
CA THR F 107 -6.44 -3.68 36.17
C THR F 107 -4.95 -3.41 35.97
N THR F 108 -4.56 -2.19 35.62
CA THR F 108 -3.17 -1.88 35.33
C THR F 108 -2.36 -1.51 36.57
N LEU F 109 -3.03 -1.15 37.67
CA LEU F 109 -2.34 -0.62 38.83
C LEU F 109 -1.72 -1.74 39.66
N LYS F 110 -0.65 -1.39 40.37
CA LYS F 110 0.09 -2.34 41.20
C LYS F 110 0.59 -1.60 42.44
N ILE F 111 -0.03 -1.89 43.57
CA ILE F 111 0.29 -1.23 44.84
C ILE F 111 0.85 -2.31 45.76
N GLU F 112 2.18 -2.39 45.82
CA GLU F 112 2.85 -3.34 46.69
C GLU F 112 4.26 -2.82 46.93
N PHE F 113 4.86 -3.26 48.03
CA PHE F 113 6.14 -2.68 48.45
C PHE F 113 7.21 -2.84 47.37
N ASP F 114 7.29 -4.02 46.76
CA ASP F 114 8.29 -4.24 45.73
C ASP F 114 8.05 -3.35 44.51
N ASP F 115 6.83 -2.85 44.32
CA ASP F 115 6.53 -1.96 43.21
C ASP F 115 6.48 -0.51 43.62
N SER F 116 6.08 -0.20 44.86
CA SER F 116 6.04 1.17 45.33
C SER F 116 7.43 1.73 45.62
N PHE F 117 8.38 0.87 45.97
CA PHE F 117 9.73 1.28 46.35
C PHE F 117 10.72 0.50 45.49
N PRO F 118 10.86 0.86 44.22
CA PRO F 118 11.68 0.06 43.31
C PRO F 118 13.17 0.17 43.63
N GLU F 119 13.91 -0.83 43.16
CA GLU F 119 15.33 -0.95 43.40
C GLU F 119 16.06 -1.01 42.06
N VAL F 120 17.20 -0.32 41.97
CA VAL F 120 17.89 -0.20 40.70
C VAL F 120 18.76 -1.43 40.42
N SER F 121 19.22 -2.12 41.46
CA SER F 121 20.02 -3.33 41.27
C SER F 121 19.82 -4.25 42.47
N LYS F 122 20.18 -5.52 42.27
CA LYS F 122 19.87 -6.55 43.24
C LYS F 122 20.49 -6.22 44.60
N PRO F 123 19.73 -6.21 45.68
CA PRO F 123 20.32 -6.01 47.01
C PRO F 123 21.20 -7.18 47.44
N GLY F 124 22.15 -6.88 48.31
CA GLY F 124 22.89 -7.89 49.01
C GLY F 124 22.26 -8.20 50.35
N PRO F 125 22.73 -9.24 51.04
CA PRO F 125 22.11 -9.60 52.33
C PRO F 125 22.21 -8.52 53.38
N ALA F 126 23.17 -7.60 53.27
CA ALA F 126 23.27 -6.53 54.26
C ALA F 126 22.15 -5.49 54.10
N LEU F 127 21.60 -5.38 52.88
CA LEU F 127 20.51 -4.45 52.60
C LEU F 127 19.14 -5.11 52.69
N GLU F 128 19.10 -6.44 52.54
CA GLU F 128 17.84 -7.16 52.61
C GLU F 128 17.17 -6.98 53.98
N SER F 129 17.96 -6.86 55.05
CA SER F 129 17.37 -6.67 56.38
C SER F 129 16.64 -5.34 56.47
N VAL F 130 17.24 -4.28 55.93
CA VAL F 130 16.59 -2.98 55.94
C VAL F 130 15.31 -3.03 55.11
N ARG F 131 15.39 -3.65 53.93
CA ARG F 131 14.19 -3.83 53.12
C ARG F 131 13.12 -4.58 53.92
N LYS F 132 13.53 -5.60 54.68
CA LYS F 132 12.58 -6.42 55.42
C LYS F 132 11.85 -5.61 56.48
N LEU F 133 12.57 -4.76 57.21
CA LEU F 133 11.92 -3.92 58.21
C LEU F 133 10.95 -2.94 57.56
N ASN F 134 11.42 -2.24 56.53
CA ASN F 134 10.58 -1.22 55.90
C ASN F 134 9.32 -1.83 55.30
N ARG F 135 9.41 -3.06 54.77
CA ARG F 135 8.24 -3.68 54.17
C ARG F 135 7.11 -3.81 55.18
N ILE F 136 7.39 -4.39 56.35
CA ILE F 136 6.33 -4.61 57.31
C ILE F 136 5.78 -3.27 57.79
N LEU F 137 6.65 -2.29 58.03
CA LEU F 137 6.12 -0.99 58.46
C LEU F 137 5.11 -0.45 57.45
N TYR F 138 5.53 -0.39 56.18
CA TYR F 138 4.67 0.18 55.13
C TYR F 138 3.36 -0.57 55.03
N GLU F 139 3.42 -1.91 54.91
CA GLU F 139 2.22 -2.68 54.67
C GLU F 139 1.27 -2.63 55.87
N GLY F 140 1.80 -2.70 57.09
CA GLY F 140 0.94 -2.62 58.26
C GLY F 140 0.18 -1.32 58.32
N MET F 141 0.88 -0.19 58.14
CA MET F 141 0.19 1.09 58.18
C MET F 141 -0.87 1.18 57.08
N SER F 142 -0.50 0.77 55.87
CA SER F 142 -1.40 0.88 54.73
C SER F 142 -2.68 0.08 54.96
N ASP F 143 -2.54 -1.14 55.49
CA ASP F 143 -3.73 -1.97 55.69
C ASP F 143 -4.57 -1.45 56.85
N ALA F 144 -3.94 -0.96 57.92
CA ALA F 144 -4.71 -0.46 59.05
C ALA F 144 -5.62 0.69 58.64
N ILE F 145 -5.07 1.69 57.95
CA ILE F 145 -5.89 2.85 57.62
C ILE F 145 -7.07 2.44 56.75
N HIS F 146 -6.81 1.58 55.76
CA HIS F 146 -7.86 1.15 54.86
C HIS F 146 -8.96 0.40 55.60
N ILE F 147 -8.59 -0.49 56.53
CA ILE F 147 -9.59 -1.23 57.29
C ILE F 147 -10.48 -0.26 58.06
N ILE F 148 -9.85 0.67 58.79
CA ILE F 148 -10.65 1.56 59.65
C ILE F 148 -11.61 2.38 58.80
N PHE F 149 -11.12 2.97 57.72
CA PHE F 149 -11.99 3.82 56.90
C PHE F 149 -13.07 3.00 56.21
N SER F 150 -12.76 1.79 55.77
CA SER F 150 -13.78 0.95 55.15
C SER F 150 -14.88 0.62 56.13
N LEU F 151 -14.52 0.33 57.38
CA LEU F 151 -15.55 -0.07 58.35
C LEU F 151 -16.42 1.11 58.75
N PHE F 152 -15.82 2.26 59.06
CA PHE F 152 -16.60 3.33 59.68
C PHE F 152 -17.07 4.41 58.70
N LEU F 153 -16.66 4.36 57.43
CA LEU F 153 -17.20 5.26 56.43
C LEU F 153 -17.76 4.57 55.20
N GLY F 154 -17.22 3.41 54.81
CA GLY F 154 -17.80 2.68 53.70
C GLY F 154 -19.22 2.22 53.99
N PHE F 155 -19.54 2.04 55.27
CA PHE F 155 -20.88 1.58 55.64
C PHE F 155 -21.95 2.55 55.19
N LEU F 156 -21.68 3.86 55.31
CA LEU F 156 -22.62 4.87 54.83
C LEU F 156 -22.60 5.01 53.31
N ALA F 157 -21.41 4.88 52.71
CA ALA F 157 -21.29 5.02 51.27
C ALA F 157 -22.11 3.96 50.55
N ALA F 158 -22.08 2.73 51.05
CA ALA F 158 -22.85 1.66 50.42
C ALA F 158 -24.33 1.99 50.37
N ILE F 159 -24.90 2.39 51.50
CA ILE F 159 -26.32 2.74 51.55
C ILE F 159 -26.63 3.86 50.58
N THR F 160 -25.84 4.94 50.66
CA THR F 160 -26.14 6.13 49.87
C THR F 160 -26.06 5.83 48.38
N VAL F 161 -25.05 5.07 47.95
CA VAL F 161 -24.91 4.76 46.54
C VAL F 161 -26.02 3.80 46.09
N GLY F 162 -26.42 2.87 46.96
CA GLY F 162 -27.47 1.94 46.60
C GLY F 162 -28.78 2.65 46.26
N PHE F 163 -29.13 3.67 47.05
CA PHE F 163 -30.37 4.39 46.78
C PHE F 163 -30.39 4.97 45.35
N PHE F 164 -29.35 5.73 45.01
CA PHE F 164 -29.30 6.37 43.70
C PHE F 164 -29.18 5.35 42.59
N MET F 165 -28.47 4.23 42.82
CA MET F 165 -28.37 3.22 41.78
C MET F 165 -29.72 2.56 41.50
N GLY F 166 -30.52 2.33 42.54
CA GLY F 166 -31.86 1.82 42.30
C GLY F 166 -32.68 2.77 41.44
N MET F 167 -32.66 4.06 41.78
CA MET F 167 -33.39 5.02 40.94
C MET F 167 -32.86 5.02 39.51
N ALA F 168 -31.55 4.93 39.34
CA ALA F 168 -30.96 4.94 38.00
C ALA F 168 -31.43 3.76 37.18
N ARG F 169 -31.46 2.56 37.79
CA ARG F 169 -31.94 1.39 37.06
C ARG F 169 -33.38 1.59 36.62
N PHE F 170 -34.24 2.09 37.53
CA PHE F 170 -35.63 2.27 37.15
C PHE F 170 -35.74 3.21 35.96
N MET F 171 -35.02 4.35 36.00
CA MET F 171 -35.12 5.31 34.91
C MET F 171 -34.61 4.72 33.60
N TYR F 172 -33.49 3.99 33.65
CA TYR F 172 -32.97 3.39 32.43
C TYR F 172 -34.01 2.47 31.80
N THR F 173 -34.66 1.62 32.60
CA THR F 173 -35.60 0.68 32.01
C THR F 173 -36.85 1.39 31.48
N TYR F 174 -37.45 2.28 32.27
CA TYR F 174 -38.80 2.73 31.97
C TYR F 174 -38.87 4.13 31.34
N MET F 175 -37.74 4.77 31.04
CA MET F 175 -37.86 6.05 30.34
C MET F 175 -36.96 6.17 29.12
N ALA F 176 -35.74 5.62 29.16
CA ALA F 176 -34.80 5.84 28.07
C ALA F 176 -35.10 4.93 26.88
N GLY F 177 -35.39 3.65 27.16
CA GLY F 177 -35.56 2.67 26.11
C GLY F 177 -36.72 2.98 25.18
N PRO F 178 -37.90 3.28 25.74
CA PRO F 178 -39.02 3.68 24.90
C PRO F 178 -38.73 4.91 24.05
N PHE F 179 -38.07 5.91 24.64
CA PHE F 179 -37.71 7.11 23.89
C PHE F 179 -36.83 6.76 22.70
N ASN F 180 -35.83 5.91 22.92
CA ASN F 180 -34.92 5.54 21.85
C ASN F 180 -35.65 4.74 20.77
N GLN F 181 -36.53 3.82 21.15
CA GLN F 181 -37.25 3.03 20.15
C GLN F 181 -38.15 3.92 19.30
N LEU F 182 -38.87 4.86 19.93
CA LEU F 182 -39.72 5.75 19.17
C LEU F 182 -38.89 6.63 18.23
N MET F 183 -37.72 7.08 18.69
CA MET F 183 -36.83 7.84 17.80
C MET F 183 -36.38 7.00 16.62
N PHE F 184 -36.07 5.72 16.86
CA PHE F 184 -35.70 4.83 15.77
C PHE F 184 -36.81 4.74 14.74
N LEU F 185 -38.04 4.57 15.19
CA LEU F 185 -39.15 4.49 14.24
C LEU F 185 -39.29 5.79 13.45
N LEU F 186 -39.15 6.94 14.11
CA LEU F 186 -39.28 8.20 13.39
C LEU F 186 -38.16 8.40 12.38
N ILE F 187 -36.95 7.93 12.66
CA ILE F 187 -35.85 8.12 11.73
C ILE F 187 -35.97 7.15 10.55
N ALA F 188 -36.28 5.89 10.83
CA ALA F 188 -36.22 4.86 9.79
C ALA F 188 -37.25 5.08 8.69
N SER F 189 -38.24 5.95 8.90
CA SER F 189 -39.27 6.18 7.90
C SER F 189 -38.90 7.27 6.90
N LEU F 190 -37.88 8.08 7.19
CA LEU F 190 -37.47 9.17 6.30
C LEU F 190 -36.19 8.86 5.53
N ALA F 191 -35.29 8.07 6.11
CA ALA F 191 -33.95 7.91 5.53
C ALA F 191 -33.95 7.37 4.10
N PRO F 192 -34.75 6.37 3.74
CA PRO F 192 -34.59 5.77 2.40
C PRO F 192 -34.70 6.75 1.25
N SER F 193 -35.64 7.71 1.35
CA SER F 193 -35.83 8.66 0.26
C SER F 193 -34.62 9.57 0.10
N TRP F 194 -34.06 10.05 1.20
CA TRP F 194 -32.86 10.87 1.13
C TRP F 194 -31.71 10.09 0.53
N ARG F 195 -31.56 8.82 0.95
CA ARG F 195 -30.50 7.99 0.37
C ARG F 195 -30.64 7.89 -1.14
N ALA F 196 -31.83 7.51 -1.61
CA ALA F 196 -32.04 7.34 -3.04
C ALA F 196 -31.80 8.65 -3.79
N PHE F 197 -32.34 9.75 -3.26
CA PHE F 197 -32.24 11.03 -3.95
C PHE F 197 -30.78 11.46 -4.07
N PHE F 198 -30.01 11.35 -3.01
CA PHE F 198 -28.61 11.77 -3.07
C PHE F 198 -27.82 10.87 -4.03
N ARG F 199 -28.01 9.55 -3.92
CA ARG F 199 -27.20 8.65 -4.73
C ARG F 199 -27.50 8.82 -6.21
N ALA F 200 -28.77 8.97 -6.57
CA ALA F 200 -29.12 9.08 -7.99
C ALA F 200 -28.43 10.27 -8.63
N GLY F 201 -28.14 11.32 -7.87
CA GLY F 201 -27.50 12.50 -8.41
C GLY F 201 -25.99 12.47 -8.32
N MET F 202 -25.43 11.75 -7.34
CA MET F 202 -23.99 11.82 -7.11
C MET F 202 -23.21 10.61 -7.61
N ASP F 203 -23.84 9.46 -7.82
CA ASP F 203 -23.07 8.26 -8.14
C ASP F 203 -22.26 8.37 -9.42
N PRO F 204 -22.77 8.91 -10.53
CA PRO F 204 -21.98 8.92 -11.77
C PRO F 204 -20.58 9.50 -11.59
N ILE F 205 -20.44 10.48 -10.69
CA ILE F 205 -19.15 11.14 -10.51
C ILE F 205 -18.09 10.16 -10.01
N PHE F 206 -18.50 9.12 -9.30
CA PHE F 206 -17.56 8.12 -8.82
C PHE F 206 -17.52 6.87 -9.69
N GLU F 207 -18.53 6.65 -10.55
CA GLU F 207 -18.40 5.64 -11.57
C GLU F 207 -17.39 6.05 -12.62
N SER F 208 -17.38 7.34 -13.00
CA SER F 208 -16.36 7.82 -13.93
C SER F 208 -14.97 7.72 -13.33
N GLY F 209 -14.81 8.10 -12.06
CA GLY F 209 -13.51 8.05 -11.43
C GLY F 209 -12.97 6.65 -11.22
N SER F 210 -13.84 5.63 -11.36
CA SER F 210 -13.41 4.26 -11.16
C SER F 210 -12.49 3.77 -12.27
N LEU F 211 -12.51 4.40 -13.44
CA LEU F 211 -11.73 3.93 -14.57
C LEU F 211 -10.23 4.12 -14.39
N ALA F 212 -9.80 4.86 -13.36
CA ALA F 212 -8.39 5.13 -13.19
C ALA F 212 -7.61 3.91 -12.72
N LEU F 213 -8.27 2.95 -12.07
CA LEU F 213 -7.59 1.78 -11.54
C LEU F 213 -7.74 0.55 -12.44
N SER F 214 -8.34 0.71 -13.62
CA SER F 214 -8.19 -0.30 -14.65
C SER F 214 -6.80 -0.19 -15.26
N ASN F 215 -6.45 -1.17 -16.09
CA ASN F 215 -5.23 -1.09 -16.88
C ASN F 215 -3.99 -1.01 -15.99
N ILE F 216 -3.92 -1.86 -14.99
CA ILE F 216 -2.68 -2.07 -14.25
C ILE F 216 -1.95 -3.25 -14.86
N GLN F 217 -0.64 -3.13 -15.00
CA GLN F 217 0.17 -4.15 -15.68
C GLN F 217 1.53 -4.23 -15.01
N VAL F 218 1.95 -5.44 -14.64
CA VAL F 218 3.14 -5.66 -13.82
C VAL F 218 4.02 -6.71 -14.47
N ARG F 219 5.34 -6.47 -14.45
CA ARG F 219 6.35 -7.44 -14.84
C ARG F 219 7.28 -7.67 -13.65
N LEU F 220 7.49 -8.94 -13.31
CA LEU F 220 8.19 -9.30 -12.08
C LEU F 220 9.20 -10.41 -12.32
N GLY F 221 10.34 -10.31 -11.64
CA GLY F 221 11.36 -11.36 -11.70
C GLY F 221 11.96 -11.59 -10.33
N MET F 222 12.32 -12.85 -10.06
CA MET F 222 12.65 -13.27 -8.71
C MET F 222 13.88 -14.17 -8.66
N GLU F 223 14.61 -14.08 -7.55
CA GLU F 223 15.66 -15.02 -7.16
C GLU F 223 15.44 -15.42 -5.71
N GLY F 224 15.77 -16.67 -5.37
CA GLY F 224 15.58 -17.12 -4.01
C GLY F 224 16.41 -18.30 -3.55
N LYS F 225 16.80 -18.28 -2.27
CA LYS F 225 17.44 -19.39 -1.59
C LYS F 225 16.67 -19.68 -0.30
N ALA F 226 16.62 -20.95 0.09
CA ALA F 226 15.88 -21.34 1.28
C ALA F 226 16.56 -22.51 1.98
N ARG F 227 16.49 -22.51 3.30
CA ARG F 227 16.97 -23.60 4.15
C ARG F 227 15.90 -23.90 5.18
N HIS F 228 15.74 -25.17 5.55
CA HIS F 228 14.70 -25.55 6.48
C HIS F 228 15.09 -26.78 7.28
N LYS F 229 14.43 -26.95 8.42
CA LYS F 229 14.67 -28.05 9.34
C LYS F 229 13.37 -28.57 9.92
N GLU F 230 13.35 -29.84 10.26
CA GLU F 230 12.32 -30.42 11.12
C GLU F 230 12.90 -30.58 12.51
N LEU F 231 12.18 -30.12 13.52
CA LEU F 231 12.61 -30.26 14.91
C LEU F 231 12.07 -31.55 15.51
N GLU G 79 31.87 -15.54 21.48
CA GLU G 79 31.13 -15.62 22.77
C GLU G 79 29.85 -14.78 22.76
N ALA G 80 30.03 -13.46 22.83
CA ALA G 80 28.90 -12.56 23.05
C ALA G 80 27.88 -12.66 21.92
N GLU G 81 28.34 -12.57 20.68
CA GLU G 81 27.40 -12.58 19.56
C GLU G 81 26.63 -13.90 19.49
N GLU G 82 27.26 -15.01 19.87
CA GLU G 82 26.58 -16.29 19.84
C GLU G 82 25.43 -16.33 20.83
N LYS G 83 25.65 -15.87 22.07
CA LYS G 83 24.57 -15.82 23.04
C LYS G 83 23.50 -14.84 22.62
N TYR G 84 23.89 -13.71 22.02
CA TYR G 84 22.91 -12.77 21.52
C TYR G 84 22.01 -13.42 20.47
N ILE G 85 22.60 -14.14 19.52
CA ILE G 85 21.82 -14.77 18.47
C ILE G 85 20.94 -15.87 19.05
N GLU G 86 21.46 -16.60 20.04
CA GLU G 86 20.64 -17.63 20.68
C GLU G 86 19.43 -17.02 21.36
N ARG G 87 19.60 -15.86 21.98
CA ARG G 87 18.46 -15.20 22.61
C ARG G 87 17.49 -14.65 21.58
N GLN G 88 17.98 -14.22 20.41
CA GLN G 88 17.09 -13.66 19.41
C GLN G 88 16.23 -14.72 18.74
N LEU G 89 16.71 -15.96 18.67
CA LEU G 89 16.03 -17.00 17.91
C LEU G 89 14.94 -17.72 18.70
N LYS G 90 14.76 -17.40 19.98
CA LYS G 90 13.73 -18.08 20.76
C LYS G 90 12.34 -17.62 20.37
N TYR G 91 12.15 -16.31 20.19
CA TYR G 91 10.84 -15.72 19.94
C TYR G 91 11.00 -14.59 18.95
N LEU G 92 10.25 -14.64 17.86
CA LEU G 92 10.38 -13.69 16.74
C LEU G 92 9.20 -12.76 16.60
N GLY G 93 8.29 -12.71 17.57
CA GLY G 93 7.07 -11.96 17.45
C GLY G 93 7.15 -10.55 18.01
N PRO G 94 6.01 -9.85 18.04
CA PRO G 94 5.98 -8.48 18.55
C PRO G 94 6.32 -8.41 20.03
N ILE G 95 6.89 -7.28 20.43
CA ILE G 95 7.36 -7.09 21.80
C ILE G 95 6.93 -5.75 22.40
N SER G 96 6.10 -4.96 21.72
CA SER G 96 5.79 -3.63 22.21
C SER G 96 4.96 -3.68 23.49
N GLN G 97 4.98 -2.57 24.23
CA GLN G 97 4.31 -2.47 25.52
C GLN G 97 3.33 -1.30 25.57
N VAL G 98 2.83 -0.85 24.41
CA VAL G 98 1.98 0.33 24.37
C VAL G 98 0.61 0.12 25.01
N SER G 99 0.24 -1.12 25.30
CA SER G 99 -1.09 -1.38 25.87
C SER G 99 -1.17 -1.03 27.36
N ASP G 100 -0.07 -0.62 27.98
CA ASP G 100 -0.03 -0.27 29.38
C ASP G 100 0.48 1.16 29.52
N ALA G 101 -0.33 2.02 30.13
CA ALA G 101 -0.02 3.44 30.23
C ALA G 101 0.50 3.85 31.61
N TYR G 102 0.67 2.91 32.53
CA TYR G 102 1.00 3.21 33.93
C TYR G 102 2.24 2.44 34.39
N ARG G 103 3.32 2.53 33.63
CA ARG G 103 4.52 1.75 33.89
C ARG G 103 5.71 2.65 34.19
N LEU G 104 6.68 2.11 34.92
CA LEU G 104 7.93 2.81 35.23
C LEU G 104 9.02 2.42 34.25
N ASP G 105 10.11 3.18 34.28
CA ASP G 105 11.25 2.99 33.38
C ASP G 105 12.45 2.36 34.06
N THR G 106 12.29 1.81 35.27
CA THR G 106 13.46 1.38 36.04
C THR G 106 14.21 0.24 35.37
N THR G 107 13.53 -0.56 34.56
CA THR G 107 14.13 -1.79 34.05
C THR G 107 15.26 -1.53 33.06
N THR G 108 15.37 -0.32 32.51
CA THR G 108 16.39 -0.03 31.51
C THR G 108 17.72 0.42 32.11
N LEU G 109 17.74 0.81 33.37
CA LEU G 109 18.92 1.42 33.96
C LEU G 109 19.94 0.35 34.36
N LYS G 110 21.21 0.75 34.38
CA LYS G 110 22.31 -0.16 34.71
C LYS G 110 23.37 0.65 35.47
N ILE G 111 23.47 0.42 36.78
CA ILE G 111 24.39 1.13 37.64
C ILE G 111 25.40 0.12 38.14
N GLU G 112 26.56 0.04 37.49
CA GLU G 112 27.62 -0.85 37.89
C GLU G 112 28.92 -0.32 37.31
N PHE G 113 30.03 -0.69 37.93
CA PHE G 113 31.31 -0.08 37.58
C PHE G 113 31.64 -0.28 36.10
N ASP G 114 31.41 -1.50 35.59
CA ASP G 114 31.71 -1.76 34.19
C ASP G 114 30.84 -0.95 33.25
N ASP G 115 29.69 -0.47 33.72
CA ASP G 115 28.81 0.37 32.92
C ASP G 115 28.94 1.85 33.23
N SER G 116 29.26 2.20 34.48
CA SER G 116 29.42 3.61 34.84
C SER G 116 30.73 4.18 34.32
N PHE G 117 31.75 3.36 34.13
CA PHE G 117 33.09 3.80 33.71
C PHE G 117 33.48 2.98 32.49
N PRO G 118 32.90 3.27 31.33
CA PRO G 118 33.13 2.43 30.16
C PRO G 118 34.54 2.55 29.62
N GLU G 119 34.96 1.53 28.87
CA GLU G 119 36.29 1.44 28.30
C GLU G 119 36.18 1.30 26.79
N VAL G 120 37.08 1.98 26.07
CA VAL G 120 36.97 2.04 24.61
C VAL G 120 37.59 0.81 23.96
N SER G 121 38.56 0.17 24.62
CA SER G 121 39.17 -1.04 24.08
C SER G 121 39.69 -1.89 25.23
N LYS G 122 39.94 -3.16 24.95
CA LYS G 122 40.24 -4.13 25.99
C LYS G 122 41.47 -3.69 26.78
N PRO G 123 41.41 -3.63 28.11
CA PRO G 123 42.61 -3.37 28.89
C PRO G 123 43.61 -4.51 28.82
N GLY G 124 44.88 -4.17 29.01
CA GLY G 124 45.92 -5.15 29.24
C GLY G 124 46.10 -5.39 30.72
N PRO G 125 46.91 -6.39 31.09
CA PRO G 125 47.09 -6.69 32.52
C PRO G 125 47.70 -5.55 33.31
N ALA G 126 48.42 -4.63 32.67
CA ALA G 126 49.00 -3.50 33.40
C ALA G 126 47.93 -2.49 33.81
N LEU G 127 46.81 -2.44 33.09
CA LEU G 127 45.71 -1.53 33.40
C LEU G 127 44.63 -2.20 34.23
N GLU G 128 44.56 -3.53 34.19
CA GLU G 128 43.57 -4.26 34.98
C GLU G 128 43.73 -4.01 36.47
N SER G 129 44.97 -3.83 36.93
CA SER G 129 45.18 -3.58 38.35
C SER G 129 44.56 -2.25 38.78
N VAL G 130 44.74 -1.21 37.96
CA VAL G 130 44.16 0.10 38.26
C VAL G 130 42.64 -0.01 38.25
N ARG G 131 42.09 -0.69 37.24
CA ARG G 131 40.65 -0.94 37.22
C ARG G 131 40.20 -1.64 38.50
N LYS G 132 40.99 -2.62 38.96
CA LYS G 132 40.62 -3.41 40.13
C LYS G 132 40.54 -2.54 41.38
N LEU G 133 41.51 -1.65 41.56
CA LEU G 133 41.47 -0.76 42.72
C LEU G 133 40.27 0.17 42.66
N ASN G 134 40.08 0.82 41.51
CA ASN G 134 39.00 1.80 41.38
C ASN G 134 37.64 1.15 41.58
N ARG G 135 37.47 -0.09 41.14
CA ARG G 135 36.19 -0.76 41.29
C ARG G 135 35.78 -0.85 42.76
N ILE G 136 36.67 -1.35 43.61
CA ILE G 136 36.30 -1.53 45.00
C ILE G 136 36.05 -0.18 45.65
N LEU G 137 36.88 0.83 45.35
CA LEU G 137 36.62 2.14 45.94
C LEU G 137 35.21 2.61 45.61
N TYR G 138 34.87 2.61 44.31
CA TYR G 138 33.57 3.12 43.88
C TYR G 138 32.44 2.35 44.53
N GLU G 139 32.47 1.02 44.45
CA GLU G 139 31.35 0.23 44.93
C GLU G 139 31.19 0.34 46.44
N GLY G 140 32.31 0.34 47.19
CA GLY G 140 32.21 0.48 48.63
C GLY G 140 31.55 1.78 49.03
N MET G 141 32.00 2.90 48.46
CA MET G 141 31.39 4.18 48.80
C MET G 141 29.91 4.18 48.46
N SER G 142 29.58 3.71 47.26
CA SER G 142 28.20 3.76 46.78
C SER G 142 27.28 2.96 47.69
N ASP G 143 27.72 1.78 48.13
CA ASP G 143 26.86 0.96 48.97
C ASP G 143 26.76 1.53 50.38
N ALA G 144 27.85 2.08 50.91
CA ALA G 144 27.80 2.62 52.26
C ALA G 144 26.78 3.74 52.38
N ILE G 145 26.83 4.71 51.44
CA ILE G 145 25.92 5.85 51.55
C ILE G 145 24.47 5.38 51.47
N HIS G 146 24.19 4.47 50.53
CA HIS G 146 22.83 3.99 50.35
C HIS G 146 22.33 3.27 51.60
N ILE G 147 23.18 2.44 52.22
CA ILE G 147 22.75 1.75 53.43
C ILE G 147 22.40 2.75 54.51
N ILE G 148 23.28 3.72 54.75
CA ILE G 148 23.05 4.64 55.86
C ILE G 148 21.75 5.41 55.64
N PHE G 149 21.56 5.95 54.43
CA PHE G 149 20.36 6.74 54.18
C PHE G 149 19.10 5.89 54.23
N SER G 150 19.16 4.65 53.73
CA SER G 150 18.01 3.78 53.78
C SER G 150 17.61 3.50 55.22
N LEU G 151 18.60 3.26 56.10
CA LEU G 151 18.27 2.90 57.47
C LEU G 151 17.71 4.10 58.24
N PHE G 152 18.36 5.26 58.12
CA PHE G 152 18.00 6.36 59.01
C PHE G 152 17.02 7.38 58.41
N LEU G 153 16.69 7.27 57.13
CA LEU G 153 15.67 8.13 56.54
C LEU G 153 14.56 7.36 55.84
N GLY G 154 14.85 6.20 55.25
CA GLY G 154 13.78 5.41 54.66
C GLY G 154 12.76 4.96 55.68
N PHE G 155 13.19 4.82 56.94
CA PHE G 155 12.29 4.39 58.00
C PHE G 155 11.10 5.33 58.14
N LEU G 156 11.34 6.64 58.06
CA LEU G 156 10.26 7.61 58.13
C LEU G 156 9.46 7.68 56.83
N ALA G 157 10.14 7.54 55.69
CA ALA G 157 9.45 7.59 54.40
C ALA G 157 8.42 6.49 54.29
N ALA G 158 8.75 5.28 54.76
CA ALA G 158 7.81 4.18 54.67
C ALA G 158 6.51 4.50 55.41
N ILE G 159 6.63 4.96 56.66
CA ILE G 159 5.45 5.29 57.45
C ILE G 159 4.63 6.36 56.75
N THR G 160 5.31 7.45 56.35
CA THR G 160 4.59 8.60 55.80
C THR G 160 3.86 8.22 54.51
N VAL G 161 4.51 7.44 53.64
CA VAL G 161 3.88 7.05 52.39
C VAL G 161 2.74 6.07 52.65
N GLY G 162 2.91 5.19 53.64
CA GLY G 162 1.85 4.23 53.94
C GLY G 162 0.55 4.91 54.32
N PHE G 163 0.64 5.97 55.13
CA PHE G 163 -0.58 6.67 55.55
C PHE G 163 -1.38 7.16 54.34
N PHE G 164 -0.72 7.93 53.46
CA PHE G 164 -1.41 8.50 52.30
C PHE G 164 -1.87 7.41 51.34
N MET G 165 -1.11 6.31 51.21
CA MET G 165 -1.54 5.24 50.32
C MET G 165 -2.80 4.56 50.83
N GLY G 166 -2.92 4.38 52.14
CA GLY G 166 -4.17 3.86 52.68
C GLY G 166 -5.35 4.75 52.36
N MET G 167 -5.19 6.06 52.58
CA MET G 167 -6.28 6.97 52.24
C MET G 167 -6.62 6.89 50.75
N ALA G 168 -5.59 6.80 49.90
CA ALA G 168 -5.81 6.75 48.46
C ALA G 168 -6.60 5.52 48.06
N ARG G 169 -6.27 4.36 48.63
CA ARG G 169 -7.02 3.15 48.33
C ARG G 169 -8.49 3.31 48.74
N PHE G 170 -8.73 3.86 49.93
CA PHE G 170 -10.12 4.01 50.36
C PHE G 170 -10.89 4.89 49.37
N MET G 171 -10.30 6.02 48.98
CA MET G 171 -11.00 6.92 48.08
C MET G 171 -11.24 6.28 46.73
N TYR G 172 -10.26 5.55 46.20
CA TYR G 172 -10.45 4.89 44.91
C TYR G 172 -11.63 3.93 44.97
N THR G 173 -11.73 3.14 46.04
CA THR G 173 -12.81 2.16 46.08
C THR G 173 -14.17 2.82 46.28
N TYR G 174 -14.28 3.74 47.24
CA TYR G 174 -15.59 4.18 47.69
C TYR G 174 -16.03 5.53 47.14
N MET G 175 -15.26 6.16 46.26
CA MET G 175 -15.77 7.41 45.68
C MET G 175 -15.67 7.47 44.16
N ALA G 176 -14.62 6.92 43.56
CA ALA G 176 -14.43 7.10 42.12
C ALA G 176 -15.28 6.12 41.33
N GLY G 177 -15.33 4.86 41.77
CA GLY G 177 -16.01 3.82 41.02
C GLY G 177 -17.50 4.07 40.84
N PRO G 178 -18.18 4.39 41.94
CA PRO G 178 -19.61 4.76 41.81
C PRO G 178 -19.86 5.94 40.90
N PHE G 179 -19.01 6.97 40.98
CA PHE G 179 -19.17 8.13 40.12
C PHE G 179 -19.04 7.72 38.66
N ASN G 180 -18.06 6.89 38.35
CA ASN G 180 -17.86 6.47 36.96
C ASN G 180 -19.02 5.61 36.47
N GLN G 181 -19.53 4.70 37.31
CA GLN G 181 -20.65 3.85 36.89
C GLN G 181 -21.90 4.69 36.63
N LEU G 182 -22.19 5.66 37.51
CA LEU G 182 -23.35 6.52 37.28
C LEU G 182 -23.17 7.33 36.01
N MET G 183 -21.96 7.82 35.75
CA MET G 183 -21.72 8.54 34.50
C MET G 183 -21.95 7.63 33.29
N PHE G 184 -21.51 6.37 33.38
CA PHE G 184 -21.76 5.44 32.29
C PHE G 184 -23.25 5.29 32.03
N LEU G 185 -24.05 5.14 33.09
CA LEU G 185 -25.48 5.00 32.89
C LEU G 185 -26.07 6.25 32.25
N LEU G 186 -25.63 7.42 32.68
CA LEU G 186 -26.18 8.64 32.10
C LEU G 186 -25.79 8.80 30.63
N ILE G 187 -24.60 8.36 30.24
CA ILE G 187 -24.18 8.50 28.84
C ILE G 187 -24.87 7.48 27.96
N ALA G 188 -24.95 6.22 28.42
CA ALA G 188 -25.42 5.14 27.55
C ALA G 188 -26.89 5.29 27.17
N SER G 189 -27.63 6.17 27.85
CA SER G 189 -29.05 6.34 27.55
C SER G 189 -29.32 7.37 26.47
N LEU G 190 -28.33 8.21 26.12
CA LEU G 190 -28.49 9.26 25.11
C LEU G 190 -27.81 8.92 23.78
N ALA G 191 -26.73 8.15 23.82
CA ALA G 191 -25.91 7.98 22.62
C ALA G 191 -26.64 7.35 21.43
N PRO G 192 -27.48 6.33 21.60
CA PRO G 192 -28.05 5.66 20.42
C PRO G 192 -28.79 6.60 19.47
N SER G 193 -29.55 7.55 20.01
CA SER G 193 -30.34 8.43 19.17
C SER G 193 -29.44 9.34 18.33
N TRP G 194 -28.38 9.88 18.95
CA TRP G 194 -27.45 10.71 18.21
C TRP G 194 -26.76 9.90 17.11
N ARG G 195 -26.37 8.65 17.44
CA ARG G 195 -25.76 7.80 16.42
C ARG G 195 -26.68 7.62 15.22
N ALA G 196 -27.92 7.21 15.49
CA ALA G 196 -28.86 6.96 14.39
C ALA G 196 -29.11 8.24 13.59
N PHE G 197 -29.31 9.36 14.28
CA PHE G 197 -29.64 10.60 13.59
C PHE G 197 -28.51 11.05 12.68
N PHE G 198 -27.27 10.98 13.17
CA PHE G 198 -26.14 11.41 12.34
C PHE G 198 -25.97 10.47 11.15
N ARG G 199 -26.03 9.15 11.39
CA ARG G 199 -25.75 8.21 10.32
C ARG G 199 -26.81 8.30 9.22
N ALA G 200 -28.09 8.43 9.60
CA ALA G 200 -29.13 8.46 8.59
C ALA G 200 -28.94 9.62 7.62
N GLY G 201 -28.32 10.70 8.07
CA GLY G 201 -28.10 11.86 7.21
C GLY G 201 -26.77 11.85 6.48
N MET G 202 -25.76 11.19 7.04
CA MET G 202 -24.42 11.26 6.47
C MET G 202 -24.01 10.04 5.66
N ASP G 203 -24.61 8.88 5.87
CA ASP G 203 -24.09 7.67 5.24
C ASP G 203 -24.10 7.71 3.71
N PRO G 204 -25.14 8.20 3.04
CA PRO G 204 -25.14 8.14 1.57
C PRO G 204 -23.89 8.75 0.94
N ILE G 205 -23.31 9.77 1.58
CA ILE G 205 -22.16 10.45 1.01
C ILE G 205 -20.97 9.50 0.89
N PHE G 206 -20.90 8.49 1.76
CA PHE G 206 -19.82 7.52 1.70
C PHE G 206 -20.20 6.23 0.99
N GLU G 207 -21.50 5.96 0.83
CA GLU G 207 -21.92 4.90 -0.06
C GLU G 207 -21.64 5.26 -1.51
N SER G 208 -21.86 6.53 -1.88
CA SER G 208 -21.54 6.97 -3.23
C SER G 208 -20.03 6.91 -3.47
N GLY G 209 -19.23 7.35 -2.50
CA GLY G 209 -17.80 7.34 -2.66
C GLY G 209 -17.18 5.95 -2.72
N SER G 210 -17.95 4.94 -2.32
CA SER G 210 -17.45 3.57 -2.33
C SER G 210 -17.25 3.03 -3.73
N LEU G 211 -17.92 3.60 -4.73
CA LEU G 211 -17.85 3.08 -6.09
C LEU G 211 -16.50 3.28 -6.75
N ALA G 212 -15.62 4.08 -6.15
CA ALA G 212 -14.34 4.37 -6.79
C ALA G 212 -13.38 3.18 -6.76
N LEU G 213 -13.56 2.26 -5.82
CA LEU G 213 -12.67 1.11 -5.70
C LEU G 213 -13.22 -0.16 -6.33
N SER G 214 -14.38 -0.07 -6.99
CA SER G 214 -14.77 -1.13 -7.90
C SER G 214 -13.93 -1.04 -9.17
N ASN G 215 -14.05 -2.06 -10.02
CA ASN G 215 -13.44 -2.02 -11.35
C ASN G 215 -11.92 -1.88 -11.27
N ILE G 216 -11.29 -2.68 -10.42
CA ILE G 216 -9.84 -2.84 -10.45
C ILE G 216 -9.53 -4.05 -11.32
N GLN G 217 -8.49 -3.92 -12.16
CA GLN G 217 -8.14 -4.97 -13.11
C GLN G 217 -6.63 -5.01 -13.27
N VAL G 218 -6.05 -6.20 -13.14
CA VAL G 218 -4.59 -6.36 -13.08
C VAL G 218 -4.16 -7.44 -14.07
N ARG G 219 -3.06 -7.19 -14.77
CA ARG G 219 -2.37 -8.17 -15.60
C ARG G 219 -0.95 -8.34 -15.09
N LEU G 220 -0.54 -9.59 -14.87
CA LEU G 220 0.73 -9.87 -14.18
C LEU G 220 1.48 -10.99 -14.89
N GLY G 221 2.80 -10.85 -14.94
CA GLY G 221 3.66 -11.89 -15.49
C GLY G 221 4.92 -12.04 -14.66
N MET G 222 5.41 -13.29 -14.58
CA MET G 222 6.42 -13.65 -13.59
C MET G 222 7.52 -14.52 -14.19
N GLU G 223 8.72 -14.38 -13.64
CA GLU G 223 9.85 -15.28 -13.84
C GLU G 223 10.45 -15.63 -12.49
N GLY G 224 10.98 -16.84 -12.35
CA GLY G 224 11.56 -17.22 -11.07
C GLY G 224 12.56 -18.36 -11.08
N LYS G 225 13.56 -18.27 -10.20
CA LYS G 225 14.51 -19.33 -9.92
C LYS G 225 14.56 -19.57 -8.42
N ALA G 226 14.77 -20.82 -8.01
CA ALA G 226 14.80 -21.15 -6.60
C ALA G 226 15.79 -22.27 -6.32
N ARG G 227 16.45 -22.20 -5.17
CA ARG G 227 17.34 -23.24 -4.67
C ARG G 227 17.00 -23.50 -3.21
N HIS G 228 17.10 -24.75 -2.78
CA HIS G 228 16.73 -25.07 -1.41
C HIS G 228 17.54 -26.27 -0.90
N LYS G 229 17.59 -26.38 0.43
CA LYS G 229 18.33 -27.42 1.12
C LYS G 229 17.55 -27.92 2.33
N GLU G 230 17.78 -29.18 2.68
CA GLU G 230 17.39 -29.71 3.98
C GLU G 230 18.64 -29.80 4.84
N LEU G 231 18.55 -29.28 6.07
CA LEU G 231 19.67 -29.36 7.00
C LEU G 231 19.58 -30.62 7.84
N GLU H 79 38.92 -14.16 1.55
CA GLU H 79 38.99 -14.19 3.04
C GLU H 79 37.90 -13.35 3.69
N ALA H 80 38.04 -12.03 3.60
CA ALA H 80 37.17 -11.13 4.36
C ALA H 80 35.71 -11.30 3.96
N GLU H 81 35.41 -11.27 2.66
CA GLU H 81 34.02 -11.35 2.23
C GLU H 81 33.39 -12.67 2.64
N GLU H 82 34.17 -13.75 2.66
CA GLU H 82 33.62 -15.05 3.06
C GLU H 82 33.18 -15.04 4.52
N LYS H 83 34.03 -14.53 5.41
CA LYS H 83 33.64 -14.43 6.81
C LYS H 83 32.46 -13.49 6.99
N TYR H 84 32.44 -12.39 6.23
CA TYR H 84 31.30 -11.46 6.30
C TYR H 84 30.00 -12.18 5.93
N ILE H 85 30.01 -12.95 4.85
CA ILE H 85 28.80 -13.64 4.41
C ILE H 85 28.42 -14.72 5.42
N GLU H 86 29.41 -15.40 5.99
CA GLU H 86 29.12 -16.39 7.01
C GLU H 86 28.43 -15.75 8.20
N ARG H 87 28.86 -14.55 8.59
CA ARG H 87 28.23 -13.86 9.70
C ARG H 87 26.82 -13.38 9.33
N GLN H 88 26.61 -13.00 8.07
CA GLN H 88 25.29 -12.50 7.68
C GLN H 88 24.24 -13.61 7.63
N LEU H 89 24.66 -14.85 7.36
CA LEU H 89 23.71 -15.92 7.13
C LEU H 89 23.24 -16.61 8.40
N LYS H 90 23.75 -16.22 9.58
CA LYS H 90 23.34 -16.87 10.81
C LYS H 90 21.94 -16.43 11.22
N TYR H 91 21.65 -15.14 11.12
CA TYR H 91 20.39 -14.57 11.59
C TYR H 91 19.96 -13.49 10.61
N LEU H 92 18.73 -13.60 10.10
CA LEU H 92 18.23 -12.72 9.06
C LEU H 92 17.11 -11.79 9.54
N GLY H 93 16.87 -11.71 10.84
CA GLY H 93 15.74 -10.96 11.36
C GLY H 93 16.06 -9.53 11.74
N PRO H 94 15.10 -8.85 12.35
CA PRO H 94 15.30 -7.45 12.75
C PRO H 94 16.39 -7.30 13.80
N ILE H 95 17.05 -6.14 13.78
CA ILE H 95 18.17 -5.86 14.67
C ILE H 95 18.09 -4.51 15.36
N SER H 96 16.99 -3.77 15.21
CA SER H 96 16.96 -2.41 15.72
C SER H 96 16.94 -2.40 17.25
N GLN H 97 17.32 -1.25 17.82
CA GLN H 97 17.44 -1.09 19.26
C GLN H 97 16.59 0.08 19.78
N VAL H 98 15.54 0.46 19.06
CA VAL H 98 14.76 1.64 19.43
C VAL H 98 13.97 1.45 20.71
N SER H 99 13.85 0.22 21.22
CA SER H 99 13.05 -0.01 22.41
C SER H 99 13.76 0.42 23.69
N ASP H 100 15.02 0.86 23.61
CA ASP H 100 15.78 1.30 24.77
C ASP H 100 16.21 2.74 24.53
N ALA H 101 15.85 3.63 25.46
CA ALA H 101 16.13 5.05 25.32
C ALA H 101 17.29 5.53 26.17
N TYR H 102 17.97 4.64 26.90
CA TYR H 102 18.97 5.00 27.88
C TYR H 102 20.29 4.27 27.64
N ARG H 103 20.80 4.32 26.41
CA ARG H 103 21.97 3.57 26.01
C ARG H 103 23.11 4.50 25.59
N LEU H 104 24.34 4.00 25.70
CA LEU H 104 25.52 4.72 25.27
C LEU H 104 25.93 4.29 23.86
N ASP H 105 26.85 5.05 23.28
CA ASP H 105 27.32 4.83 21.92
C ASP H 105 28.72 4.23 21.85
N THR H 106 29.25 3.75 22.97
CA THR H 106 30.66 3.37 23.02
C THR H 106 30.98 2.20 22.10
N THR H 107 30.00 1.34 21.81
CA THR H 107 30.29 0.10 21.11
C THR H 107 30.70 0.32 19.65
N THR H 108 30.44 1.50 19.09
CA THR H 108 30.75 1.74 17.68
C THR H 108 32.18 2.23 17.45
N LEU H 109 32.86 2.69 18.49
CA LEU H 109 34.16 3.33 18.32
C LEU H 109 35.26 2.29 18.16
N LYS H 110 36.33 2.69 17.46
CA LYS H 110 37.48 1.82 17.19
C LYS H 110 38.72 2.68 17.22
N ILE H 111 39.51 2.53 18.28
CA ILE H 111 40.75 3.29 18.48
C ILE H 111 41.90 2.30 18.41
N GLU H 112 42.53 2.21 17.24
CA GLU H 112 43.67 1.34 17.04
C GLU H 112 44.44 1.85 15.84
N PHE H 113 45.73 1.52 15.77
CA PHE H 113 46.58 2.12 14.75
C PHE H 113 46.07 1.83 13.35
N ASP H 114 45.66 0.60 13.09
CA ASP H 114 45.16 0.25 11.76
C ASP H 114 43.89 1.01 11.42
N ASP H 115 43.17 1.51 12.41
CA ASP H 115 41.96 2.30 12.18
C ASP H 115 42.19 3.80 12.30
N SER H 116 43.11 4.22 13.17
CA SER H 116 43.40 5.63 13.32
C SER H 116 44.20 6.20 12.15
N PHE H 117 45.00 5.36 11.49
CA PHE H 117 45.87 5.79 10.39
C PHE H 117 45.57 4.90 9.19
N PRO H 118 44.46 5.14 8.50
CA PRO H 118 44.05 4.23 7.42
C PRO H 118 44.96 4.35 6.21
N GLU H 119 44.92 3.29 5.39
CA GLU H 119 45.74 3.17 4.20
C GLU H 119 44.84 2.96 3.00
N VAL H 120 45.19 3.61 1.88
CA VAL H 120 44.32 3.59 0.72
C VAL H 120 44.53 2.33 -0.12
N SER H 121 45.71 1.72 -0.06
CA SER H 121 45.99 0.49 -0.79
C SER H 121 47.07 -0.28 -0.07
N LYS H 122 47.17 -1.58 -0.39
CA LYS H 122 48.03 -2.48 0.37
C LYS H 122 49.47 -2.00 0.34
N PRO H 123 50.13 -1.86 1.49
CA PRO H 123 51.55 -1.55 1.50
C PRO H 123 52.40 -2.69 0.94
N GLY H 124 53.57 -2.31 0.42
CA GLY H 124 54.58 -3.28 0.08
C GLY H 124 55.55 -3.44 1.24
N PRO H 125 56.46 -4.41 1.15
CA PRO H 125 57.39 -4.64 2.27
C PRO H 125 58.30 -3.46 2.56
N ALA H 126 58.52 -2.57 1.59
CA ALA H 126 59.36 -1.40 1.86
C ALA H 126 58.65 -0.38 2.74
N LEU H 127 57.32 -0.38 2.73
CA LEU H 127 56.53 0.54 3.54
C LEU H 127 56.08 -0.09 4.87
N GLU H 128 56.04 -1.42 4.92
CA GLU H 128 55.65 -2.12 6.14
C GLU H 128 56.58 -1.79 7.30
N SER H 129 57.87 -1.57 7.02
CA SER H 129 58.81 -1.24 8.09
C SER H 129 58.47 0.10 8.73
N VAL H 130 58.14 1.10 7.89
CA VAL H 130 57.78 2.41 8.41
C VAL H 130 56.48 2.30 9.22
N ARG H 131 55.50 1.56 8.70
CA ARG H 131 54.30 1.31 9.47
C ARG H 131 54.63 0.66 10.81
N LYS H 132 55.57 -0.28 10.81
CA LYS H 132 55.91 -1.01 12.03
C LYS H 132 56.49 -0.07 13.09
N LEU H 133 57.39 0.83 12.69
CA LEU H 133 57.95 1.77 13.65
C LEU H 133 56.87 2.70 14.20
N ASN H 134 56.06 3.28 13.30
CA ASN H 134 55.06 4.25 13.74
C ASN H 134 54.04 3.60 14.67
N ARG H 135 53.71 2.32 14.44
CA ARG H 135 52.72 1.66 15.29
C ARG H 135 53.17 1.66 16.74
N ILE H 136 54.40 1.19 17.00
CA ILE H 136 54.84 1.10 18.38
C ILE H 136 54.94 2.48 19.00
N LEU H 137 55.43 3.47 18.26
CA LEU H 137 55.49 4.81 18.85
C LEU H 137 54.09 5.26 19.31
N TYR H 138 53.12 5.19 18.40
CA TYR H 138 51.77 5.66 18.71
C TYR H 138 51.19 4.92 19.91
N GLU H 139 51.23 3.59 19.87
CA GLU H 139 50.57 2.81 20.91
C GLU H 139 51.25 3.00 22.27
N GLY H 140 52.58 3.04 22.29
CA GLY H 140 53.27 3.25 23.55
C GLY H 140 52.89 4.57 24.21
N MET H 141 52.93 5.66 23.42
CA MET H 141 52.58 6.95 23.99
C MET H 141 51.12 6.95 24.50
N SER H 142 50.22 6.41 23.68
CA SER H 142 48.81 6.42 24.02
C SER H 142 48.54 5.68 25.32
N ASP H 143 49.17 4.51 25.50
CA ASP H 143 48.94 3.73 26.70
C ASP H 143 49.59 4.37 27.92
N ALA H 144 50.78 4.96 27.76
CA ALA H 144 51.44 5.56 28.91
C ALA H 144 50.60 6.68 29.50
N ILE H 145 50.12 7.60 28.66
CA ILE H 145 49.37 8.74 29.19
C ILE H 145 48.12 8.26 29.92
N HIS H 146 47.40 7.29 29.31
CA HIS H 146 46.18 6.79 29.91
C HIS H 146 46.46 6.15 31.26
N ILE H 147 47.53 5.36 31.36
CA ILE H 147 47.85 4.72 32.64
C ILE H 147 48.10 5.77 33.71
N ILE H 148 48.93 6.77 33.39
CA ILE H 148 49.29 7.75 34.41
C ILE H 148 48.05 8.50 34.90
N PHE H 149 47.22 8.97 33.96
CA PHE H 149 46.05 9.74 34.35
C PHE H 149 45.05 8.88 35.10
N SER H 150 44.88 7.62 34.70
CA SER H 150 43.97 6.75 35.41
C SER H 150 44.41 6.53 36.85
N LEU H 151 45.72 6.36 37.06
CA LEU H 151 46.20 6.06 38.40
C LEU H 151 46.10 7.30 39.29
N PHE H 152 46.54 8.46 38.82
CA PHE H 152 46.68 9.60 39.72
C PHE H 152 45.51 10.58 39.69
N LEU H 153 44.54 10.41 38.79
CA LEU H 153 43.33 11.21 38.80
C LEU H 153 42.04 10.41 38.85
N GLY H 154 42.00 9.21 38.25
CA GLY H 154 40.82 8.38 38.36
C GLY H 154 40.52 7.98 39.79
N PHE H 155 41.57 7.90 40.61
CA PHE H 155 41.39 7.53 42.02
C PHE H 155 40.42 8.47 42.72
N LEU H 156 40.55 9.77 42.47
CA LEU H 156 39.64 10.74 43.07
C LEU H 156 38.27 10.74 42.41
N ALA H 157 38.23 10.54 41.09
CA ALA H 157 36.97 10.53 40.37
C ALA H 157 36.06 9.40 40.89
N ALA H 158 36.64 8.23 41.14
CA ALA H 158 35.83 7.12 41.63
C ALA H 158 35.13 7.47 42.94
N ILE H 159 35.88 7.99 43.90
CA ILE H 159 35.30 8.36 45.20
C ILE H 159 34.20 9.40 45.00
N THR H 160 34.51 10.46 44.26
CA THR H 160 33.57 11.57 44.13
C THR H 160 32.29 11.12 43.46
N VAL H 161 32.39 10.30 42.41
CA VAL H 161 31.19 9.84 41.71
C VAL H 161 30.42 8.87 42.59
N GLY H 162 31.11 8.04 43.37
CA GLY H 162 30.41 7.09 44.22
C GLY H 162 29.50 7.79 45.23
N PHE H 163 29.98 8.88 45.82
CA PHE H 163 29.15 9.59 46.79
C PHE H 163 27.80 10.02 46.17
N PHE H 164 27.88 10.74 45.05
CA PHE H 164 26.65 11.24 44.42
C PHE H 164 25.78 10.10 43.91
N MET H 165 26.39 9.01 43.44
CA MET H 165 25.58 7.89 42.97
C MET H 165 24.82 7.24 44.11
N GLY H 166 25.43 7.12 45.29
CA GLY H 166 24.69 6.62 46.43
C GLY H 166 23.49 7.48 46.75
N MET H 167 23.70 8.80 46.80
CA MET H 167 22.55 9.67 47.06
C MET H 167 21.48 9.52 45.98
N ALA H 168 21.90 9.39 44.72
CA ALA H 168 20.93 9.27 43.64
C ALA H 168 20.09 8.00 43.78
N ARG H 169 20.73 6.88 44.13
CA ARG H 169 19.97 5.66 44.33
C ARG H 169 18.95 5.82 45.45
N PHE H 170 19.36 6.43 46.57
CA PHE H 170 18.41 6.60 47.67
C PHE H 170 17.21 7.42 47.21
N MET H 171 17.46 8.54 46.53
CA MET H 171 16.35 9.39 46.10
C MET H 171 15.44 8.66 45.13
N TYR H 172 16.01 7.92 44.18
CA TYR H 172 15.18 7.19 43.23
C TYR H 172 14.25 6.23 43.95
N THR H 173 14.77 5.48 44.93
CA THR H 173 13.92 4.50 45.59
C THR H 173 12.85 5.16 46.45
N TYR H 174 13.25 6.14 47.28
CA TYR H 174 12.36 6.58 48.36
C TYR H 174 11.64 7.89 48.08
N MET H 175 11.80 8.50 46.90
CA MET H 175 11.03 9.71 46.65
C MET H 175 10.30 9.72 45.32
N ALA H 176 10.89 9.14 44.26
CA ALA H 176 10.27 9.23 42.95
C ALA H 176 9.16 8.21 42.77
N GLY H 177 9.39 6.97 43.21
CA GLY H 177 8.45 5.90 42.99
C GLY H 177 7.09 6.13 43.64
N PRO H 178 7.09 6.49 44.92
CA PRO H 178 5.81 6.83 45.57
C PRO H 178 5.07 7.96 44.88
N PHE H 179 5.78 9.01 44.47
CA PHE H 179 5.15 10.12 43.76
C PHE H 179 4.48 9.63 42.49
N ASN H 180 5.18 8.79 41.73
CA ASN H 180 4.61 8.30 40.47
C ASN H 180 3.40 7.40 40.73
N GLN H 181 3.45 6.54 41.74
CA GLN H 181 2.31 5.67 42.02
C GLN H 181 1.09 6.48 42.44
N LEU H 182 1.28 7.48 43.29
CA LEU H 182 0.16 8.32 43.69
C LEU H 182 -0.40 9.08 42.50
N MET H 183 0.46 9.55 41.60
CA MET H 183 -0.02 10.20 40.38
C MET H 183 -0.84 9.23 39.53
N PHE H 184 -0.38 7.98 39.42
CA PHE H 184 -1.14 6.99 38.68
C PHE H 184 -2.54 6.82 39.26
N LEU H 185 -2.64 6.72 40.59
CA LEU H 185 -3.95 6.56 41.19
C LEU H 185 -4.83 7.77 40.91
N LEU H 186 -4.27 8.98 41.00
CA LEU H 186 -5.09 10.15 40.76
C LEU H 186 -5.55 10.25 39.31
N ILE H 187 -4.73 9.79 38.36
CA ILE H 187 -5.13 9.86 36.96
C ILE H 187 -6.17 8.79 36.63
N ALA H 188 -5.94 7.55 37.09
CA ALA H 188 -6.77 6.43 36.66
C ALA H 188 -8.21 6.55 37.14
N SER H 189 -8.51 7.46 38.07
CA SER H 189 -9.87 7.60 38.57
C SER H 189 -10.71 8.58 37.76
N LEU H 190 -10.09 9.40 36.91
CA LEU H 190 -10.81 10.38 36.10
C LEU H 190 -10.94 9.98 34.64
N ALA H 191 -9.99 9.23 34.11
CA ALA H 191 -9.93 9.00 32.66
C ALA H 191 -11.17 8.31 32.09
N PRO H 192 -11.75 7.29 32.72
CA PRO H 192 -12.84 6.56 32.06
C PRO H 192 -14.01 7.42 31.63
N SER H 193 -14.40 8.39 32.46
CA SER H 193 -15.54 9.24 32.14
C SER H 193 -15.26 10.09 30.92
N TRP H 194 -14.06 10.67 30.84
CA TRP H 194 -13.70 11.47 29.67
C TRP H 194 -13.68 10.61 28.42
N ARG H 195 -13.13 9.40 28.52
CA ARG H 195 -13.13 8.49 27.37
C ARG H 195 -14.55 8.25 26.87
N ALA H 196 -15.44 7.85 27.78
CA ALA H 196 -16.80 7.53 27.38
C ALA H 196 -17.50 8.75 26.79
N PHE H 197 -17.35 9.91 27.43
CA PHE H 197 -18.03 11.11 26.98
C PHE H 197 -17.58 11.51 25.58
N PHE H 198 -16.27 11.49 25.33
CA PHE H 198 -15.78 11.87 24.00
C PHE H 198 -16.24 10.87 22.94
N ARG H 199 -16.11 9.57 23.23
CA ARG H 199 -16.42 8.58 22.22
C ARG H 199 -17.90 8.60 21.86
N ALA H 200 -18.78 8.73 22.86
CA ALA H 200 -20.21 8.72 22.58
C ALA H 200 -20.60 9.83 21.61
N GLY H 201 -19.88 10.93 21.62
CA GLY H 201 -20.19 12.04 20.74
C GLY H 201 -19.48 12.00 19.41
N MET H 202 -18.31 11.38 19.34
CA MET H 202 -17.49 11.44 18.13
C MET H 202 -17.50 10.18 17.29
N ASP H 203 -17.87 9.02 17.84
CA ASP H 203 -17.74 7.78 17.08
C ASP H 203 -18.55 7.74 15.80
N PRO H 204 -19.82 8.17 15.77
CA PRO H 204 -20.61 8.05 14.53
C PRO H 204 -19.91 8.62 13.31
N ILE H 205 -19.13 9.69 13.49
CA ILE H 205 -18.48 10.35 12.37
C ILE H 205 -17.51 9.40 11.67
N PHE H 206 -16.94 8.44 12.39
CA PHE H 206 -16.03 7.48 11.80
C PHE H 206 -16.70 6.15 11.47
N GLU H 207 -17.86 5.86 12.04
CA GLU H 207 -18.66 4.75 11.56
C GLU H 207 -19.22 5.03 10.17
N SER H 208 -19.65 6.28 9.93
CA SER H 208 -20.11 6.65 8.60
C SER H 208 -18.98 6.59 7.58
N GLY H 209 -17.80 7.09 7.96
CA GLY H 209 -16.66 7.08 7.04
C GLY H 209 -16.14 5.70 6.73
N SER H 210 -16.54 4.69 7.52
CA SER H 210 -16.06 3.34 7.28
C SER H 210 -16.64 2.72 6.02
N LEU H 211 -17.77 3.23 5.52
CA LEU H 211 -18.42 2.64 4.37
C LEU H 211 -17.64 2.81 3.07
N ALA H 212 -16.61 3.65 3.07
CA ALA H 212 -15.88 3.92 1.83
C ALA H 212 -15.03 2.73 1.39
N LEU H 213 -14.62 1.86 2.31
CA LEU H 213 -13.77 0.73 1.98
C LEU H 213 -14.54 -0.57 1.81
N SER H 214 -15.86 -0.52 1.86
CA SER H 214 -16.65 -1.64 1.36
C SER H 214 -16.63 -1.62 -0.17
N ASN H 215 -17.15 -2.68 -0.77
CA ASN H 215 -17.36 -2.70 -2.21
C ASN H 215 -16.04 -2.55 -2.97
N ILE H 216 -15.02 -3.30 -2.57
CA ILE H 216 -13.82 -3.45 -3.38
C ILE H 216 -13.97 -4.70 -4.24
N GLN H 217 -13.55 -4.62 -5.50
CA GLN H 217 -13.74 -5.71 -6.44
C GLN H 217 -12.55 -5.74 -7.39
N VAL H 218 -11.95 -6.92 -7.55
CA VAL H 218 -10.68 -7.07 -8.27
C VAL H 218 -10.80 -8.20 -9.29
N ARG H 219 -10.26 -7.98 -10.49
CA ARG H 219 -10.10 -9.00 -11.52
C ARG H 219 -8.62 -9.13 -11.84
N LEU H 220 -8.11 -10.36 -11.84
CA LEU H 220 -6.68 -10.60 -11.92
C LEU H 220 -6.38 -11.75 -12.88
N GLY H 221 -5.30 -11.61 -13.63
CA GLY H 221 -4.84 -12.66 -14.52
C GLY H 221 -3.33 -12.77 -14.48
N MET H 222 -2.82 -13.99 -14.62
CA MET H 222 -1.42 -14.29 -14.32
C MET H 222 -0.79 -15.21 -15.35
N GLU H 223 0.50 -15.01 -15.59
CA GLU H 223 1.37 -15.91 -16.32
C GLU H 223 2.62 -16.19 -15.48
N GLY H 224 3.17 -17.39 -15.59
CA GLY H 224 4.36 -17.70 -14.82
C GLY H 224 5.24 -18.84 -15.32
N LYS H 225 6.55 -18.69 -15.14
CA LYS H 225 7.53 -19.74 -15.38
C LYS H 225 8.39 -19.88 -14.13
N ALA H 226 8.84 -21.11 -13.85
CA ALA H 226 9.64 -21.37 -12.66
C ALA H 226 10.65 -22.47 -12.92
N ARG H 227 11.83 -22.33 -12.30
CA ARG H 227 12.87 -23.35 -12.32
C ARG H 227 13.38 -23.52 -10.90
N HIS H 228 13.74 -24.74 -10.53
CA HIS H 228 14.19 -25.00 -9.16
C HIS H 228 15.18 -26.16 -9.13
N LYS H 229 15.94 -26.20 -8.03
CA LYS H 229 16.96 -27.21 -7.81
C LYS H 229 16.98 -27.65 -6.35
N GLU H 230 17.42 -28.89 -6.13
CA GLU H 230 17.81 -29.34 -4.79
C GLU H 230 19.32 -29.38 -4.75
N LEU H 231 19.89 -28.80 -3.70
CA LEU H 231 21.35 -28.82 -3.52
C LEU H 231 21.77 -30.04 -2.71
N GLU I 79 34.11 -13.81 -19.07
CA GLU I 79 34.98 -13.76 -17.85
C GLU I 79 34.36 -12.89 -16.75
N ALA I 80 34.39 -11.58 -16.96
CA ALA I 80 34.04 -10.65 -15.88
C ALA I 80 32.60 -10.85 -15.42
N GLU I 81 31.65 -10.88 -16.36
CA GLU I 81 30.25 -11.00 -15.98
C GLU I 81 29.98 -12.30 -15.23
N GLU I 82 30.69 -13.37 -15.58
CA GLU I 82 30.48 -14.65 -14.91
C GLU I 82 30.89 -14.57 -13.44
N LYS I 83 32.07 -13.99 -13.16
CA LYS I 83 32.49 -13.84 -11.77
C LYS I 83 31.56 -12.88 -11.03
N TYR I 84 31.10 -11.82 -11.70
CA TYR I 84 30.15 -10.91 -11.08
C TYR I 84 28.88 -11.64 -10.65
N ILE I 85 28.33 -12.47 -11.55
CA ILE I 85 27.11 -13.19 -11.24
C ILE I 85 27.36 -14.22 -10.14
N GLU I 86 28.53 -14.87 -10.17
CA GLU I 86 28.86 -15.81 -9.10
C GLU I 86 28.90 -15.11 -7.75
N ARG I 87 29.44 -13.89 -7.71
CA ARG I 87 29.46 -13.14 -6.46
C ARG I 87 28.07 -12.70 -6.03
N GLN I 88 27.20 -12.39 -6.99
CA GLN I 88 25.86 -11.92 -6.64
C GLN I 88 25.00 -13.03 -6.07
N LEU I 89 25.22 -14.27 -6.48
CA LEU I 89 24.33 -15.37 -6.11
C LEU I 89 24.65 -15.98 -4.75
N LYS I 90 25.71 -15.53 -4.06
CA LYS I 90 26.04 -16.11 -2.77
C LYS I 90 25.08 -15.67 -1.69
N TYR I 91 24.74 -14.38 -1.67
CA TYR I 91 23.91 -13.81 -0.63
C TYR I 91 22.98 -12.78 -1.25
N LEU I 92 21.68 -12.92 -1.01
CA LEU I 92 20.66 -12.11 -1.65
C LEU I 92 19.96 -11.16 -0.69
N GLY I 93 20.44 -11.01 0.53
CA GLY I 93 19.74 -10.25 1.54
C GLY I 93 20.16 -8.79 1.63
N PRO I 94 19.66 -8.08 2.64
CA PRO I 94 20.00 -6.66 2.79
C PRO I 94 21.47 -6.46 3.10
N ILE I 95 21.98 -5.29 2.68
CA ILE I 95 23.40 -4.97 2.81
C ILE I 95 23.65 -3.57 3.38
N SER I 96 22.63 -2.85 3.81
CA SER I 96 22.82 -1.47 4.21
C SER I 96 23.63 -1.38 5.51
N GLN I 97 24.22 -0.20 5.73
CA GLN I 97 25.09 0.05 6.88
C GLN I 97 24.62 1.23 7.72
N VAL I 98 23.33 1.57 7.66
CA VAL I 98 22.83 2.76 8.35
C VAL I 98 22.86 2.63 9.86
N SER I 99 23.07 1.44 10.40
CA SER I 99 23.05 1.26 11.85
C SER I 99 24.32 1.76 12.53
N ASP I 100 25.31 2.20 11.75
CA ASP I 100 26.57 2.72 12.30
C ASP I 100 26.74 4.14 11.80
N ALA I 101 26.92 5.07 12.74
CA ALA I 101 27.03 6.49 12.43
C ALA I 101 28.46 7.02 12.50
N TYR I 102 29.44 6.17 12.78
CA TYR I 102 30.81 6.59 13.06
C TYR I 102 31.81 5.86 12.17
N ARG I 103 31.58 5.85 10.86
CA ARG I 103 32.38 5.08 9.92
C ARG I 103 33.07 5.99 8.91
N LEU I 104 34.19 5.51 8.37
CA LEU I 104 34.93 6.21 7.34
C LEU I 104 34.54 5.71 5.95
N ASP I 105 34.98 6.45 4.93
CA ASP I 105 34.64 6.16 3.54
C ASP I 105 35.81 5.58 2.76
N THR I 106 36.87 5.14 3.44
CA THR I 106 38.10 4.78 2.74
C THR I 106 37.91 3.57 1.84
N THR I 107 36.96 2.69 2.16
CA THR I 107 36.86 1.41 1.46
C THR I 107 36.44 1.56 0.00
N THR I 108 35.88 2.71 -0.39
CA THR I 108 35.37 2.88 -1.74
C THR I 108 36.43 3.36 -2.72
N LEU I 109 37.54 3.88 -2.24
CA LEU I 109 38.52 4.52 -3.11
C LEU I 109 39.40 3.49 -3.79
N LYS I 110 39.91 3.85 -4.97
CA LYS I 110 40.77 2.97 -5.77
C LYS I 110 41.82 3.84 -6.46
N ILE I 111 43.06 3.75 -5.99
CA ILE I 111 44.16 4.53 -6.52
C ILE I 111 45.13 3.54 -7.16
N GLU I 112 45.04 3.39 -8.46
CA GLU I 112 45.92 2.51 -9.22
C GLU I 112 45.90 2.97 -10.67
N PHE I 113 46.96 2.64 -11.40
CA PHE I 113 47.12 3.19 -12.75
C PHE I 113 45.94 2.83 -13.64
N ASP I 114 45.49 1.57 -13.58
CA ASP I 114 44.36 1.16 -14.42
C ASP I 114 43.09 1.89 -14.06
N ASP I 115 42.99 2.44 -12.85
CA ASP I 115 41.82 3.21 -12.44
C ASP I 115 42.04 4.71 -12.51
N SER I 116 43.27 5.18 -12.31
CA SER I 116 43.55 6.61 -12.39
C SER I 116 43.57 7.12 -13.82
N PHE I 117 43.90 6.25 -14.78
CA PHE I 117 44.04 6.63 -16.18
C PHE I 117 43.17 5.69 -17.01
N PRO I 118 41.86 5.87 -16.99
CA PRO I 118 40.96 4.90 -17.64
C PRO I 118 41.06 4.96 -19.16
N GLU I 119 40.64 3.86 -19.77
CA GLU I 119 40.70 3.68 -21.21
C GLU I 119 39.30 3.41 -21.75
N VAL I 120 38.97 3.99 -22.89
CA VAL I 120 37.60 3.90 -23.40
C VAL I 120 37.38 2.60 -24.17
N SER I 121 38.43 2.01 -24.74
CA SER I 121 38.30 0.75 -25.45
C SER I 121 39.63 0.02 -25.38
N LYS I 122 39.58 -1.29 -25.66
CA LYS I 122 40.75 -2.15 -25.44
C LYS I 122 41.94 -1.66 -26.26
N PRO I 123 43.10 -1.46 -25.64
CA PRO I 123 44.31 -1.13 -26.43
C PRO I 123 44.74 -2.30 -27.30
N GLY I 124 45.44 -1.96 -28.38
CA GLY I 124 46.15 -2.93 -29.18
C GLY I 124 47.59 -3.01 -28.73
N PRO I 125 48.34 -3.99 -29.25
CA PRO I 125 49.73 -4.15 -28.79
C PRO I 125 50.61 -2.95 -29.08
N ALA I 126 50.26 -2.11 -30.06
CA ALA I 126 51.06 -0.93 -30.34
C ALA I 126 50.91 0.14 -29.26
N LEU I 127 49.78 0.13 -28.55
CA LEU I 127 49.52 1.09 -27.48
C LEU I 127 49.88 0.53 -26.10
N GLU I 128 49.92 -0.80 -25.97
CA GLU I 128 50.26 -1.43 -24.70
C GLU I 128 51.66 -1.04 -24.25
N SER I 129 52.59 -0.83 -25.18
CA SER I 129 53.94 -0.43 -24.80
C SER I 129 53.95 0.94 -24.14
N VAL I 130 53.21 1.89 -24.71
CA VAL I 130 53.12 3.23 -24.12
C VAL I 130 52.47 3.14 -22.74
N ARG I 131 51.39 2.37 -22.63
CA ARG I 131 50.79 2.14 -21.32
C ARG I 131 51.82 1.58 -20.34
N LYS I 132 52.64 0.65 -20.80
CA LYS I 132 53.61 -0.01 -19.93
C LYS I 132 54.64 0.97 -19.40
N LEU I 133 55.15 1.86 -20.25
CA LEU I 133 56.10 2.86 -19.78
C LEU I 133 55.46 3.81 -18.77
N ASN I 134 54.27 4.33 -19.12
CA ASN I 134 53.63 5.31 -18.25
C ASN I 134 53.30 4.72 -16.89
N ARG I 135 52.94 3.43 -16.86
CA ARG I 135 52.59 2.80 -15.59
C ARG I 135 53.74 2.87 -14.60
N ILE I 136 54.93 2.44 -15.02
CA ILE I 136 56.05 2.41 -14.09
C ILE I 136 56.42 3.84 -13.68
N LEU I 137 56.40 4.78 -14.62
CA LEU I 137 56.72 6.15 -14.21
C LEU I 137 55.79 6.62 -13.09
N TYR I 138 54.48 6.50 -13.33
CA TYR I 138 53.48 6.98 -12.36
C TYR I 138 53.66 6.30 -11.01
N GLU I 139 53.72 4.97 -11.00
CA GLU I 139 53.75 4.25 -9.74
C GLU I 139 55.05 4.50 -8.98
N GLY I 140 56.18 4.57 -9.67
CA GLY I 140 57.44 4.85 -8.99
C GLY I 140 57.42 6.19 -8.30
N MET I 141 56.99 7.25 -9.01
CA MET I 141 56.93 8.57 -8.38
C MET I 141 55.99 8.56 -7.18
N SER I 142 54.82 7.96 -7.36
CA SER I 142 53.80 7.98 -6.31
C SER I 142 54.30 7.31 -5.06
N ASP I 143 54.98 6.17 -5.21
CA ASP I 143 55.45 5.44 -4.02
C ASP I 143 56.63 6.16 -3.37
N ALA I 144 57.52 6.74 -4.17
CA ALA I 144 58.68 7.41 -3.60
C ALA I 144 58.26 8.56 -2.69
N ILE I 145 57.36 9.43 -3.18
CA ILE I 145 56.99 10.59 -2.37
C ILE I 145 56.34 10.14 -1.07
N HIS I 146 55.45 9.15 -1.15
CA HIS I 146 54.75 8.66 0.04
C HIS I 146 55.74 8.10 1.05
N ILE I 147 56.72 7.32 0.58
CA ILE I 147 57.70 6.74 1.51
C ILE I 147 58.45 7.86 2.24
N ILE I 148 58.95 8.83 1.48
CA ILE I 148 59.78 9.88 2.10
C ILE I 148 58.97 10.63 3.14
N PHE I 149 57.75 11.05 2.78
CA PHE I 149 56.95 11.84 3.72
C PHE I 149 56.54 11.01 4.93
N SER I 150 56.22 9.73 4.73
CA SER I 150 55.86 8.88 5.86
C SER I 150 57.03 8.76 6.83
N LEU I 151 58.24 8.59 6.30
CA LEU I 151 59.38 8.40 7.20
C LEU I 151 59.72 9.66 7.95
N PHE I 152 59.79 10.81 7.26
CA PHE I 152 60.35 12.00 7.90
C PHE I 152 59.31 12.96 8.46
N LEU I 153 58.02 12.73 8.23
CA LEU I 153 56.98 13.53 8.87
C LEU I 153 55.95 12.72 9.64
N GLY I 154 55.64 11.49 9.19
CA GLY I 154 54.73 10.66 9.96
C GLY I 154 55.26 10.33 11.35
N PHE I 155 56.59 10.32 11.48
CA PHE I 155 57.22 10.01 12.77
C PHE I 155 56.76 10.98 13.86
N LEU I 156 56.68 12.27 13.52
CA LEU I 156 56.20 13.26 14.47
C LEU I 156 54.68 13.21 14.65
N ALA I 157 53.95 12.94 13.57
CA ALA I 157 52.50 12.88 13.65
C ALA I 157 52.04 11.79 14.61
N ALA I 158 52.71 10.63 14.56
CA ALA I 158 52.33 9.54 15.46
C ALA I 158 52.43 9.96 16.92
N ILE I 159 53.57 10.53 17.31
CA ILE I 159 53.76 10.97 18.70
C ILE I 159 52.69 11.99 19.08
N THR I 160 52.52 13.01 18.24
CA THR I 160 51.62 14.10 18.59
C THR I 160 50.19 13.61 18.74
N VAL I 161 49.74 12.74 17.83
CA VAL I 161 48.37 12.24 17.92
C VAL I 161 48.22 11.30 19.11
N GLY I 162 49.25 10.52 19.42
CA GLY I 162 49.16 9.62 20.56
C GLY I 162 48.90 10.36 21.86
N PHE I 163 49.58 11.48 22.06
CA PHE I 163 49.39 12.24 23.29
C PHE I 163 47.92 12.63 23.48
N PHE I 164 47.33 13.29 22.47
CA PHE I 164 45.95 13.75 22.57
C PHE I 164 44.99 12.58 22.65
N MET I 165 45.28 11.46 21.98
CA MET I 165 44.38 10.32 22.06
C MET I 165 44.37 9.72 23.46
N GLY I 166 45.53 9.67 24.12
CA GLY I 166 45.54 9.22 25.51
C GLY I 166 44.67 10.10 26.40
N MET I 167 44.83 11.42 26.27
CA MET I 167 43.97 12.30 27.07
C MET I 167 42.49 12.08 26.75
N ALA I 168 42.16 11.89 25.47
CA ALA I 168 40.78 11.70 25.07
C ALA I 168 40.19 10.45 25.70
N ARG I 169 40.95 9.35 25.70
CA ARG I 169 40.46 8.12 26.33
C ARG I 169 40.20 8.35 27.81
N PHE I 170 41.13 9.02 28.50
CA PHE I 170 40.91 9.25 29.94
C PHE I 170 39.63 10.03 30.17
N MET I 171 39.43 11.10 29.41
CA MET I 171 38.24 11.92 29.62
C MET I 171 36.97 11.14 29.32
N TYR I 172 36.97 10.35 28.23
CA TYR I 172 35.78 9.57 27.92
C TYR I 172 35.42 8.64 29.07
N THR I 173 36.41 7.96 29.64
CA THR I 173 36.07 7.00 30.70
C THR I 173 35.63 7.70 31.98
N TYR I 174 36.37 8.72 32.42
CA TYR I 174 36.19 9.23 33.78
C TYR I 174 35.40 10.52 33.87
N MET I 175 34.86 11.05 32.77
CA MET I 175 34.03 12.25 32.91
C MET I 175 32.69 12.16 32.19
N ALA I 176 32.64 11.53 31.01
CA ALA I 176 31.40 11.55 30.23
C ALA I 176 30.41 10.50 30.74
N GLY I 177 30.89 9.30 31.04
CA GLY I 177 30.02 8.21 31.41
C GLY I 177 29.22 8.46 32.67
N PRO I 178 29.89 8.90 33.73
CA PRO I 178 29.15 9.26 34.96
C PRO I 178 28.12 10.36 34.73
N PHE I 179 28.47 11.38 33.95
CA PHE I 179 27.52 12.45 33.65
C PHE I 179 26.28 11.89 32.96
N ASN I 180 26.49 11.02 31.98
CA ASN I 180 25.35 10.46 31.25
C ASN I 180 24.50 9.57 32.15
N GLN I 181 25.13 8.76 33.01
CA GLN I 181 24.34 7.90 33.90
C GLN I 181 23.52 8.71 34.88
N LEU I 182 24.11 9.77 35.45
CA LEU I 182 23.34 10.62 36.35
C LEU I 182 22.19 11.30 35.62
N MET I 183 22.43 11.74 34.38
CA MET I 183 21.34 12.32 33.60
C MET I 183 20.23 11.30 33.35
N PHE I 184 20.60 10.04 33.08
CA PHE I 184 19.59 9.01 32.89
C PHE I 184 18.74 8.86 34.14
N LEU I 185 19.37 8.83 35.31
CA LEU I 185 18.60 8.70 36.54
C LEU I 185 17.67 9.89 36.73
N LEU I 186 18.14 11.10 36.44
CA LEU I 186 17.29 12.26 36.63
C LEU I 186 16.12 12.28 35.66
N ILE I 187 16.30 11.77 34.44
CA ILE I 187 15.21 11.76 33.47
C ILE I 187 14.19 10.66 33.79
N ALA I 188 14.68 9.47 34.12
CA ALA I 188 13.79 8.32 34.26
C ALA I 188 12.82 8.45 35.43
N SER I 189 13.04 9.41 36.33
CA SER I 189 12.16 9.57 37.48
C SER I 189 10.98 10.49 37.21
N LEU I 190 11.02 11.26 36.12
CA LEU I 190 9.95 12.21 35.79
C LEU I 190 9.06 11.73 34.64
N ALA I 191 9.61 10.96 33.71
CA ALA I 191 8.88 10.65 32.48
C ALA I 191 7.56 9.92 32.68
N PRO I 192 7.44 8.93 33.58
CA PRO I 192 6.19 8.15 33.63
C PRO I 192 4.95 9.00 33.86
N SER I 193 5.03 10.01 34.73
CA SER I 193 3.87 10.83 35.03
C SER I 193 3.42 11.62 33.82
N TRP I 194 4.37 12.20 33.08
CA TRP I 194 4.03 12.94 31.88
C TRP I 194 3.39 12.02 30.86
N ARG I 195 3.95 10.81 30.70
CA ARG I 195 3.37 9.85 29.76
C ARG I 195 1.91 9.57 30.11
N ALA I 196 1.66 9.21 31.37
CA ALA I 196 0.31 8.86 31.79
C ALA I 196 -0.64 10.04 31.61
N PHE I 197 -0.21 11.24 32.03
CA PHE I 197 -1.07 12.41 31.96
C PHE I 197 -1.45 12.73 30.53
N PHE I 198 -0.49 12.71 29.62
CA PHE I 198 -0.80 13.03 28.22
C PHE I 198 -1.72 11.96 27.61
N ARG I 199 -1.40 10.69 27.84
CA ARG I 199 -2.18 9.64 27.20
C ARG I 199 -3.63 9.64 27.68
N ALA I 200 -3.82 9.81 28.99
CA ALA I 200 -5.18 9.77 29.53
C ALA I 200 -6.08 10.81 28.88
N GLY I 201 -5.51 11.93 28.45
CA GLY I 201 -6.28 12.98 27.85
C GLY I 201 -6.39 12.88 26.34
N MET I 202 -5.41 12.26 25.68
CA MET I 202 -5.37 12.27 24.23
C MET I 202 -5.80 10.97 23.56
N ASP I 203 -5.77 9.84 24.27
CA ASP I 203 -6.03 8.56 23.61
C ASP I 203 -7.41 8.46 22.98
N PRO I 204 -8.51 8.87 23.62
CA PRO I 204 -9.83 8.68 23.00
C PRO I 204 -9.92 9.19 21.58
N ILE I 205 -9.19 10.26 21.26
CA ILE I 205 -9.28 10.87 19.94
C ILE I 205 -8.80 9.89 18.86
N PHE I 206 -7.91 8.98 19.21
CA PHE I 206 -7.42 7.99 18.26
C PHE I 206 -8.11 6.64 18.39
N GLU I 207 -8.78 6.38 19.52
CA GLU I 207 -9.67 5.23 19.59
C GLU I 207 -10.89 5.44 18.70
N SER I 208 -11.43 6.66 18.70
CA SER I 208 -12.55 6.95 17.80
C SER I 208 -12.13 6.86 16.34
N GLY I 209 -10.95 7.38 16.01
CA GLY I 209 -10.48 7.34 14.63
C GLY I 209 -10.16 5.95 14.13
N SER I 210 -10.06 4.98 15.05
CA SER I 210 -9.73 3.61 14.66
C SER I 210 -10.88 2.92 13.93
N LEU I 211 -12.11 3.41 14.08
CA LEU I 211 -13.27 2.74 13.49
C LEU I 211 -13.30 2.86 11.98
N ALA I 212 -12.46 3.70 11.38
CA ALA I 212 -12.52 3.90 9.94
C ALA I 212 -11.99 2.71 9.16
N LEU I 213 -11.12 1.89 9.76
CA LEU I 213 -10.55 0.75 9.07
C LEU I 213 -11.24 -0.57 9.40
N SER I 214 -12.34 -0.53 10.14
CA SER I 214 -13.23 -1.67 10.19
C SER I 214 -14.03 -1.73 8.88
N ASN I 215 -14.77 -2.82 8.71
CA ASN I 215 -15.72 -2.92 7.61
C ASN I 215 -15.02 -2.80 6.25
N ILE I 216 -13.92 -3.52 6.08
CA ILE I 216 -13.34 -3.72 4.76
C ILE I 216 -13.88 -5.01 4.18
N GLN I 217 -14.21 -4.99 2.89
CA GLN I 217 -14.84 -6.13 2.23
C GLN I 217 -14.34 -6.21 0.80
N VAL I 218 -13.89 -7.39 0.37
CA VAL I 218 -13.22 -7.57 -0.91
C VAL I 218 -13.83 -8.75 -1.65
N ARG I 219 -14.01 -8.59 -2.96
CA ARG I 219 -14.39 -9.66 -3.86
C ARG I 219 -13.32 -9.80 -4.93
N LEU I 220 -12.85 -11.03 -5.15
CA LEU I 220 -11.68 -11.26 -5.99
C LEU I 220 -11.90 -12.45 -6.91
N GLY I 221 -11.40 -12.34 -8.14
CA GLY I 221 -11.45 -13.45 -9.08
C GLY I 221 -10.16 -13.55 -9.87
N MET I 222 -9.76 -14.78 -10.19
CA MET I 222 -8.41 -15.04 -10.68
C MET I 222 -8.40 -16.01 -11.85
N GLU I 223 -7.44 -15.81 -12.75
CA GLU I 223 -7.07 -16.76 -13.80
C GLU I 223 -5.56 -16.98 -13.76
N GLY I 224 -5.11 -18.18 -14.11
CA GLY I 224 -3.69 -18.44 -14.09
C GLY I 224 -3.18 -19.59 -14.93
N LYS I 225 -1.98 -19.42 -15.49
CA LYS I 225 -1.24 -20.48 -16.17
C LYS I 225 0.16 -20.55 -15.59
N ALA I 226 0.72 -21.76 -15.53
CA ALA I 226 2.04 -21.94 -14.95
C ALA I 226 2.80 -23.05 -15.68
N ARG I 227 4.11 -22.88 -15.79
CA ARG I 227 5.02 -23.88 -16.33
C ARG I 227 6.22 -23.98 -15.40
N HIS I 228 6.77 -25.19 -15.24
CA HIS I 228 7.88 -25.36 -14.31
C HIS I 228 8.78 -26.50 -14.77
N LYS I 229 10.01 -26.49 -14.26
CA LYS I 229 11.02 -27.48 -14.58
C LYS I 229 11.83 -27.84 -13.34
N GLU I 230 12.36 -29.06 -13.33
CA GLU I 230 13.41 -29.44 -12.41
C GLU I 230 14.73 -29.46 -13.18
N LEU I 231 15.75 -28.83 -12.62
CA LEU I 231 17.07 -28.82 -13.24
C LEU I 231 17.90 -29.99 -12.74
N GLU J 79 18.94 -14.59 -33.87
CA GLU J 79 20.32 -14.47 -33.30
C GLU J 79 20.36 -13.54 -32.08
N ALA J 80 20.23 -12.24 -32.33
CA ALA J 80 20.48 -11.26 -31.27
C ALA J 80 19.53 -11.44 -30.09
N GLU J 81 18.23 -11.53 -30.38
CA GLU J 81 17.25 -11.64 -29.29
C GLU J 81 17.47 -12.90 -28.47
N GLU J 82 17.92 -13.98 -29.10
CA GLU J 82 18.16 -15.22 -28.37
C GLU J 82 19.29 -15.06 -27.37
N LYS J 83 20.42 -14.47 -27.79
CA LYS J 83 21.51 -14.21 -26.87
C LYS J 83 21.08 -13.24 -25.77
N TYR J 84 20.29 -12.24 -26.12
CA TYR J 84 19.80 -11.30 -25.11
C TYR J 84 18.99 -12.02 -24.04
N ILE J 85 18.07 -12.89 -24.48
CA ILE J 85 17.23 -13.60 -23.52
C ILE J 85 18.07 -14.57 -22.69
N GLU J 86 19.07 -15.20 -23.31
CA GLU J 86 19.96 -16.07 -22.55
C GLU J 86 20.68 -15.30 -21.46
N ARG J 87 21.12 -14.07 -21.77
CA ARG J 87 21.80 -13.27 -20.77
C ARG J 87 20.84 -12.80 -19.69
N GLN J 88 19.57 -12.57 -20.03
CA GLN J 88 18.62 -12.08 -19.03
C GLN J 88 18.23 -13.17 -18.04
N LEU J 89 18.25 -14.43 -18.45
CA LEU J 89 17.73 -15.52 -17.62
C LEU J 89 18.75 -16.05 -16.62
N LYS J 90 19.99 -15.56 -16.64
CA LYS J 90 20.99 -16.07 -15.70
C LYS J 90 20.74 -15.57 -14.29
N TYR J 91 20.41 -14.29 -14.14
CA TYR J 91 20.26 -13.66 -12.83
C TYR J 91 19.11 -12.67 -12.90
N LEU J 92 18.15 -12.82 -12.00
CA LEU J 92 16.92 -12.04 -12.02
C LEU J 92 16.80 -11.05 -10.87
N GLY J 93 17.88 -10.83 -10.11
CA GLY J 93 17.81 -10.02 -8.91
C GLY J 93 18.15 -8.56 -9.13
N PRO J 94 18.26 -7.81 -8.04
CA PRO J 94 18.58 -6.38 -8.15
C PRO J 94 19.98 -6.15 -8.71
N ILE J 95 20.14 -5.00 -9.37
CA ILE J 95 21.39 -4.66 -10.03
C ILE J 95 21.86 -3.24 -9.76
N SER J 96 21.19 -2.50 -8.87
CA SER J 96 21.54 -1.09 -8.70
C SER J 96 22.90 -0.93 -8.05
N GLN J 97 23.49 0.26 -8.22
CA GLN J 97 24.83 0.57 -7.74
C GLN J 97 24.84 1.79 -6.82
N VAL J 98 23.72 2.12 -6.20
CA VAL J 98 23.62 3.34 -5.40
C VAL J 98 24.47 3.31 -4.14
N SER J 99 24.98 2.14 -3.74
CA SER J 99 25.75 2.04 -2.51
C SER J 99 27.16 2.58 -2.64
N ASP J 100 27.57 3.00 -3.83
CA ASP J 100 28.91 3.52 -4.09
C ASP J 100 28.77 4.92 -4.66
N ALA J 101 29.37 5.90 -3.99
CA ALA J 101 29.24 7.30 -4.37
C ALA J 101 30.46 7.85 -5.10
N TYR J 102 31.47 7.02 -5.37
CA TYR J 102 32.75 7.47 -5.89
C TYR J 102 33.15 6.70 -7.15
N ARG J 103 32.24 6.62 -8.12
CA ARG J 103 32.43 5.80 -9.31
C ARG J 103 32.45 6.67 -10.56
N LEU J 104 33.10 6.16 -11.60
CA LEU J 104 33.15 6.82 -12.90
C LEU J 104 32.09 6.24 -13.84
N ASP J 105 31.88 6.92 -14.95
CA ASP J 105 30.86 6.56 -15.95
C ASP J 105 31.45 5.93 -17.20
N THR J 106 32.73 5.55 -17.18
CA THR J 106 33.39 5.17 -18.43
C THR J 106 32.80 3.90 -19.03
N THR J 107 32.20 3.03 -18.21
CA THR J 107 31.78 1.72 -18.70
C THR J 107 30.64 1.79 -19.70
N THR J 108 29.91 2.91 -19.77
CA THR J 108 28.75 3.00 -20.64
C THR J 108 29.11 3.44 -22.06
N LEU J 109 30.28 3.99 -22.27
CA LEU J 109 30.62 4.59 -23.55
C LEU J 109 31.03 3.53 -24.57
N LYS J 110 30.82 3.84 -25.85
CA LYS J 110 31.12 2.93 -26.95
C LYS J 110 31.61 3.77 -28.13
N ILE J 111 32.92 3.70 -28.39
CA ILE J 111 33.55 4.46 -29.47
C ILE J 111 34.05 3.45 -30.48
N GLU J 112 33.26 3.22 -31.53
CA GLU J 112 33.64 2.31 -32.61
C GLU J 112 32.82 2.70 -33.83
N PHE J 113 33.32 2.33 -35.01
CA PHE J 113 32.72 2.81 -36.25
C PHE J 113 31.26 2.40 -36.34
N ASP J 114 30.95 1.14 -36.01
CA ASP J 114 29.57 0.68 -36.09
C ASP J 114 28.65 1.43 -35.13
N ASP J 115 29.21 2.04 -34.08
CA ASP J 115 28.42 2.81 -33.13
C ASP J 115 28.51 4.31 -33.37
N SER J 116 29.64 4.80 -33.88
CA SER J 116 29.79 6.22 -34.16
C SER J 116 29.02 6.66 -35.40
N PHE J 117 28.83 5.74 -36.35
CA PHE J 117 28.17 6.04 -37.62
C PHE J 117 27.03 5.04 -37.81
N PRO J 118 25.93 5.22 -37.08
CA PRO J 118 24.85 4.23 -37.12
C PRO J 118 24.12 4.20 -38.44
N GLU J 119 23.47 3.07 -38.69
CA GLU J 119 22.75 2.81 -39.93
C GLU J 119 21.29 2.50 -39.61
N VAL J 120 20.38 3.04 -40.42
CA VAL J 120 18.96 2.91 -40.10
C VAL J 120 18.40 1.57 -40.57
N SER J 121 19.00 0.97 -41.60
CA SER J 121 18.55 -0.34 -42.08
C SER J 121 19.73 -1.07 -42.71
N LYS J 122 19.58 -2.38 -42.85
CA LYS J 122 20.68 -3.24 -43.25
C LYS J 122 21.23 -2.82 -44.60
N PRO J 123 22.54 -2.58 -44.73
CA PRO J 123 23.12 -2.28 -46.04
C PRO J 123 23.06 -3.48 -46.98
N GLY J 124 23.06 -3.18 -48.27
CA GLY J 124 23.27 -4.18 -49.29
C GLY J 124 24.74 -4.23 -49.67
N PRO J 125 25.12 -5.23 -50.49
CA PRO J 125 26.54 -5.35 -50.85
C PRO J 125 27.08 -4.17 -51.62
N ALA J 126 26.23 -3.37 -52.28
CA ALA J 126 26.72 -2.21 -53.01
C ALA J 126 27.13 -1.08 -52.06
N LEU J 127 26.57 -1.06 -50.86
CA LEU J 127 26.90 -0.05 -49.85
C LEU J 127 27.95 -0.54 -48.86
N GLU J 128 28.10 -1.86 -48.73
CA GLU J 128 29.09 -2.42 -47.82
C GLU J 128 30.51 -2.00 -48.20
N SER J 129 30.78 -1.83 -49.49
CA SER J 129 32.11 -1.41 -49.92
C SER J 129 32.43 0.00 -49.42
N VAL J 130 31.45 0.91 -49.54
CA VAL J 130 31.66 2.27 -49.05
C VAL J 130 31.86 2.27 -47.55
N ARG J 131 31.03 1.49 -46.83
CA ARG J 131 31.24 1.34 -45.39
C ARG J 131 32.65 0.84 -45.11
N LYS J 132 33.13 -0.12 -45.90
CA LYS J 132 34.43 -0.72 -45.66
C LYS J 132 35.55 0.29 -45.80
N LEU J 133 35.49 1.14 -46.83
CA LEU J 133 36.52 2.17 -46.99
C LEU J 133 36.48 3.17 -45.84
N ASN J 134 35.29 3.66 -45.51
CA ASN J 134 35.18 4.68 -44.47
C ASN J 134 35.65 4.16 -43.13
N ARG J 135 35.41 2.87 -42.85
CA ARG J 135 35.81 2.31 -41.56
C ARG J 135 37.32 2.44 -41.36
N ILE J 136 38.11 1.99 -42.34
CA ILE J 136 39.55 2.02 -42.17
C ILE J 136 40.04 3.46 -42.08
N LEU J 137 39.48 4.36 -42.89
CA LEU J 137 39.92 5.75 -42.78
C LEU J 137 39.71 6.28 -41.35
N TYR J 138 38.49 6.13 -40.84
CA TYR J 138 38.16 6.64 -39.52
C TYR J 138 39.07 6.05 -38.44
N GLU J 139 39.16 4.71 -38.41
CA GLU J 139 39.89 4.06 -37.33
C GLU J 139 41.39 4.38 -37.39
N GLY J 140 41.96 4.39 -38.60
CA GLY J 140 43.38 4.72 -38.70
C GLY J 140 43.69 6.10 -38.17
N MET J 141 42.91 7.11 -38.60
CA MET J 141 43.17 8.46 -38.11
C MET J 141 43.02 8.53 -36.59
N SER J 142 41.94 7.92 -36.08
CA SER J 142 41.65 7.99 -34.66
C SER J 142 42.78 7.39 -33.83
N ASP J 143 43.30 6.23 -34.26
CA ASP J 143 44.36 5.58 -33.50
C ASP J 143 45.67 6.35 -33.61
N ALA J 144 45.98 6.88 -34.79
CA ALA J 144 47.25 7.59 -34.96
C ALA J 144 47.33 8.79 -34.02
N ILE J 145 46.29 9.61 -33.97
CA ILE J 145 46.36 10.81 -33.14
C ILE J 145 46.53 10.43 -31.67
N HIS J 146 45.78 9.43 -31.22
CA HIS J 146 45.84 9.01 -29.83
C HIS J 146 47.23 8.50 -29.49
N ILE J 147 47.83 7.70 -30.37
CA ILE J 147 49.18 7.18 -30.10
C ILE J 147 50.17 8.34 -29.94
N ILE J 148 50.15 9.28 -30.89
CA ILE J 148 51.14 10.36 -30.85
C ILE J 148 50.99 11.17 -29.57
N PHE J 149 49.76 11.55 -29.24
CA PHE J 149 49.57 12.38 -28.05
C PHE J 149 49.89 11.61 -26.78
N SER J 150 49.56 10.33 -26.72
CA SER J 150 49.90 9.54 -25.54
C SER J 150 51.41 9.47 -25.34
N LEU J 151 52.15 9.30 -26.43
CA LEU J 151 53.60 9.15 -26.29
C LEU J 151 54.26 10.46 -25.89
N PHE J 152 53.91 11.56 -26.56
CA PHE J 152 54.68 12.79 -26.38
C PHE J 152 54.07 13.77 -25.38
N LEU J 153 52.87 13.52 -24.86
CA LEU J 153 52.31 14.34 -23.80
C LEU J 153 51.89 13.56 -22.57
N GLY J 154 51.43 12.32 -22.72
CA GLY J 154 51.10 11.52 -21.55
C GLY J 154 52.30 11.28 -20.66
N PHE J 155 53.50 11.28 -21.26
CA PHE J 155 54.72 11.05 -20.50
C PHE J 155 54.90 12.07 -19.39
N LEU J 156 54.59 13.34 -19.68
CA LEU J 156 54.66 14.39 -18.66
C LEU J 156 53.48 14.32 -17.69
N ALA J 157 52.30 13.98 -18.19
CA ALA J 157 51.11 13.92 -17.34
C ALA J 157 51.29 12.88 -16.24
N ALA J 158 51.87 11.72 -16.59
CA ALA J 158 52.07 10.68 -15.59
C ALA J 158 52.92 11.17 -14.43
N ILE J 159 54.07 11.78 -14.74
CA ILE J 159 54.96 12.29 -13.69
C ILE J 159 54.24 13.32 -12.84
N THR J 160 53.61 14.29 -13.50
CA THR J 160 53.00 15.40 -12.76
C THR J 160 51.89 14.91 -11.84
N VAL J 161 51.05 13.99 -12.33
CA VAL J 161 49.97 13.49 -11.50
C VAL J 161 50.50 12.62 -10.38
N GLY J 162 51.57 11.85 -10.63
CA GLY J 162 52.14 11.01 -9.60
C GLY J 162 52.60 11.81 -8.40
N PHE J 163 53.24 12.96 -8.64
CA PHE J 163 53.71 13.78 -7.52
C PHE J 163 52.56 14.17 -6.58
N PHE J 164 51.50 14.76 -7.15
CA PHE J 164 50.38 15.22 -6.34
C PHE J 164 49.64 14.05 -5.70
N MET J 165 49.56 12.91 -6.38
CA MET J 165 48.89 11.75 -5.78
C MET J 165 49.65 11.23 -4.57
N GLY J 166 50.99 11.22 -4.64
CA GLY J 166 51.76 10.85 -3.46
C GLY J 166 51.47 11.77 -2.28
N MET J 167 51.50 13.08 -2.53
CA MET J 167 51.18 13.99 -1.42
C MET J 167 49.77 13.75 -0.89
N ALA J 168 48.82 13.50 -1.79
CA ALA J 168 47.44 13.27 -1.36
C ALA J 168 47.33 12.05 -0.47
N ARG J 169 48.01 10.96 -0.83
CA ARG J 169 47.98 9.77 0.01
C ARG J 169 48.55 10.07 1.39
N PHE J 170 49.68 10.78 1.45
CA PHE J 170 50.25 11.08 2.75
C PHE J 170 49.27 11.87 3.62
N MET J 171 48.66 12.90 3.04
CA MET J 171 47.74 13.72 3.82
C MET J 171 46.53 12.92 4.28
N TYR J 172 45.98 12.08 3.41
CA TYR J 172 44.84 11.26 3.81
C TYR J 172 45.18 10.40 5.00
N THR J 173 46.35 9.75 4.99
CA THR J 173 46.67 8.85 6.09
C THR J 173 46.95 9.62 7.39
N TYR J 174 47.77 10.66 7.31
CA TYR J 174 48.34 11.24 8.53
C TYR J 174 47.68 12.53 9.00
N MET J 175 46.61 13.00 8.33
CA MET J 175 45.95 14.18 8.87
C MET J 175 44.43 14.04 8.98
N ALA J 176 43.79 13.38 8.03
CA ALA J 176 42.33 13.34 8.03
C ALA J 176 41.79 12.32 9.03
N GLY J 177 42.40 11.14 9.08
CA GLY J 177 41.90 10.06 9.90
C GLY J 177 41.90 10.38 11.39
N PRO J 178 43.02 10.88 11.91
CA PRO J 178 43.04 11.30 13.32
C PRO J 178 42.02 12.37 13.64
N PHE J 179 41.85 13.35 12.75
CA PHE J 179 40.86 14.40 12.97
C PHE J 179 39.46 13.80 13.08
N ASN J 180 39.13 12.87 12.17
CA ASN J 180 37.81 12.27 12.20
C ASN J 180 37.60 11.42 13.45
N GLN J 181 38.62 10.67 13.87
CA GLN J 181 38.46 9.85 15.06
C GLN J 181 38.26 10.71 16.31
N LEU J 182 39.03 11.80 16.43
CA LEU J 182 38.85 12.69 17.57
C LEU J 182 37.47 13.33 17.55
N MET J 183 36.98 13.70 16.36
CA MET J 183 35.62 14.24 16.28
C MET J 183 34.59 13.20 16.70
N PHE J 184 34.80 11.93 16.32
CA PHE J 184 33.89 10.88 16.75
C PHE J 184 33.85 10.79 18.27
N LEU J 185 35.01 10.82 18.91
CA LEU J 185 35.01 10.75 20.37
C LEU J 185 34.29 11.94 20.97
N LEU J 186 34.51 13.14 20.44
CA LEU J 186 33.84 14.31 21.00
C LEU J 186 32.33 14.25 20.82
N ILE J 187 31.85 13.69 19.71
CA ILE J 187 30.40 13.62 19.48
C ILE J 187 29.77 12.54 20.35
N ALA J 188 30.39 11.36 20.41
CA ALA J 188 29.74 10.22 21.05
C ALA J 188 29.56 10.40 22.55
N SER J 189 30.20 11.41 23.15
CA SER J 189 30.08 11.62 24.59
C SER J 189 28.90 12.53 24.95
N LEU J 190 28.32 13.24 23.99
CA LEU J 190 27.22 14.16 24.25
C LEU J 190 25.87 13.62 23.78
N ALA J 191 25.85 12.79 22.74
CA ALA J 191 24.59 12.41 22.09
C ALA J 191 23.61 11.70 23.02
N PRO J 192 24.03 10.75 23.87
CA PRO J 192 23.03 9.97 24.63
C PRO J 192 22.08 10.82 25.45
N SER J 193 22.58 11.87 26.10
CA SER J 193 21.73 12.69 26.95
C SER J 193 20.68 13.43 26.13
N TRP J 194 21.07 13.97 24.99
CA TRP J 194 20.09 14.64 24.13
C TRP J 194 19.04 13.66 23.63
N ARG J 195 19.47 12.45 23.26
CA ARG J 195 18.51 11.44 22.83
C ARG J 195 17.48 11.17 23.91
N ALA J 196 17.96 10.87 25.13
CA ALA J 196 17.06 10.54 26.22
C ALA J 196 16.12 11.71 26.53
N PHE J 197 16.67 12.92 26.59
CA PHE J 197 15.87 14.08 26.95
C PHE J 197 14.77 14.33 25.94
N PHE J 198 15.09 14.26 24.64
CA PHE J 198 14.07 14.50 23.64
C PHE J 198 13.01 13.41 23.66
N ARG J 199 13.42 12.15 23.75
CA ARG J 199 12.47 11.05 23.66
C ARG J 199 11.51 11.06 24.85
N ALA J 200 12.04 11.32 26.06
CA ALA J 200 11.19 11.30 27.24
C ALA J 200 10.05 12.30 27.13
N GLY J 201 10.27 13.40 26.40
CA GLY J 201 9.24 14.41 26.26
C GLY J 201 8.35 14.23 25.05
N MET J 202 8.84 13.58 24.00
CA MET J 202 8.09 13.52 22.75
C MET J 202 7.43 12.16 22.47
N ASP J 203 7.86 11.08 23.12
CA ASP J 203 7.32 9.77 22.76
C ASP J 203 5.83 9.61 22.98
N PRO J 204 5.23 10.06 24.09
CA PRO J 204 3.80 9.82 24.29
C PRO J 204 2.93 10.26 23.12
N ILE J 205 3.34 11.31 22.42
CA ILE J 205 2.54 11.85 21.32
C ILE J 205 2.40 10.83 20.21
N PHE J 206 3.38 9.94 20.05
CA PHE J 206 3.30 8.90 19.03
C PHE J 206 2.83 7.56 19.56
N GLU J 207 2.89 7.36 20.88
CA GLU J 207 2.21 6.20 21.47
C GLU J 207 0.70 6.36 21.37
N SER J 208 0.19 7.57 21.61
CA SER J 208 -1.23 7.82 21.45
C SER J 208 -1.66 7.63 19.99
N GLY J 209 -0.86 8.15 19.06
CA GLY J 209 -1.21 8.03 17.66
C GLY J 209 -1.16 6.62 17.13
N SER J 210 -0.55 5.70 17.88
CA SER J 210 -0.44 4.32 17.44
C SER J 210 -1.77 3.59 17.46
N LEU J 211 -2.75 4.07 18.23
CA LEU J 211 -4.01 3.37 18.39
C LEU J 211 -4.87 3.41 17.13
N ALA J 212 -4.51 4.22 16.14
CA ALA J 212 -5.33 4.35 14.95
C ALA J 212 -5.27 3.12 14.06
N LEU J 213 -4.20 2.33 14.14
CA LEU J 213 -4.05 1.16 13.30
C LEU J 213 -4.40 -0.14 14.00
N SER J 214 -4.94 -0.07 15.21
CA SER J 214 -5.63 -1.21 15.77
C SER J 214 -6.99 -1.35 15.11
N ASN J 215 -7.67 -2.45 15.40
CA ASN J 215 -9.06 -2.62 14.99
C ASN J 215 -9.21 -2.57 13.48
N ILE J 216 -8.34 -3.29 12.76
CA ILE J 216 -8.56 -3.54 11.34
C ILE J 216 -9.29 -4.87 11.19
N GLN J 217 -10.27 -4.92 10.29
CA GLN J 217 -11.10 -6.10 10.12
C GLN J 217 -11.45 -6.25 8.65
N VAL J 218 -11.24 -7.44 8.10
CA VAL J 218 -11.35 -7.69 6.67
C VAL J 218 -12.23 -8.91 6.42
N ARG J 219 -13.11 -8.82 5.42
CA ARG J 219 -13.89 -9.95 4.91
C ARG J 219 -13.55 -10.13 3.44
N LEU J 220 -13.22 -11.35 3.04
CA LEU J 220 -12.68 -11.63 1.72
C LEU J 220 -13.31 -12.88 1.12
N GLY J 221 -13.57 -12.83 -0.18
CA GLY J 221 -14.08 -13.97 -0.91
C GLY J 221 -13.41 -14.11 -2.26
N MET J 222 -13.21 -15.35 -2.70
CA MET J 222 -12.33 -15.64 -3.82
C MET J 222 -12.92 -16.66 -4.78
N GLU J 223 -12.58 -16.51 -6.07
CA GLU J 223 -12.82 -17.50 -7.11
C GLU J 223 -11.52 -17.71 -7.88
N GLY J 224 -11.29 -18.93 -8.37
CA GLY J 224 -10.06 -19.17 -9.11
C GLY J 224 -10.06 -20.37 -10.05
N LYS J 225 -9.35 -20.23 -11.17
CA LYS J 225 -9.05 -21.31 -12.09
C LYS J 225 -7.55 -21.34 -12.34
N ALA J 226 -7.00 -22.54 -12.55
CA ALA J 226 -5.58 -22.69 -12.78
C ALA J 226 -5.30 -23.83 -13.74
N ARG J 227 -4.26 -23.65 -14.56
CA ARG J 227 -3.75 -24.67 -15.46
C ARG J 227 -2.23 -24.71 -15.32
N HIS J 228 -1.64 -25.90 -15.42
CA HIS J 228 -0.20 -26.03 -15.24
C HIS J 228 0.34 -27.19 -16.05
N LYS J 229 1.65 -27.14 -16.30
CA LYS J 229 2.37 -28.13 -17.07
C LYS J 229 3.73 -28.43 -16.45
N GLU J 230 4.22 -29.64 -16.69
CA GLU J 230 5.62 -29.97 -16.46
C GLU J 230 6.32 -30.02 -17.81
N LEU J 231 7.46 -29.36 -17.91
CA LEU J 231 8.23 -29.37 -19.15
C LEU J 231 9.25 -30.51 -19.12
N GLU K 79 -1.76 -16.24 -38.10
CA GLU K 79 -0.30 -16.08 -38.37
C GLU K 79 0.36 -15.09 -37.41
N ALA K 80 0.07 -13.80 -37.60
CA ALA K 80 0.82 -12.77 -36.89
C ALA K 80 0.65 -12.89 -35.38
N GLU K 81 -0.59 -13.01 -34.90
CA GLU K 81 -0.83 -13.06 -33.47
C GLU K 81 -0.16 -14.27 -32.83
N GLU K 82 -0.09 -15.39 -33.57
CA GLU K 82 0.54 -16.59 -33.02
C GLU K 82 2.04 -16.36 -32.80
N LYS K 83 2.73 -15.79 -33.78
CA LYS K 83 4.15 -15.51 -33.60
C LYS K 83 4.35 -14.46 -32.50
N TYR K 84 3.46 -13.47 -32.42
CA TYR K 84 3.56 -12.49 -31.34
C TYR K 84 3.47 -13.15 -29.98
N ILE K 85 2.50 -14.05 -29.80
CA ILE K 85 2.33 -14.72 -28.52
C ILE K 85 3.52 -15.63 -28.22
N GLU K 86 4.04 -16.30 -29.26
CA GLU K 86 5.21 -17.14 -29.06
C GLU K 86 6.40 -16.30 -28.58
N ARG K 87 6.54 -15.09 -29.12
CA ARG K 87 7.62 -14.22 -28.67
C ARG K 87 7.39 -13.71 -27.26
N GLN K 88 6.13 -13.49 -26.88
CA GLN K 88 5.86 -12.96 -25.55
C GLN K 88 6.10 -13.99 -24.46
N LEU K 89 5.93 -15.27 -24.76
CA LEU K 89 5.98 -16.32 -23.74
C LEU K 89 7.39 -16.79 -23.42
N LYS K 90 8.42 -16.29 -24.13
CA LYS K 90 9.78 -16.74 -23.87
C LYS K 90 10.31 -16.17 -22.57
N TYR K 91 10.07 -14.89 -22.32
CA TYR K 91 10.63 -14.20 -21.17
C TYR K 91 9.58 -13.23 -20.65
N LEU K 92 9.28 -13.32 -19.35
CA LEU K 92 8.20 -12.55 -18.74
C LEU K 92 8.68 -11.50 -17.75
N GLY K 93 9.98 -11.24 -17.69
CA GLY K 93 10.54 -10.37 -16.68
C GLY K 93 10.67 -8.92 -17.12
N PRO K 94 11.31 -8.11 -16.27
CA PRO K 94 11.48 -6.68 -16.60
C PRO K 94 12.35 -6.47 -17.83
N ILE K 95 12.09 -5.36 -18.53
CA ILE K 95 12.78 -5.05 -19.78
C ILE K 95 13.27 -3.61 -19.86
N SER K 96 13.17 -2.83 -18.78
CA SER K 96 13.50 -1.42 -18.87
C SER K 96 15.00 -1.21 -19.08
N GLN K 97 15.35 -0.02 -19.58
CA GLN K 97 16.74 0.32 -19.91
C GLN K 97 17.19 1.59 -19.20
N VAL K 98 16.57 1.94 -18.07
CA VAL K 98 16.88 3.20 -17.40
C VAL K 98 18.27 3.24 -16.79
N SER K 99 18.94 2.09 -16.69
CA SER K 99 20.27 2.06 -16.06
C SER K 99 21.36 2.60 -16.95
N ASP K 100 21.05 2.96 -18.21
CA ASP K 100 22.03 3.48 -19.16
C ASP K 100 21.56 4.85 -19.63
N ALA K 101 22.38 5.87 -19.43
CA ALA K 101 22.02 7.24 -19.74
C ALA K 101 22.65 7.76 -21.03
N TYR K 102 23.38 6.93 -21.75
CA TYR K 102 24.17 7.36 -22.91
C TYR K 102 23.85 6.52 -24.15
N ARG K 103 22.57 6.38 -24.48
CA ARG K 103 22.12 5.51 -25.55
C ARG K 103 21.43 6.31 -26.64
N LEU K 104 21.44 5.75 -27.86
CA LEU K 104 20.75 6.34 -29.00
C LEU K 104 19.38 5.70 -29.19
N ASP K 105 18.57 6.32 -30.05
CA ASP K 105 17.21 5.90 -30.31
C ASP K 105 17.03 5.23 -31.66
N THR K 106 18.13 4.84 -32.32
CA THR K 106 18.05 4.40 -33.71
C THR K 106 17.26 3.10 -33.85
N THR K 107 17.21 2.27 -32.79
CA THR K 107 16.65 0.93 -32.94
C THR K 107 15.14 0.95 -33.18
N THR K 108 14.46 2.05 -32.86
CA THR K 108 13.00 2.09 -32.99
C THR K 108 12.54 2.45 -34.39
N LEU K 109 13.39 3.01 -35.22
CA LEU K 109 12.97 3.54 -36.51
C LEU K 109 12.80 2.42 -37.53
N LYS K 110 11.93 2.67 -38.52
CA LYS K 110 11.63 1.69 -39.56
C LYS K 110 11.37 2.46 -40.86
N ILE K 111 12.33 2.39 -41.77
CA ILE K 111 12.25 3.10 -43.04
C ILE K 111 12.17 2.04 -44.13
N GLU K 112 10.94 1.76 -44.59
CA GLU K 112 10.72 0.81 -45.66
C GLU K 112 9.36 1.11 -46.26
N PHE K 113 9.17 0.68 -47.51
CA PHE K 113 7.97 1.10 -48.24
C PHE K 113 6.70 0.67 -47.53
N ASP K 114 6.67 -0.57 -47.02
CA ASP K 114 5.47 -1.04 -46.33
C ASP K 114 5.20 -0.25 -45.06
N ASP K 115 6.21 0.42 -44.50
CA ASP K 115 6.03 1.23 -43.31
C ASP K 115 5.92 2.72 -43.62
N SER K 116 6.59 3.19 -44.68
CA SER K 116 6.51 4.60 -45.05
C SER K 116 5.18 4.96 -45.69
N PHE K 117 4.53 3.99 -46.35
CA PHE K 117 3.29 4.22 -47.07
C PHE K 117 2.26 3.21 -46.58
N PRO K 118 1.71 3.43 -45.38
CA PRO K 118 0.83 2.41 -44.79
C PRO K 118 -0.50 2.31 -45.51
N GLU K 119 -1.15 1.17 -45.33
CA GLU K 119 -2.41 0.84 -45.97
C GLU K 119 -3.45 0.54 -44.90
N VAL K 120 -4.67 1.01 -45.12
CA VAL K 120 -5.70 0.88 -44.09
C VAL K 120 -6.38 -0.48 -44.12
N SER K 121 -6.41 -1.14 -45.28
CA SER K 121 -6.99 -2.47 -45.39
C SER K 121 -6.32 -3.22 -46.53
N LYS K 122 -6.48 -4.54 -46.53
CA LYS K 122 -5.72 -5.39 -47.44
C LYS K 122 -6.01 -5.00 -48.89
N PRO K 123 -4.98 -4.76 -49.70
CA PRO K 123 -5.21 -4.54 -51.14
C PRO K 123 -5.71 -5.79 -51.84
N GLY K 124 -6.44 -5.57 -52.93
CA GLY K 124 -6.77 -6.63 -53.85
C GLY K 124 -5.73 -6.70 -54.95
N PRO K 125 -5.81 -7.73 -55.80
CA PRO K 125 -4.82 -7.86 -56.87
C PRO K 125 -4.81 -6.71 -57.86
N ALA K 126 -5.91 -5.97 -57.99
CA ALA K 126 -5.92 -4.84 -58.91
C ALA K 126 -5.10 -3.66 -58.37
N LEU K 127 -4.93 -3.58 -57.06
CA LEU K 127 -4.15 -2.52 -56.43
C LEU K 127 -2.71 -2.95 -56.15
N GLU K 128 -2.47 -4.25 -56.06
CA GLU K 128 -1.13 -4.76 -55.81
C GLU K 128 -0.16 -4.34 -56.90
N SER K 129 -0.64 -4.25 -58.15
CA SER K 129 0.24 -3.84 -59.25
C SER K 129 0.74 -2.40 -59.06
N VAL K 130 -0.17 -1.50 -58.68
CA VAL K 130 0.21 -0.11 -58.43
C VAL K 130 1.20 -0.05 -57.27
N ARG K 131 0.90 -0.79 -56.19
CA ARG K 131 1.86 -0.87 -55.09
C ARG K 131 3.22 -1.34 -55.58
N LYS K 132 3.23 -2.33 -56.47
CA LYS K 132 4.47 -2.92 -56.94
C LYS K 132 5.31 -1.90 -57.71
N LEU K 133 4.67 -1.11 -58.57
CA LEU K 133 5.41 -0.09 -59.31
C LEU K 133 5.97 0.97 -58.35
N ASN K 134 5.12 1.48 -57.46
CA ASN K 134 5.56 2.55 -56.57
C ASN K 134 6.70 2.10 -55.67
N ARG K 135 6.68 0.82 -55.25
CA ARG K 135 7.74 0.34 -54.37
C ARG K 135 9.10 0.50 -55.01
N ILE K 136 9.26 -0.01 -56.24
CA ILE K 136 10.57 0.04 -56.87
C ILE K 136 10.97 1.48 -57.12
N LEU K 137 10.04 2.34 -57.55
CA LEU K 137 10.43 3.74 -57.74
C LEU K 137 11.01 4.33 -56.46
N TYR K 138 10.26 4.21 -55.36
CA TYR K 138 10.68 4.80 -54.09
C TYR K 138 12.03 4.26 -53.65
N GLU K 139 12.16 2.93 -53.61
CA GLU K 139 13.39 2.33 -53.07
C GLU K 139 14.60 2.65 -53.95
N GLY K 140 14.45 2.61 -55.27
CA GLY K 140 15.57 2.93 -56.13
C GLY K 140 16.06 4.34 -55.91
N MET K 141 15.16 5.33 -55.89
CA MET K 141 15.59 6.70 -55.67
C MET K 141 16.28 6.85 -54.32
N SER K 142 15.67 6.27 -53.28
CA SER K 142 16.18 6.41 -51.93
C SER K 142 17.59 5.86 -51.82
N ASP K 143 17.84 4.69 -52.43
CA ASP K 143 19.16 4.09 -52.31
C ASP K 143 20.19 4.84 -53.15
N ALA K 144 19.79 5.33 -54.34
CA ALA K 144 20.75 6.03 -55.19
C ALA K 144 21.28 7.28 -54.49
N ILE K 145 20.40 8.09 -53.92
CA ILE K 145 20.87 9.34 -53.31
C ILE K 145 21.81 9.03 -52.16
N HIS K 146 21.44 8.06 -51.32
CA HIS K 146 22.26 7.71 -50.17
C HIS K 146 23.64 7.23 -50.61
N ILE K 147 23.70 6.39 -51.65
CA ILE K 147 24.99 5.89 -52.12
C ILE K 147 25.87 7.06 -52.57
N ILE K 148 25.31 7.96 -53.39
CA ILE K 148 26.14 9.04 -53.93
C ILE K 148 26.67 9.91 -52.81
N PHE K 149 25.80 10.31 -51.88
CA PHE K 149 26.24 11.20 -50.81
C PHE K 149 27.24 10.50 -49.88
N SER K 150 27.03 9.21 -49.61
CA SER K 150 27.97 8.49 -48.76
C SER K 150 29.35 8.44 -49.41
N LEU K 151 29.40 8.21 -50.71
CA LEU K 151 30.70 8.07 -51.37
C LEU K 151 31.42 9.41 -51.45
N PHE K 152 30.72 10.47 -51.87
CA PHE K 152 31.43 11.71 -52.18
C PHE K 152 31.45 12.74 -51.05
N LEU K 153 30.70 12.52 -49.98
CA LEU K 153 30.78 13.40 -48.82
C LEU K 153 31.12 12.68 -47.52
N GLY K 154 30.72 11.42 -47.36
CA GLY K 154 31.11 10.68 -46.17
C GLY K 154 32.62 10.50 -46.08
N PHE K 155 33.29 10.42 -47.22
CA PHE K 155 34.73 10.24 -47.22
C PHE K 155 35.45 11.37 -46.46
N LEU K 156 34.92 12.60 -46.54
CA LEU K 156 35.48 13.71 -45.75
C LEU K 156 35.03 13.69 -44.29
N ALA K 157 33.77 13.34 -44.04
CA ALA K 157 33.25 13.31 -42.68
C ALA K 157 34.03 12.34 -41.83
N ALA K 158 34.37 11.17 -42.39
CA ALA K 158 35.11 10.17 -41.62
C ALA K 158 36.44 10.73 -41.12
N ILE K 159 37.22 11.33 -42.03
CA ILE K 159 38.52 11.90 -41.65
C ILE K 159 38.33 12.97 -40.57
N THR K 160 37.41 13.91 -40.83
CA THR K 160 37.26 15.04 -39.93
C THR K 160 36.84 14.60 -38.53
N VAL K 161 35.90 13.65 -38.45
CA VAL K 161 35.45 13.18 -37.15
C VAL K 161 36.53 12.36 -36.46
N GLY K 162 37.32 11.60 -37.23
CA GLY K 162 38.39 10.82 -36.62
C GLY K 162 39.40 11.69 -35.89
N PHE K 163 39.76 12.82 -36.49
CA PHE K 163 40.73 13.70 -35.83
C PHE K 163 40.25 14.14 -34.44
N PHE K 164 39.04 14.70 -34.38
CA PHE K 164 38.52 15.18 -33.11
C PHE K 164 38.28 14.05 -32.12
N MET K 165 37.88 12.87 -32.60
CA MET K 165 37.68 11.75 -31.69
C MET K 165 38.99 11.29 -31.07
N GLY K 166 40.08 11.29 -31.84
CA GLY K 166 41.37 10.98 -31.25
C GLY K 166 41.74 11.96 -30.14
N MET K 167 41.58 13.26 -30.41
CA MET K 167 41.87 14.22 -29.35
C MET K 167 40.98 14.00 -28.13
N ALA K 168 39.70 13.68 -28.36
CA ALA K 168 38.78 13.48 -27.25
C ALA K 168 39.20 12.30 -26.39
N ARG K 169 39.61 11.20 -27.00
CA ARG K 169 40.08 10.06 -26.23
C ARG K 169 41.30 10.44 -25.39
N PHE K 170 42.26 11.16 -25.99
CA PHE K 170 43.44 11.52 -25.22
C PHE K 170 43.05 12.35 -23.99
N MET K 171 42.18 13.35 -24.19
CA MET K 171 41.80 14.20 -23.07
C MET K 171 41.06 13.41 -21.99
N TYR K 172 40.15 12.53 -22.40
CA TYR K 172 39.43 11.73 -21.41
C TYR K 172 40.39 10.93 -20.55
N THR K 173 41.39 10.29 -21.17
CA THR K 173 42.28 9.45 -20.37
C THR K 173 43.18 10.29 -19.48
N TYR K 174 43.81 11.33 -20.02
CA TYR K 174 44.93 11.96 -19.32
C TYR K 174 44.57 13.27 -18.61
N MET K 175 43.31 13.72 -18.64
CA MET K 175 43.00 14.93 -17.89
C MET K 175 41.79 14.81 -16.98
N ALA K 176 40.76 14.07 -17.38
CA ALA K 176 39.53 14.02 -16.60
C ALA K 176 39.65 13.05 -15.43
N GLY K 177 40.22 11.88 -15.66
CA GLY K 177 40.28 10.84 -14.66
C GLY K 177 41.06 11.23 -13.42
N PRO K 178 42.26 11.76 -13.61
CA PRO K 178 43.03 12.25 -12.45
C PRO K 178 42.30 13.34 -11.68
N PHE K 179 41.65 14.27 -12.38
CA PHE K 179 40.90 15.32 -11.70
C PHE K 179 39.80 14.71 -10.83
N ASN K 180 39.07 13.75 -11.37
CA ASN K 180 37.99 13.13 -10.62
C ASN K 180 38.52 12.36 -9.41
N GLN K 181 39.62 11.63 -9.58
CA GLN K 181 40.17 10.87 -8.45
C GLN K 181 40.64 11.80 -7.33
N LEU K 182 41.31 12.90 -7.70
CA LEU K 182 41.73 13.85 -6.68
C LEU K 182 40.53 14.47 -5.97
N MET K 183 39.47 14.78 -6.73
CA MET K 183 38.26 15.29 -6.09
C MET K 183 37.66 14.28 -5.14
N PHE K 184 37.68 13.00 -5.50
CA PHE K 184 37.18 11.97 -4.61
C PHE K 184 37.97 11.96 -3.31
N LEU K 185 39.29 12.04 -3.41
CA LEU K 185 40.10 12.04 -2.18
C LEU K 185 39.78 13.26 -1.33
N LEU K 186 39.59 14.42 -1.94
CA LEU K 186 39.30 15.61 -1.15
C LEU K 186 37.93 15.54 -0.49
N ILE K 187 36.96 14.92 -1.14
CA ILE K 187 35.62 14.83 -0.55
C ILE K 187 35.59 13.79 0.56
N ALA K 188 36.18 12.61 0.33
CA ALA K 188 36.03 11.50 1.26
C ALA K 188 36.67 11.77 2.61
N SER K 189 37.50 12.81 2.73
CA SER K 189 38.15 13.09 4.00
C SER K 189 37.34 14.01 4.90
N LEU K 190 36.30 14.67 4.37
CA LEU K 190 35.47 15.58 5.15
C LEU K 190 34.11 15.01 5.51
N ALA K 191 33.56 14.15 4.66
CA ALA K 191 32.17 13.72 4.83
C ALA K 191 31.86 13.04 6.16
N PRO K 192 32.70 12.15 6.69
CA PRO K 192 32.29 11.40 7.90
C PRO K 192 31.91 12.28 9.07
N SER K 193 32.65 13.37 9.29
CA SER K 193 32.36 14.24 10.44
C SER K 193 31.01 14.91 10.29
N TRP K 194 30.69 15.40 9.09
CA TRP K 194 29.40 16.02 8.86
C TRP K 194 28.28 15.01 9.06
N ARG K 195 28.48 13.78 8.56
CA ARG K 195 27.47 12.74 8.76
C ARG K 195 27.21 12.52 10.24
N ALA K 196 28.26 12.30 11.02
CA ALA K 196 28.10 12.01 12.44
C ALA K 196 27.45 13.20 13.15
N PHE K 197 27.90 14.41 12.86
CA PHE K 197 27.38 15.59 13.54
C PHE K 197 25.90 15.78 13.28
N PHE K 198 25.48 15.64 12.03
CA PHE K 198 24.06 15.82 11.72
C PHE K 198 23.22 14.73 12.36
N ARG K 199 23.66 13.46 12.25
CA ARG K 199 22.85 12.37 12.75
C ARG K 199 22.69 12.44 14.26
N ALA K 200 23.77 12.76 14.97
CA ALA K 200 23.69 12.79 16.43
C ALA K 200 22.64 13.78 16.91
N GLY K 201 22.38 14.83 16.15
CA GLY K 201 21.42 15.84 16.54
C GLY K 201 20.02 15.58 16.02
N MET K 202 19.90 14.88 14.89
CA MET K 202 18.59 14.74 14.24
C MET K 202 17.93 13.38 14.44
N ASP K 203 18.67 12.34 14.77
CA ASP K 203 18.09 11.00 14.81
C ASP K 203 16.94 10.85 15.80
N PRO K 204 17.01 11.36 17.04
CA PRO K 204 15.92 11.11 18.00
C PRO K 204 14.56 11.49 17.45
N ILE K 205 14.49 12.51 16.60
CA ILE K 205 13.20 12.98 16.09
C ILE K 205 12.52 11.89 15.26
N PHE K 206 13.29 11.00 14.65
CA PHE K 206 12.71 9.91 13.87
C PHE K 206 12.65 8.59 14.63
N GLU K 207 13.41 8.46 15.72
CA GLU K 207 13.19 7.34 16.63
C GLU K 207 11.86 7.48 17.36
N SER K 208 11.52 8.71 17.77
CA SER K 208 10.22 8.92 18.39
C SER K 208 9.08 8.67 17.41
N GLY K 209 9.23 9.14 16.17
CA GLY K 209 8.18 8.95 15.19
C GLY K 209 7.99 7.51 14.77
N SER K 210 8.95 6.65 15.09
CA SER K 210 8.85 5.23 14.72
C SER K 210 7.77 4.50 15.49
N LEU K 211 7.35 5.01 16.65
CA LEU K 211 6.39 4.31 17.49
C LEU K 211 4.99 4.27 16.89
N ALA K 212 4.73 5.03 15.82
CA ALA K 212 3.38 5.10 15.26
C ALA K 212 3.00 3.82 14.53
N LEU K 213 3.97 3.05 14.05
CA LEU K 213 3.70 1.82 13.31
C LEU K 213 3.81 0.57 14.16
N SER K 214 4.02 0.70 15.45
CA SER K 214 3.78 -0.41 16.35
C SER K 214 2.28 -0.59 16.54
N ASN K 215 1.90 -1.68 17.19
CA ASN K 215 0.52 -1.88 17.59
C ASN K 215 -0.43 -1.91 16.40
N ILE K 216 -0.06 -2.66 15.36
CA ILE K 216 -1.00 -2.99 14.29
C ILE K 216 -1.64 -4.33 14.62
N GLN K 217 -2.95 -4.43 14.38
CA GLN K 217 -3.71 -5.63 14.75
C GLN K 217 -4.78 -5.85 13.70
N VAL K 218 -4.87 -7.08 13.18
CA VAL K 218 -5.73 -7.40 12.05
C VAL K 218 -6.56 -8.64 12.36
N ARG K 219 -7.83 -8.61 11.98
CA ARG K 219 -8.73 -9.76 12.02
C ARG K 219 -9.22 -10.02 10.60
N LEU K 220 -9.12 -11.27 10.14
CA LEU K 220 -9.37 -11.61 8.75
C LEU K 220 -10.19 -12.89 8.64
N GLY K 221 -11.10 -12.91 7.68
CA GLY K 221 -11.89 -14.10 7.39
C GLY K 221 -12.04 -14.29 5.89
N MET K 222 -12.08 -15.56 5.47
CA MET K 222 -11.92 -15.90 4.06
C MET K 222 -12.90 -16.98 3.62
N GLU K 223 -13.31 -16.89 2.35
CA GLU K 223 -14.04 -17.94 1.64
C GLU K 223 -13.35 -18.17 0.30
N GLY K 224 -13.36 -19.42 -0.18
CA GLY K 224 -12.71 -19.70 -1.46
C GLY K 224 -13.17 -20.94 -2.20
N LYS K 225 -13.20 -20.85 -3.52
CA LYS K 225 -13.41 -21.98 -4.42
C LYS K 225 -12.28 -22.01 -5.44
N ALA K 226 -11.90 -23.22 -5.86
CA ALA K 226 -10.81 -23.37 -6.81
C ALA K 226 -11.05 -24.56 -7.72
N ARG K 227 -10.62 -24.42 -8.98
CA ARG K 227 -10.64 -25.49 -9.97
C ARG K 227 -9.28 -25.51 -10.67
N HIS K 228 -8.81 -26.71 -11.03
CA HIS K 228 -7.49 -26.81 -11.65
C HIS K 228 -7.43 -28.00 -12.59
N LYS K 229 -6.46 -27.95 -13.49
CA LYS K 229 -6.24 -28.98 -14.51
C LYS K 229 -4.76 -29.23 -14.70
N GLU K 230 -4.42 -30.46 -15.09
CA GLU K 230 -3.11 -30.77 -15.64
C GLU K 230 -3.24 -30.88 -17.15
N LEU K 231 -2.36 -30.20 -17.88
CA LEU K 231 -2.37 -30.29 -19.34
C LEU K 231 -1.47 -31.42 -19.82
#